data_3EX8
#
_entry.id   3EX8
#
_cell.length_a   87.078
_cell.length_b   108.367
_cell.length_c   187.394
_cell.angle_alpha   90.00
_cell.angle_beta   90.00
_cell.angle_gamma   90.00
#
_symmetry.space_group_name_H-M   'P 21 21 21'
#
loop_
_entity.id
_entity.type
_entity.pdbx_description
1 polymer 'Riboflavin biosynthesis protein ribD'
2 non-polymer 'ZINC ION'
3 non-polymer '[(2R,3S,4R,5E)-5-[(5-amino-2,6-dioxo-3H-pyrimidin-4-yl)imino]-2,3,4-trihydroxy-pentyl] dihydrogen phosphate'
4 water water
#
_entity_poly.entity_id   1
_entity_poly.type   'polypeptide(L)'
_entity_poly.pdbx_seq_one_letter_code
;MRGSHHHHHHGSMEEYYMKLALDLAKQGEGQTESNPLVGAVVVKDGQIVGMGAHLKYGEAHAEVHAIHMAGAHAEGADIY
VTLEPCSHYGKTPPCAELIINSGIKRVFVAMRDPNPLVAGRGISMMKEAGIEVREGILADQAERLNEKFLHFMRTGLPYV
TLKAAASLDGKIATSTGDSKWITSEAARQDAQQYRKTHQSILVGVGTVKADNPSLTCRLPNVTKQPVRVILDTVLSIPED
AKVICDQIAPTWIFTTARADEEKKKRLSAFGVNIFTLETERIQIPDVLKILAEEGIMSVYVEGGSAVHGSFVKEGCFQEI
IFYFAPKLIGGTHAPSLISGEGFQSMKDVPLLQFTDITQIGRDIKLTAKPTKE
;
_entity_poly.pdbx_strand_id   A,B,C,D
#
loop_
_chem_comp.id
_chem_comp.type
_chem_comp.name
_chem_comp.formula
AIF non-polymer '[(2R,3S,4R,5E)-5-[(5-amino-2,6-dioxo-3H-pyrimidin-4-yl)imino]-2,3,4-trihydroxy-pentyl] dihydrogen phosphate' 'C9 H15 N4 O9 P'
ZN non-polymer 'ZINC ION' 'Zn 2'
#
# COMPACT_ATOMS: atom_id res chain seq x y z
N MET A 13 -14.48 -0.18 20.75
CA MET A 13 -14.15 0.79 21.86
C MET A 13 -13.69 0.04 23.10
N GLU A 14 -14.23 -1.16 23.27
CA GLU A 14 -13.83 -1.99 24.38
C GLU A 14 -12.41 -2.38 23.98
N GLU A 15 -12.25 -2.75 22.70
CA GLU A 15 -10.96 -3.16 22.16
C GLU A 15 -9.94 -2.04 22.23
N TYR A 16 -10.41 -0.80 22.14
CA TYR A 16 -9.49 0.30 22.19
C TYR A 16 -8.77 0.28 23.51
N TYR A 17 -9.53 0.13 24.59
CA TYR A 17 -9.00 0.09 25.93
C TYR A 17 -8.11 -1.14 26.16
N MET A 18 -8.60 -2.32 25.79
CA MET A 18 -7.79 -3.53 25.94
C MET A 18 -6.47 -3.36 25.20
N LYS A 19 -6.51 -2.72 24.04
CA LYS A 19 -5.28 -2.49 23.28
C LYS A 19 -4.35 -1.51 24.02
N LEU A 20 -4.96 -0.50 24.66
CA LEU A 20 -4.16 0.45 25.42
C LEU A 20 -3.51 -0.35 26.52
N ALA A 21 -4.29 -1.28 27.08
CA ALA A 21 -3.82 -2.14 28.15
C ALA A 21 -2.64 -3.00 27.67
N LEU A 22 -2.79 -3.61 26.50
CA LEU A 22 -1.74 -4.44 25.93
C LEU A 22 -0.49 -3.60 25.65
N ASP A 23 -0.69 -2.34 25.28
CA ASP A 23 0.44 -1.48 24.99
C ASP A 23 1.12 -1.02 26.27
N LEU A 24 0.35 -0.90 27.35
CA LEU A 24 0.96 -0.50 28.61
C LEU A 24 1.79 -1.66 29.14
N ALA A 25 1.36 -2.88 28.83
CA ALA A 25 2.05 -4.07 29.26
C ALA A 25 3.45 -4.10 28.65
N LYS A 26 3.52 -3.80 27.35
CA LYS A 26 4.79 -3.81 26.62
C LYS A 26 5.88 -2.90 27.23
N GLN A 27 5.48 -1.88 28.00
CA GLN A 27 6.48 -0.98 28.60
C GLN A 27 7.31 -1.63 29.71
N GLY A 28 6.84 -2.75 30.24
CA GLY A 28 7.58 -3.41 31.29
C GLY A 28 8.40 -4.61 30.83
N GLU A 29 8.54 -4.78 29.52
CA GLU A 29 9.29 -5.92 28.98
C GLU A 29 10.73 -5.95 29.49
N GLY A 30 11.19 -7.13 29.89
CA GLY A 30 12.54 -7.28 30.39
C GLY A 30 12.82 -6.52 31.67
N GLN A 31 11.85 -6.50 32.57
CA GLN A 31 11.99 -5.79 33.85
C GLN A 31 11.21 -6.55 34.90
N THR A 32 10.52 -7.58 34.45
CA THR A 32 9.70 -8.39 35.32
C THR A 32 10.31 -9.75 35.64
N GLU A 33 11.48 -10.02 35.08
CA GLU A 33 12.17 -11.28 35.31
C GLU A 33 11.30 -12.47 34.90
N SER A 34 10.76 -13.16 35.91
CA SER A 34 9.93 -14.34 35.68
C SER A 34 8.42 -14.11 35.55
N ASN A 35 7.93 -12.94 35.97
CA ASN A 35 6.51 -12.65 35.89
C ASN A 35 6.10 -12.20 34.50
N PRO A 36 4.79 -12.14 34.23
CA PRO A 36 4.33 -11.70 32.92
C PRO A 36 4.11 -10.20 32.84
N LEU A 37 3.88 -9.73 31.62
CA LEU A 37 3.61 -8.33 31.36
C LEU A 37 2.10 -8.15 31.47
N VAL A 38 1.68 -7.22 32.31
CA VAL A 38 0.26 -6.99 32.48
C VAL A 38 -0.08 -5.49 32.35
N GLY A 39 -1.13 -5.19 31.60
CA GLY A 39 -1.56 -3.82 31.44
C GLY A 39 -2.93 -3.67 32.07
N ALA A 40 -3.25 -2.48 32.58
CA ALA A 40 -4.55 -2.23 33.23
C ALA A 40 -5.04 -0.80 33.05
N VAL A 41 -6.28 -0.63 32.59
CA VAL A 41 -6.81 0.72 32.42
C VAL A 41 -8.19 0.83 33.07
N VAL A 42 -8.31 1.82 33.93
CA VAL A 42 -9.55 2.07 34.65
C VAL A 42 -10.35 3.16 33.95
N VAL A 43 -11.50 2.78 33.42
CA VAL A 43 -12.38 3.69 32.71
C VAL A 43 -13.64 3.96 33.53
N LYS A 44 -14.05 5.23 33.61
CA LYS A 44 -15.26 5.56 34.35
C LYS A 44 -16.37 5.99 33.40
N ASP A 45 -16.67 7.29 33.37
CA ASP A 45 -17.71 7.79 32.49
C ASP A 45 -17.13 8.18 31.14
N GLY A 46 -16.61 7.19 30.43
CA GLY A 46 -16.03 7.45 29.13
C GLY A 46 -14.65 8.07 29.25
N GLN A 47 -14.14 8.11 30.47
CA GLN A 47 -12.82 8.69 30.69
C GLN A 47 -11.77 7.74 31.28
N ILE A 48 -10.58 7.78 30.70
CA ILE A 48 -9.47 6.97 31.17
C ILE A 48 -9.00 7.67 32.44
N VAL A 49 -9.16 6.99 33.57
CA VAL A 49 -8.78 7.59 34.83
C VAL A 49 -7.59 6.94 35.50
N GLY A 50 -7.19 5.80 34.97
CA GLY A 50 -6.05 5.11 35.52
C GLY A 50 -5.41 4.19 34.51
N MET A 51 -4.09 4.14 34.53
CA MET A 51 -3.33 3.28 33.63
C MET A 51 -2.23 2.64 34.45
N GLY A 52 -1.88 1.42 34.09
CA GLY A 52 -0.83 0.73 34.79
C GLY A 52 -0.28 -0.47 34.04
N ALA A 53 0.90 -0.89 34.45
CA ALA A 53 1.56 -2.05 33.86
C ALA A 53 2.54 -2.53 34.91
N HIS A 54 2.88 -3.81 34.84
CA HIS A 54 3.84 -4.37 35.77
C HIS A 54 5.22 -4.01 35.23
N LEU A 55 5.94 -3.18 35.97
CA LEU A 55 7.24 -2.69 35.56
C LEU A 55 8.47 -3.26 36.27
N LYS A 56 8.30 -3.73 37.50
CA LYS A 56 9.43 -4.25 38.25
C LYS A 56 9.16 -5.58 38.94
N TYR A 57 10.11 -6.50 38.82
CA TYR A 57 9.98 -7.81 39.45
C TYR A 57 9.68 -7.64 40.93
N GLY A 58 8.75 -8.42 41.45
CA GLY A 58 8.41 -8.33 42.86
C GLY A 58 7.81 -7.00 43.24
N GLU A 59 7.56 -6.14 42.25
CA GLU A 59 6.98 -4.87 42.60
C GLU A 59 5.54 -4.80 42.10
N ALA A 60 4.84 -3.73 42.50
CA ALA A 60 3.43 -3.54 42.17
C ALA A 60 3.00 -4.12 40.83
N HIS A 61 1.78 -4.65 40.82
CA HIS A 61 1.19 -5.23 39.63
C HIS A 61 0.46 -4.12 38.87
N ALA A 62 0.08 -4.41 37.64
CA ALA A 62 -0.62 -3.44 36.81
C ALA A 62 -1.83 -2.85 37.53
N GLU A 63 -2.73 -3.70 38.02
CA GLU A 63 -3.93 -3.23 38.71
C GLU A 63 -3.60 -2.36 39.89
N VAL A 64 -2.51 -2.67 40.58
CA VAL A 64 -2.12 -1.88 41.73
C VAL A 64 -1.86 -0.44 41.28
N HIS A 65 -1.12 -0.29 40.18
CA HIS A 65 -0.83 1.04 39.67
C HIS A 65 -2.05 1.75 39.12
N ALA A 66 -2.84 1.04 38.29
CA ALA A 66 -4.03 1.64 37.70
C ALA A 66 -5.06 2.10 38.73
N ILE A 67 -5.37 1.25 39.71
CA ILE A 67 -6.35 1.63 40.72
C ILE A 67 -5.86 2.82 41.53
N HIS A 68 -4.61 2.80 41.95
CA HIS A 68 -4.10 3.92 42.73
C HIS A 68 -4.28 5.21 41.96
N MET A 69 -3.93 5.20 40.68
CA MET A 69 -4.07 6.40 39.86
C MET A 69 -5.54 6.79 39.79
N ALA A 70 -6.40 5.81 39.53
CA ALA A 70 -7.83 6.02 39.40
C ALA A 70 -8.44 6.74 40.59
N GLY A 71 -7.83 6.57 41.75
CA GLY A 71 -8.35 7.22 42.93
C GLY A 71 -9.84 6.99 43.11
N ALA A 72 -10.52 8.00 43.65
CA ALA A 72 -11.95 7.94 43.92
C ALA A 72 -12.76 7.49 42.70
N HIS A 73 -12.27 7.87 41.52
CA HIS A 73 -12.93 7.52 40.26
C HIS A 73 -13.10 6.02 40.07
N ALA A 74 -12.39 5.21 40.87
CA ALA A 74 -12.50 3.77 40.77
C ALA A 74 -13.94 3.30 40.97
N GLU A 75 -14.68 4.01 41.82
CA GLU A 75 -16.09 3.73 42.12
C GLU A 75 -16.95 3.56 40.89
N GLY A 76 -17.68 2.46 40.80
CA GLY A 76 -18.53 2.23 39.64
C GLY A 76 -17.81 2.16 38.32
N ALA A 77 -16.49 2.36 38.34
CA ALA A 77 -15.69 2.31 37.13
C ALA A 77 -15.55 0.93 36.47
N ASP A 78 -14.88 0.92 35.33
CA ASP A 78 -14.59 -0.29 34.58
C ASP A 78 -13.06 -0.40 34.50
N ILE A 79 -12.54 -1.62 34.38
CA ILE A 79 -11.10 -1.76 34.27
C ILE A 79 -10.83 -2.87 33.31
N TYR A 80 -9.85 -2.65 32.43
CA TYR A 80 -9.46 -3.64 31.45
C TYR A 80 -8.09 -4.13 31.89
N VAL A 81 -7.94 -5.45 31.87
CA VAL A 81 -6.73 -6.13 32.31
C VAL A 81 -6.39 -7.20 31.28
N THR A 82 -5.12 -7.30 30.93
CA THR A 82 -4.69 -8.24 29.89
C THR A 82 -4.49 -9.66 30.35
N LEU A 83 -4.40 -9.87 31.65
CA LEU A 83 -4.22 -11.22 32.18
C LEU A 83 -5.05 -11.29 33.48
N GLU A 84 -5.72 -12.41 33.74
CA GLU A 84 -6.57 -12.57 34.92
C GLU A 84 -6.00 -12.04 36.21
N PRO A 85 -6.67 -11.07 36.84
CA PRO A 85 -6.14 -10.53 38.11
C PRO A 85 -5.86 -11.64 39.14
N CYS A 86 -4.66 -11.62 39.73
CA CYS A 86 -4.27 -12.63 40.69
C CYS A 86 -5.32 -12.72 41.79
N SER A 87 -5.40 -13.90 42.41
CA SER A 87 -6.37 -14.16 43.46
C SER A 87 -5.86 -14.90 44.69
N HIS A 88 -4.55 -15.09 44.81
CA HIS A 88 -4.02 -15.78 45.98
C HIS A 88 -3.68 -14.75 47.06
N TYR A 89 -3.76 -15.19 48.30
CA TYR A 89 -3.47 -14.33 49.45
C TYR A 89 -2.02 -14.43 49.90
N GLY A 90 -1.21 -13.47 49.44
CA GLY A 90 0.19 -13.42 49.79
C GLY A 90 0.42 -12.32 50.80
N LYS A 91 1.56 -11.65 50.73
CA LYS A 91 1.88 -10.57 51.64
C LYS A 91 0.87 -9.42 51.49
N THR A 92 0.50 -9.09 50.26
CA THR A 92 -0.49 -8.02 50.02
C THR A 92 -1.72 -8.66 49.42
N PRO A 93 -2.87 -8.02 49.61
CA PRO A 93 -4.13 -8.54 49.08
C PRO A 93 -4.02 -8.79 47.61
N PRO A 94 -4.66 -9.86 47.11
CA PRO A 94 -4.57 -10.12 45.67
C PRO A 94 -5.21 -8.96 44.89
N CYS A 95 -4.97 -8.88 43.58
CA CYS A 95 -5.50 -7.79 42.77
C CYS A 95 -7.02 -7.90 42.58
N ALA A 96 -7.51 -9.12 42.52
CA ALA A 96 -8.93 -9.35 42.36
C ALA A 96 -9.62 -8.64 43.53
N GLU A 97 -9.03 -8.79 44.71
CA GLU A 97 -9.48 -8.20 45.97
C GLU A 97 -9.33 -6.68 45.90
N LEU A 98 -8.22 -6.25 45.33
CA LEU A 98 -7.92 -4.83 45.19
C LEU A 98 -9.04 -4.18 44.37
N ILE A 99 -9.48 -4.90 43.34
CA ILE A 99 -10.56 -4.45 42.47
C ILE A 99 -11.91 -4.40 43.20
N ILE A 100 -12.23 -5.48 43.92
CA ILE A 100 -13.46 -5.59 44.69
C ILE A 100 -13.60 -4.39 45.63
N ASN A 101 -12.59 -4.20 46.46
CA ASN A 101 -12.64 -3.12 47.43
C ASN A 101 -12.60 -1.71 46.88
N SER A 102 -12.29 -1.57 45.60
CA SER A 102 -12.20 -0.23 45.03
C SER A 102 -13.51 0.27 44.44
N GLY A 103 -14.47 -0.63 44.31
CA GLY A 103 -15.76 -0.24 43.76
C GLY A 103 -15.93 -0.46 42.27
N ILE A 104 -14.91 -1.03 41.61
CA ILE A 104 -15.00 -1.29 40.17
C ILE A 104 -16.26 -2.12 39.96
N LYS A 105 -17.09 -1.73 38.99
CA LYS A 105 -18.32 -2.49 38.75
C LYS A 105 -18.26 -3.48 37.58
N ARG A 106 -17.38 -3.24 36.62
CA ARG A 106 -17.22 -4.14 35.47
C ARG A 106 -15.76 -4.42 35.17
N VAL A 107 -15.45 -5.66 34.80
CA VAL A 107 -14.06 -6.03 34.52
C VAL A 107 -13.88 -6.72 33.17
N PHE A 108 -12.97 -6.19 32.35
CA PHE A 108 -12.70 -6.79 31.04
C PHE A 108 -11.36 -7.54 31.03
N VAL A 109 -11.45 -8.88 31.07
CA VAL A 109 -10.27 -9.74 31.10
C VAL A 109 -9.97 -10.36 29.73
N ALA A 110 -8.76 -10.18 29.26
CA ALA A 110 -8.37 -10.74 27.97
C ALA A 110 -8.25 -12.28 28.04
N MET A 111 -7.56 -12.77 29.05
CA MET A 111 -7.39 -14.22 29.14
C MET A 111 -7.22 -14.69 30.57
N ARG A 112 -7.55 -15.96 30.80
CA ARG A 112 -7.42 -16.55 32.13
C ARG A 112 -5.99 -16.93 32.42
N ASP A 113 -5.72 -17.18 33.68
CA ASP A 113 -4.39 -17.58 34.15
C ASP A 113 -3.92 -18.84 33.42
N PRO A 114 -2.63 -18.91 33.06
CA PRO A 114 -2.15 -20.10 32.38
C PRO A 114 -2.19 -21.34 33.26
N ASN A 115 -2.20 -21.14 34.57
CA ASN A 115 -2.22 -22.27 35.49
C ASN A 115 -3.62 -22.88 35.60
N PRO A 116 -3.71 -24.23 35.59
CA PRO A 116 -5.02 -24.88 35.69
C PRO A 116 -5.55 -24.81 37.12
N LEU A 117 -4.63 -24.68 38.08
CA LEU A 117 -4.99 -24.60 39.48
C LEU A 117 -5.47 -23.20 39.87
N VAL A 118 -5.35 -22.25 38.94
CA VAL A 118 -5.77 -20.88 39.23
C VAL A 118 -6.80 -20.28 38.26
N ALA A 119 -6.71 -20.65 36.99
CA ALA A 119 -7.61 -20.15 35.97
C ALA A 119 -9.05 -19.96 36.43
N GLY A 120 -9.58 -18.78 36.19
CA GLY A 120 -10.96 -18.47 36.56
C GLY A 120 -11.15 -18.20 38.03
N ARG A 121 -10.17 -18.59 38.85
CA ARG A 121 -10.26 -18.40 40.30
C ARG A 121 -10.63 -16.94 40.59
N GLY A 122 -9.77 -16.03 40.12
CA GLY A 122 -10.00 -14.61 40.32
C GLY A 122 -11.30 -14.17 39.65
N ILE A 123 -11.58 -14.69 38.46
CA ILE A 123 -12.82 -14.30 37.79
C ILE A 123 -14.03 -14.50 38.72
N SER A 124 -14.19 -15.74 39.17
CA SER A 124 -15.31 -16.08 40.04
C SER A 124 -15.23 -15.27 41.31
N MET A 125 -14.00 -15.00 41.73
CA MET A 125 -13.77 -14.23 42.95
C MET A 125 -14.43 -12.88 42.84
N MET A 126 -14.31 -12.26 41.66
CA MET A 126 -14.89 -10.92 41.43
C MET A 126 -16.40 -10.93 41.17
N LYS A 127 -16.91 -11.96 40.51
CA LYS A 127 -18.34 -12.02 40.25
C LYS A 127 -19.03 -12.18 41.58
N GLU A 128 -18.41 -12.99 42.42
CA GLU A 128 -18.92 -13.25 43.75
C GLU A 128 -19.03 -11.95 44.56
N ALA A 129 -18.40 -10.88 44.08
CA ALA A 129 -18.49 -9.60 44.78
C ALA A 129 -19.55 -8.74 44.11
N GLY A 130 -20.22 -9.31 43.11
CA GLY A 130 -21.27 -8.60 42.41
C GLY A 130 -20.81 -7.89 41.15
N ILE A 131 -19.51 -8.04 40.85
CA ILE A 131 -18.92 -7.41 39.68
C ILE A 131 -19.23 -8.16 38.39
N GLU A 132 -19.38 -7.40 37.30
CA GLU A 132 -19.65 -7.98 35.98
C GLU A 132 -18.30 -8.25 35.28
N VAL A 133 -18.09 -9.49 34.85
CA VAL A 133 -16.84 -9.86 34.20
C VAL A 133 -17.03 -10.37 32.75
N ARG A 134 -16.38 -9.71 31.80
CA ARG A 134 -16.45 -10.13 30.41
C ARG A 134 -15.06 -10.64 30.03
N GLU A 135 -14.99 -11.72 29.24
CA GLU A 135 -13.69 -12.29 28.88
C GLU A 135 -13.40 -12.48 27.39
N GLY A 136 -12.11 -12.62 27.06
CA GLY A 136 -11.71 -12.89 25.69
C GLY A 136 -11.41 -11.78 24.70
N ILE A 137 -11.58 -10.51 25.08
CA ILE A 137 -11.32 -9.41 24.16
C ILE A 137 -9.82 -9.29 23.87
N LEU A 138 -9.46 -9.43 22.59
CA LEU A 138 -8.08 -9.33 22.16
C LEU A 138 -7.24 -10.43 22.78
N ALA A 139 -7.87 -11.57 23.01
CA ALA A 139 -7.19 -12.71 23.61
C ALA A 139 -5.90 -13.09 22.89
N ASP A 140 -5.94 -13.08 21.56
CA ASP A 140 -4.78 -13.43 20.75
C ASP A 140 -3.55 -12.58 21.06
N GLN A 141 -3.75 -11.27 21.14
CA GLN A 141 -2.64 -10.38 21.43
C GLN A 141 -2.18 -10.65 22.84
N ALA A 142 -3.13 -10.78 23.76
CA ALA A 142 -2.81 -11.06 25.17
C ALA A 142 -2.03 -12.36 25.23
N GLU A 143 -2.30 -13.23 24.27
CA GLU A 143 -1.64 -14.52 24.19
C GLU A 143 -0.20 -14.32 23.73
N ARG A 144 -0.01 -13.52 22.68
CA ARG A 144 1.33 -13.25 22.14
C ARG A 144 2.21 -12.54 23.16
N LEU A 145 1.68 -11.45 23.68
CA LEU A 145 2.39 -10.63 24.65
C LEU A 145 3.31 -11.37 25.64
N ASN A 146 2.81 -12.43 26.27
CA ASN A 146 3.61 -13.19 27.23
C ASN A 146 3.87 -14.60 26.72
N GLU A 147 3.72 -14.77 25.41
CA GLU A 147 3.88 -16.06 24.73
C GLU A 147 4.91 -17.06 25.28
N LYS A 148 6.15 -16.63 25.48
CA LYS A 148 7.13 -17.57 26.02
C LYS A 148 6.68 -17.94 27.42
N PHE A 149 6.47 -16.93 28.25
CA PHE A 149 5.99 -17.12 29.61
C PHE A 149 4.80 -18.07 29.61
N LEU A 150 3.81 -17.79 28.76
CA LEU A 150 2.66 -18.65 28.71
C LEU A 150 3.06 -20.10 28.52
N HIS A 151 3.92 -20.36 27.53
CA HIS A 151 4.40 -21.71 27.24
C HIS A 151 5.05 -22.34 28.45
N PHE A 152 5.92 -21.59 29.13
CA PHE A 152 6.65 -22.08 30.30
C PHE A 152 5.71 -22.58 31.40
N MET A 153 4.64 -21.82 31.63
CA MET A 153 3.68 -22.16 32.66
C MET A 153 2.77 -23.32 32.27
N ARG A 154 2.32 -23.37 31.02
CA ARG A 154 1.44 -24.46 30.61
C ARG A 154 2.13 -25.82 30.47
N THR A 155 3.41 -25.82 30.08
CA THR A 155 4.14 -27.08 29.87
C THR A 155 5.21 -27.41 30.92
N GLY A 156 5.65 -26.41 31.66
CA GLY A 156 6.66 -26.64 32.68
C GLY A 156 8.05 -26.69 32.11
N LEU A 157 8.19 -26.23 30.87
CA LEU A 157 9.48 -26.22 30.20
C LEU A 157 9.71 -24.88 29.55
N PRO A 158 10.97 -24.50 29.35
CA PRO A 158 11.24 -23.20 28.74
C PRO A 158 10.87 -23.19 27.26
N TYR A 159 10.59 -22.00 26.75
CA TYR A 159 10.25 -21.79 25.35
C TYR A 159 11.56 -21.87 24.59
N VAL A 160 11.66 -22.79 23.64
CA VAL A 160 12.89 -22.95 22.89
C VAL A 160 12.83 -22.46 21.46
N THR A 161 13.83 -21.70 21.05
CA THR A 161 13.92 -21.21 19.68
C THR A 161 15.25 -21.71 19.15
N LEU A 162 15.23 -22.34 17.98
CA LEU A 162 16.46 -22.84 17.37
C LEU A 162 16.77 -21.82 16.27
N LYS A 163 18.00 -21.34 16.23
CA LYS A 163 18.39 -20.38 15.21
C LYS A 163 19.70 -20.79 14.50
N ALA A 164 19.76 -20.57 13.20
CA ALA A 164 20.94 -20.94 12.42
C ALA A 164 21.07 -20.09 11.17
N ALA A 165 22.31 -19.92 10.72
CA ALA A 165 22.62 -19.17 9.51
C ALA A 165 23.34 -20.12 8.58
N ALA A 166 22.83 -20.26 7.36
CA ALA A 166 23.41 -21.17 6.37
C ALA A 166 23.46 -20.55 4.97
N SER A 167 24.05 -21.28 4.04
CA SER A 167 24.10 -20.82 2.68
C SER A 167 22.78 -21.32 2.09
N LEU A 168 22.41 -20.80 0.94
CA LEU A 168 21.18 -21.20 0.29
C LEU A 168 21.03 -22.71 0.12
N ASP A 169 22.14 -23.44 0.04
CA ASP A 169 22.05 -24.88 -0.13
C ASP A 169 22.08 -25.64 1.20
N GLY A 170 21.88 -24.89 2.29
CA GLY A 170 21.83 -25.46 3.63
C GLY A 170 23.14 -25.79 4.32
N LYS A 171 24.20 -25.09 3.99
CA LYS A 171 25.48 -25.34 4.63
C LYS A 171 25.81 -24.27 5.67
N ILE A 172 26.24 -24.70 6.85
CA ILE A 172 26.59 -23.77 7.93
C ILE A 172 28.09 -23.47 8.01
N ALA A 173 28.83 -24.03 7.07
CA ALA A 173 30.27 -23.85 6.95
C ALA A 173 30.77 -24.69 5.76
N THR A 174 31.95 -24.37 5.24
CA THR A 174 32.53 -25.12 4.13
C THR A 174 33.05 -26.45 4.68
N SER A 175 33.68 -27.26 3.82
CA SER A 175 34.22 -28.55 4.25
C SER A 175 35.46 -28.39 5.14
N THR A 176 35.99 -27.17 5.22
CA THR A 176 37.15 -26.92 6.05
C THR A 176 36.78 -26.23 7.36
N GLY A 177 35.48 -26.07 7.59
CA GLY A 177 35.04 -25.44 8.82
C GLY A 177 34.89 -23.95 8.68
N ASP A 178 35.38 -23.37 7.58
CA ASP A 178 35.27 -21.93 7.34
C ASP A 178 33.79 -21.52 7.23
N SER A 179 33.40 -20.56 8.05
CA SER A 179 32.03 -20.07 8.05
C SER A 179 32.08 -18.55 8.17
N LYS A 180 33.21 -17.98 7.76
CA LYS A 180 33.38 -16.53 7.78
C LYS A 180 32.53 -16.05 6.63
N TRP A 181 31.68 -15.07 6.90
CA TRP A 181 30.83 -14.46 5.88
C TRP A 181 29.65 -15.28 5.38
N ILE A 182 28.92 -15.98 6.25
CA ILE A 182 27.79 -16.72 5.72
C ILE A 182 26.52 -15.90 5.91
N THR A 183 26.51 -15.02 6.90
CA THR A 183 25.35 -14.15 7.12
C THR A 183 25.83 -12.70 7.07
N SER A 184 24.96 -11.81 6.62
CA SER A 184 25.34 -10.41 6.52
C SER A 184 25.37 -9.76 7.90
N GLU A 185 25.85 -8.53 7.99
CA GLU A 185 25.89 -7.80 9.26
C GLU A 185 24.41 -7.53 9.63
N ALA A 186 23.60 -7.32 8.59
CA ALA A 186 22.18 -7.06 8.77
C ALA A 186 21.50 -8.24 9.44
N ALA A 187 21.81 -9.45 8.95
CA ALA A 187 21.22 -10.67 9.51
C ALA A 187 21.69 -10.86 10.96
N ARG A 188 22.99 -10.83 11.17
CA ARG A 188 23.55 -11.01 12.50
C ARG A 188 22.94 -10.01 13.50
N GLN A 189 22.71 -8.78 13.04
CA GLN A 189 22.15 -7.75 13.89
C GLN A 189 20.70 -8.09 14.20
N ASP A 190 19.95 -8.51 13.19
CA ASP A 190 18.54 -8.86 13.37
C ASP A 190 18.40 -10.05 14.33
N ALA A 191 19.30 -11.02 14.21
CA ALA A 191 19.29 -12.20 15.06
C ALA A 191 19.61 -11.83 16.50
N GLN A 192 20.29 -10.70 16.69
CA GLN A 192 20.66 -10.27 18.02
C GLN A 192 19.41 -9.93 18.86
N GLN A 193 18.33 -9.58 18.18
CA GLN A 193 17.08 -9.25 18.87
C GLN A 193 16.67 -10.38 19.85
N TYR A 194 16.88 -11.62 19.42
CA TYR A 194 16.50 -12.75 20.25
C TYR A 194 17.40 -12.88 21.47
N ARG A 195 18.59 -12.31 21.44
CA ARG A 195 19.44 -12.40 22.61
C ARG A 195 18.89 -11.48 23.68
N LYS A 196 17.84 -10.74 23.33
CA LYS A 196 17.22 -9.82 24.28
C LYS A 196 15.85 -10.31 24.74
N THR A 197 15.20 -11.13 23.93
CA THR A 197 13.89 -11.69 24.26
C THR A 197 13.97 -13.14 24.74
N HIS A 198 15.12 -13.54 25.25
CA HIS A 198 15.29 -14.90 25.76
C HIS A 198 16.15 -14.82 26.99
N GLN A 199 15.94 -15.73 27.94
CA GLN A 199 16.70 -15.70 29.17
C GLN A 199 18.04 -16.42 29.13
N SER A 200 18.22 -17.28 28.12
CA SER A 200 19.48 -17.99 27.99
C SER A 200 19.85 -18.17 26.50
N ILE A 201 21.13 -18.37 26.22
CA ILE A 201 21.60 -18.61 24.85
C ILE A 201 22.37 -19.88 25.00
N LEU A 202 22.02 -20.91 24.24
CA LEU A 202 22.75 -22.16 24.38
C LEU A 202 23.44 -22.68 23.11
N VAL A 203 24.64 -23.23 23.31
CA VAL A 203 25.44 -23.81 22.24
C VAL A 203 26.22 -24.98 22.86
N GLY A 204 26.72 -25.85 21.99
CA GLY A 204 27.52 -26.98 22.46
C GLY A 204 28.96 -26.49 22.50
N VAL A 205 29.84 -27.20 23.21
CA VAL A 205 31.24 -26.78 23.30
C VAL A 205 31.84 -26.60 21.90
N GLY A 206 31.39 -27.42 20.96
CA GLY A 206 31.90 -27.32 19.61
C GLY A 206 31.98 -25.89 19.13
N THR A 207 30.91 -25.14 19.35
CA THR A 207 30.85 -23.76 18.93
C THR A 207 31.87 -22.91 19.68
N VAL A 208 32.09 -23.24 20.95
CA VAL A 208 33.06 -22.49 21.74
C VAL A 208 34.47 -22.72 21.24
N LYS A 209 34.75 -23.93 20.73
CA LYS A 209 36.08 -24.25 20.24
C LYS A 209 36.33 -23.59 18.88
N ALA A 210 35.38 -23.75 17.97
CA ALA A 210 35.53 -23.18 16.62
C ALA A 210 35.48 -21.67 16.55
N ASP A 211 34.49 -21.09 17.22
CA ASP A 211 34.31 -19.65 17.14
C ASP A 211 34.60 -18.83 18.38
N ASN A 212 34.56 -19.46 19.56
CA ASN A 212 34.83 -18.75 20.80
C ASN A 212 34.01 -17.45 20.84
N PRO A 213 32.69 -17.57 20.66
CA PRO A 213 31.79 -16.42 20.68
C PRO A 213 31.54 -16.02 22.13
N SER A 214 31.05 -14.80 22.32
CA SER A 214 30.74 -14.32 23.66
C SER A 214 29.26 -14.61 23.94
N LEU A 215 28.47 -14.68 22.87
CA LEU A 215 27.06 -14.99 22.98
C LEU A 215 26.34 -13.94 23.82
N THR A 216 26.81 -12.71 23.72
CA THR A 216 26.22 -11.61 24.47
C THR A 216 25.29 -10.80 23.61
N CYS A 217 24.43 -10.02 24.26
CA CYS A 217 23.50 -9.15 23.58
C CYS A 217 24.19 -7.78 23.48
N ARG A 218 24.34 -7.29 22.25
CA ARG A 218 25.04 -6.03 22.07
C ARG A 218 24.19 -4.94 21.44
N LEU A 219 22.90 -4.96 21.72
CA LEU A 219 21.98 -3.96 21.21
C LEU A 219 22.06 -2.71 22.10
N PRO A 220 21.60 -1.54 21.61
CA PRO A 220 21.61 -0.27 22.32
C PRO A 220 21.45 -0.37 23.83
N ASN A 221 20.22 -0.31 24.31
CA ASN A 221 20.00 -0.42 25.74
C ASN A 221 19.91 -1.92 26.09
N VAL A 222 20.93 -2.43 26.79
CA VAL A 222 20.93 -3.85 27.17
C VAL A 222 21.21 -4.01 28.66
N THR A 223 20.19 -3.72 29.47
CA THR A 223 20.30 -3.80 30.92
C THR A 223 20.80 -5.15 31.43
N LYS A 224 20.08 -6.21 31.10
CA LYS A 224 20.48 -7.54 31.57
C LYS A 224 20.98 -8.42 30.40
N GLN A 225 21.93 -9.31 30.71
CA GLN A 225 22.47 -10.23 29.72
C GLN A 225 21.86 -11.60 29.95
N PRO A 226 21.59 -12.33 28.87
CA PRO A 226 21.01 -13.67 29.00
C PRO A 226 22.03 -14.66 29.56
N VAL A 227 21.56 -15.75 30.15
CA VAL A 227 22.50 -16.74 30.69
C VAL A 227 23.14 -17.56 29.59
N ARG A 228 24.46 -17.60 29.56
CA ARG A 228 25.16 -18.37 28.53
C ARG A 228 25.29 -19.82 28.95
N VAL A 229 24.57 -20.69 28.25
CA VAL A 229 24.58 -22.14 28.55
C VAL A 229 25.33 -23.01 27.56
N ILE A 230 26.38 -23.67 28.01
CA ILE A 230 27.17 -24.55 27.14
C ILE A 230 26.91 -26.04 27.45
N LEU A 231 26.77 -26.88 26.41
CA LEU A 231 26.59 -28.31 26.59
C LEU A 231 28.00 -28.87 26.36
N ASP A 232 28.62 -29.42 27.40
CA ASP A 232 30.00 -29.92 27.35
C ASP A 232 30.21 -31.28 28.03
N THR A 233 29.89 -32.36 27.32
CA THR A 233 29.98 -33.72 27.87
C THR A 233 31.20 -34.04 28.74
N VAL A 234 32.39 -33.73 28.26
CA VAL A 234 33.64 -34.03 28.98
C VAL A 234 34.31 -32.82 29.65
N LEU A 235 33.63 -31.68 29.62
CA LEU A 235 34.19 -30.49 30.22
C LEU A 235 35.52 -30.25 29.52
N SER A 236 35.52 -30.32 28.19
CA SER A 236 36.74 -30.10 27.42
C SER A 236 36.76 -28.67 26.89
N ILE A 237 35.90 -27.83 27.44
CA ILE A 237 35.81 -26.44 27.03
C ILE A 237 37.15 -25.75 27.25
N PRO A 238 37.54 -24.84 26.35
CA PRO A 238 38.82 -24.14 26.52
C PRO A 238 38.74 -23.19 27.70
N GLU A 239 39.67 -23.31 28.63
CA GLU A 239 39.64 -22.49 29.83
C GLU A 239 39.90 -21.01 29.60
N ASP A 240 40.18 -20.63 28.36
CA ASP A 240 40.46 -19.24 28.11
C ASP A 240 39.47 -18.58 27.15
N ALA A 241 38.32 -19.22 26.93
CA ALA A 241 37.34 -18.66 26.03
C ALA A 241 36.65 -17.48 26.70
N LYS A 242 36.05 -16.61 25.87
CA LYS A 242 35.34 -15.43 26.38
C LYS A 242 34.23 -15.82 27.34
N VAL A 243 33.47 -16.83 26.95
CA VAL A 243 32.34 -17.32 27.73
C VAL A 243 32.78 -17.73 29.12
N ILE A 244 34.09 -17.81 29.33
CA ILE A 244 34.60 -18.18 30.62
C ILE A 244 35.48 -17.10 31.21
N CYS A 245 35.91 -16.15 30.41
CA CYS A 245 36.76 -15.11 30.95
C CYS A 245 36.26 -13.69 30.97
N ASP A 246 35.44 -13.29 29.99
CA ASP A 246 34.93 -11.92 29.94
C ASP A 246 34.06 -11.38 31.09
N GLN A 247 33.39 -12.24 31.85
CA GLN A 247 32.54 -11.82 32.97
C GLN A 247 31.38 -10.93 32.55
N ILE A 248 31.14 -10.85 31.25
CA ILE A 248 30.06 -10.02 30.74
C ILE A 248 28.66 -10.55 31.05
N ALA A 249 28.56 -11.86 31.25
CA ALA A 249 27.29 -12.48 31.51
C ALA A 249 27.53 -13.81 32.19
N PRO A 250 26.51 -14.34 32.86
CA PRO A 250 26.60 -15.61 33.55
C PRO A 250 26.95 -16.71 32.57
N THR A 251 27.69 -17.71 33.03
CA THR A 251 28.00 -18.84 32.18
C THR A 251 27.69 -20.13 32.94
N TRP A 252 26.84 -20.98 32.37
CA TRP A 252 26.52 -22.24 33.01
C TRP A 252 26.94 -23.35 32.06
N ILE A 253 27.40 -24.47 32.61
CA ILE A 253 27.77 -25.60 31.77
C ILE A 253 27.14 -26.90 32.26
N PHE A 254 26.83 -27.79 31.31
CA PHE A 254 26.28 -29.10 31.62
C PHE A 254 27.25 -30.18 31.16
N THR A 255 27.73 -30.99 32.11
CA THR A 255 28.66 -32.10 31.83
C THR A 255 28.10 -33.39 32.39
N THR A 256 28.95 -34.41 32.35
CA THR A 256 28.64 -35.72 32.87
C THR A 256 29.73 -36.03 33.87
N ALA A 257 29.69 -37.24 34.43
CA ALA A 257 30.68 -37.68 35.41
C ALA A 257 32.12 -37.70 34.89
N ARG A 258 32.30 -37.68 33.58
CA ARG A 258 33.66 -37.71 33.02
C ARG A 258 34.45 -36.41 33.17
N ALA A 259 33.78 -35.33 33.54
CA ALA A 259 34.50 -34.08 33.67
C ALA A 259 35.57 -34.11 34.78
N ASP A 260 36.67 -33.38 34.58
CA ASP A 260 37.75 -33.32 35.56
C ASP A 260 37.29 -32.50 36.77
N GLU A 261 37.41 -33.08 37.95
CA GLU A 261 36.97 -32.39 39.16
C GLU A 261 37.80 -31.15 39.45
N GLU A 262 39.09 -31.18 39.16
CA GLU A 262 39.91 -30.00 39.43
C GLU A 262 39.60 -28.87 38.47
N LYS A 263 39.05 -29.21 37.30
CA LYS A 263 38.72 -28.20 36.30
C LYS A 263 37.42 -27.51 36.63
N LYS A 264 36.50 -28.23 37.29
CA LYS A 264 35.25 -27.60 37.69
C LYS A 264 35.67 -26.55 38.72
N LYS A 265 36.50 -26.99 39.68
CA LYS A 265 37.00 -26.09 40.70
C LYS A 265 37.54 -24.85 40.02
N ARG A 266 38.55 -25.05 39.17
CA ARG A 266 39.17 -23.93 38.46
C ARG A 266 38.11 -23.02 37.82
N LEU A 267 37.10 -23.62 37.20
CA LEU A 267 36.04 -22.85 36.53
C LEU A 267 35.06 -22.16 37.49
N SER A 268 34.71 -22.82 38.59
CA SER A 268 33.79 -22.25 39.58
C SER A 268 34.38 -20.93 40.07
N ALA A 269 35.69 -20.92 40.27
CA ALA A 269 36.38 -19.71 40.73
C ALA A 269 36.13 -18.54 39.76
N PHE A 270 35.98 -18.85 38.49
CA PHE A 270 35.72 -17.80 37.51
C PHE A 270 34.25 -17.41 37.52
N GLY A 271 33.48 -18.05 38.39
CA GLY A 271 32.08 -17.70 38.50
C GLY A 271 31.16 -18.58 37.67
N VAL A 272 31.76 -19.52 36.95
CA VAL A 272 30.98 -20.40 36.12
C VAL A 272 30.23 -21.39 36.99
N ASN A 273 28.97 -21.65 36.65
CA ASN A 273 28.17 -22.62 37.40
C ASN A 273 28.07 -23.84 36.51
N ILE A 274 28.43 -24.98 37.09
CA ILE A 274 28.44 -26.25 36.37
C ILE A 274 27.37 -27.18 36.87
N PHE A 275 26.75 -27.92 35.96
CA PHE A 275 25.72 -28.89 36.36
C PHE A 275 26.16 -30.27 35.89
N THR A 276 26.37 -31.21 36.82
CA THR A 276 26.84 -32.56 36.46
C THR A 276 25.71 -33.58 36.28
N LEU A 277 25.31 -33.82 35.04
CA LEU A 277 24.23 -34.76 34.74
C LEU A 277 24.57 -36.22 35.12
N GLU A 278 23.56 -36.95 35.57
CA GLU A 278 23.78 -38.33 35.99
C GLU A 278 23.85 -39.37 34.87
N THR A 279 23.67 -38.94 33.63
CA THR A 279 23.72 -39.86 32.49
C THR A 279 25.10 -39.90 31.88
N GLU A 280 25.25 -40.60 30.76
CA GLU A 280 26.57 -40.67 30.14
C GLU A 280 26.63 -39.79 28.89
N ARG A 281 25.46 -39.35 28.46
CA ARG A 281 25.33 -38.45 27.32
C ARG A 281 24.33 -37.39 27.76
N ILE A 282 24.53 -36.17 27.30
CA ILE A 282 23.64 -35.08 27.66
C ILE A 282 22.28 -35.24 27.01
N GLN A 283 21.23 -35.18 27.83
CA GLN A 283 19.84 -35.29 27.37
C GLN A 283 19.16 -33.90 27.38
N ILE A 284 18.75 -33.42 26.20
CA ILE A 284 18.10 -32.10 26.12
C ILE A 284 16.92 -32.02 27.08
N PRO A 285 16.14 -33.10 27.21
CA PRO A 285 15.01 -33.06 28.15
C PRO A 285 15.51 -32.75 29.55
N ASP A 286 16.62 -33.38 29.94
CA ASP A 286 17.22 -33.17 31.25
C ASP A 286 17.58 -31.72 31.50
N VAL A 287 18.43 -31.17 30.61
CA VAL A 287 18.88 -29.79 30.73
C VAL A 287 17.70 -28.81 30.74
N LEU A 288 16.73 -29.01 29.86
CA LEU A 288 15.58 -28.11 29.84
C LEU A 288 14.88 -28.11 31.20
N LYS A 289 14.78 -29.30 31.81
CA LYS A 289 14.15 -29.46 33.11
C LYS A 289 14.91 -28.67 34.16
N ILE A 290 16.22 -28.82 34.16
CA ILE A 290 17.05 -28.10 35.11
C ILE A 290 17.03 -26.59 34.92
N LEU A 291 17.01 -26.13 33.67
CA LEU A 291 16.99 -24.69 33.42
C LEU A 291 15.65 -24.17 33.97
N ALA A 292 14.59 -24.96 33.77
CA ALA A 292 13.26 -24.58 34.26
C ALA A 292 13.32 -24.43 35.78
N GLU A 293 13.81 -25.46 36.46
CA GLU A 293 13.97 -25.44 37.91
C GLU A 293 14.70 -24.16 38.34
N GLU A 294 15.60 -23.66 37.51
CA GLU A 294 16.35 -22.45 37.86
C GLU A 294 15.56 -21.22 37.47
N GLY A 295 14.39 -21.41 36.86
CA GLY A 295 13.57 -20.27 36.48
C GLY A 295 13.93 -19.71 35.12
N ILE A 296 14.58 -20.53 34.30
CA ILE A 296 14.92 -20.11 32.95
C ILE A 296 13.70 -20.54 32.17
N MET A 297 12.98 -19.57 31.59
CA MET A 297 11.76 -19.86 30.85
C MET A 297 11.90 -19.80 29.33
N SER A 298 13.06 -19.42 28.84
CA SER A 298 13.26 -19.31 27.39
C SER A 298 14.71 -19.61 27.03
N VAL A 299 14.89 -20.31 25.92
CA VAL A 299 16.23 -20.68 25.45
C VAL A 299 16.39 -20.38 23.97
N TYR A 300 17.44 -19.64 23.67
CA TYR A 300 17.76 -19.26 22.29
C TYR A 300 18.92 -20.18 21.93
N VAL A 301 18.62 -21.25 21.20
CA VAL A 301 19.65 -22.21 20.82
C VAL A 301 20.35 -21.82 19.51
N GLU A 302 21.48 -21.13 19.67
CA GLU A 302 22.25 -20.65 18.54
C GLU A 302 22.81 -21.84 17.80
N GLY A 303 22.90 -22.98 18.46
CA GLY A 303 23.34 -24.12 17.73
C GLY A 303 24.52 -25.04 17.95
N GLY A 304 24.83 -25.61 16.79
CA GLY A 304 25.83 -26.63 16.57
C GLY A 304 24.87 -27.51 15.80
N SER A 305 25.23 -27.97 14.61
CA SER A 305 24.27 -28.79 13.88
C SER A 305 23.80 -29.98 14.74
N ALA A 306 24.70 -30.66 15.43
CA ALA A 306 24.28 -31.82 16.24
C ALA A 306 23.35 -31.41 17.37
N VAL A 307 23.62 -30.26 17.99
CA VAL A 307 22.78 -29.78 19.07
C VAL A 307 21.37 -29.59 18.58
N HIS A 308 21.22 -28.91 17.44
CA HIS A 308 19.88 -28.70 16.86
C HIS A 308 19.25 -30.08 16.62
N GLY A 309 20.00 -30.99 15.99
CA GLY A 309 19.48 -32.32 15.71
C GLY A 309 18.80 -32.98 16.90
N SER A 310 19.41 -32.90 18.08
CA SER A 310 18.82 -33.49 19.26
C SER A 310 17.53 -32.74 19.60
N PHE A 311 17.61 -31.42 19.70
CA PHE A 311 16.43 -30.60 19.98
C PHE A 311 15.29 -30.94 19.02
N VAL A 312 15.64 -31.21 17.76
CA VAL A 312 14.62 -31.55 16.78
C VAL A 312 14.13 -32.97 17.02
N LYS A 313 15.03 -33.94 17.15
CA LYS A 313 14.63 -35.32 17.40
C LYS A 313 13.65 -35.41 18.58
N GLU A 314 14.02 -34.84 19.71
CA GLU A 314 13.19 -34.83 20.92
C GLU A 314 11.90 -34.04 20.75
N GLY A 315 11.89 -33.09 19.83
CA GLY A 315 10.71 -32.28 19.64
C GLY A 315 10.64 -31.29 20.80
N CYS A 316 11.78 -30.66 21.08
CA CYS A 316 11.89 -29.69 22.16
C CYS A 316 12.07 -28.25 21.66
N PHE A 317 11.25 -27.83 20.70
CA PHE A 317 11.38 -26.46 20.23
C PHE A 317 10.01 -25.92 19.82
N GLN A 318 9.87 -24.60 19.91
CA GLN A 318 8.61 -23.96 19.57
C GLN A 318 8.73 -23.08 18.34
N GLU A 319 9.97 -22.78 17.98
CA GLU A 319 10.20 -21.90 16.86
C GLU A 319 11.53 -22.20 16.17
N ILE A 320 11.50 -22.24 14.84
CA ILE A 320 12.71 -22.49 14.07
C ILE A 320 13.00 -21.25 13.22
N ILE A 321 14.20 -20.70 13.38
CA ILE A 321 14.59 -19.51 12.63
C ILE A 321 15.92 -19.66 11.87
N PHE A 322 15.83 -19.90 10.56
CA PHE A 322 17.02 -20.04 9.71
C PHE A 322 17.23 -18.80 8.84
N TYR A 323 18.49 -18.40 8.72
CA TYR A 323 18.85 -17.27 7.88
C TYR A 323 19.58 -17.87 6.68
N PHE A 324 19.09 -17.61 5.48
CA PHE A 324 19.70 -18.12 4.27
C PHE A 324 20.38 -17.02 3.48
N ALA A 325 21.64 -17.25 3.12
CA ALA A 325 22.39 -16.26 2.34
C ALA A 325 22.38 -16.66 0.88
N PRO A 326 22.49 -15.66 -0.02
CA PRO A 326 22.52 -15.90 -1.46
C PRO A 326 23.87 -16.45 -1.89
N LYS A 327 24.16 -17.67 -1.46
CA LYS A 327 25.43 -18.30 -1.76
C LYS A 327 25.30 -19.80 -1.77
N LEU A 328 26.16 -20.45 -2.55
CA LEU A 328 26.17 -21.91 -2.64
C LEU A 328 27.56 -22.42 -2.23
N ILE A 329 27.60 -23.23 -1.19
CA ILE A 329 28.84 -23.83 -0.68
C ILE A 329 28.64 -25.27 -1.04
N GLY A 330 29.46 -25.84 -1.88
CA GLY A 330 29.14 -27.23 -2.18
C GLY A 330 29.65 -28.15 -1.08
N GLY A 331 30.19 -29.28 -1.49
CA GLY A 331 30.79 -30.19 -0.55
C GLY A 331 29.99 -31.31 0.06
N THR A 332 30.54 -32.51 -0.03
CA THR A 332 29.90 -33.67 0.53
C THR A 332 30.27 -33.68 2.01
N HIS A 333 31.40 -33.06 2.33
CA HIS A 333 31.87 -32.99 3.71
C HIS A 333 31.58 -31.64 4.33
N ALA A 334 30.73 -30.87 3.66
CA ALA A 334 30.34 -29.57 4.15
C ALA A 334 29.23 -29.89 5.16
N PRO A 335 29.27 -29.27 6.35
CA PRO A 335 28.23 -29.54 7.37
C PRO A 335 26.90 -28.85 7.09
N SER A 336 25.82 -29.63 7.16
CA SER A 336 24.46 -29.14 6.95
C SER A 336 23.85 -28.57 8.23
N LEU A 337 22.70 -27.91 8.09
CA LEU A 337 22.02 -27.30 9.21
C LEU A 337 21.75 -28.23 10.39
N ILE A 338 21.12 -29.37 10.16
CA ILE A 338 20.79 -30.30 11.25
C ILE A 338 21.46 -31.64 11.06
N SER A 339 22.31 -32.06 12.00
CA SER A 339 22.98 -33.36 11.87
C SER A 339 22.33 -34.33 12.85
N GLY A 340 23.11 -35.26 13.39
CA GLY A 340 22.53 -36.21 14.31
C GLY A 340 21.82 -37.35 13.57
N GLU A 341 20.90 -38.04 14.23
CA GLU A 341 20.21 -39.14 13.57
C GLU A 341 19.15 -38.75 12.56
N GLY A 342 18.27 -37.84 12.95
CA GLY A 342 17.24 -37.41 12.04
C GLY A 342 16.20 -38.51 11.81
N PHE A 343 15.26 -38.21 10.93
CA PHE A 343 14.19 -39.14 10.61
C PHE A 343 14.54 -40.03 9.43
N GLN A 344 13.93 -41.21 9.37
CA GLN A 344 14.17 -42.19 8.32
C GLN A 344 13.17 -42.16 7.17
N SER A 345 11.88 -42.03 7.48
CA SER A 345 10.83 -42.01 6.46
C SER A 345 10.12 -40.68 6.40
N MET A 346 9.79 -40.24 5.19
CA MET A 346 9.08 -38.98 5.04
C MET A 346 7.76 -39.00 5.81
N LYS A 347 7.32 -40.17 6.23
CA LYS A 347 6.06 -40.28 6.98
C LYS A 347 6.27 -39.93 8.44
N ASP A 348 7.53 -39.93 8.85
CA ASP A 348 7.86 -39.64 10.24
C ASP A 348 8.41 -38.23 10.46
N VAL A 349 8.66 -37.52 9.38
CA VAL A 349 9.17 -36.17 9.52
C VAL A 349 7.98 -35.27 9.89
N PRO A 350 8.00 -34.72 11.12
CA PRO A 350 6.91 -33.85 11.57
C PRO A 350 6.77 -32.67 10.64
N LEU A 351 5.55 -32.14 10.55
CA LEU A 351 5.27 -31.01 9.69
C LEU A 351 5.32 -29.72 10.48
N LEU A 352 5.82 -28.68 9.85
CA LEU A 352 5.88 -27.39 10.50
C LEU A 352 4.96 -26.50 9.68
N GLN A 353 5.03 -25.22 9.96
CA GLN A 353 4.20 -24.26 9.29
C GLN A 353 5.01 -22.96 9.26
N PHE A 354 5.32 -22.52 8.04
CA PHE A 354 6.07 -21.30 7.86
C PHE A 354 5.27 -20.19 8.48
N THR A 355 5.92 -19.48 9.41
CA THR A 355 5.27 -18.42 10.13
C THR A 355 5.64 -17.03 9.61
N ASP A 356 6.79 -16.93 8.95
CA ASP A 356 7.22 -15.65 8.43
C ASP A 356 8.39 -15.79 7.46
N ILE A 357 8.46 -14.87 6.52
CA ILE A 357 9.51 -14.84 5.51
C ILE A 357 9.95 -13.40 5.36
N THR A 358 11.13 -13.05 5.88
CA THR A 358 11.58 -11.68 5.76
C THR A 358 12.97 -11.55 5.15
N GLN A 359 13.12 -10.54 4.28
CA GLN A 359 14.40 -10.30 3.66
C GLN A 359 15.07 -9.30 4.56
N ILE A 360 16.33 -9.56 4.91
CA ILE A 360 17.12 -8.64 5.73
C ILE A 360 18.38 -8.50 4.94
N GLY A 361 18.61 -7.30 4.40
CA GLY A 361 19.80 -7.11 3.60
C GLY A 361 19.67 -8.04 2.40
N ARG A 362 20.75 -8.71 2.03
CA ARG A 362 20.67 -9.61 0.89
C ARG A 362 20.27 -11.02 1.30
N ASP A 363 20.16 -11.25 2.61
CA ASP A 363 19.76 -12.57 3.13
C ASP A 363 18.24 -12.66 3.29
N ILE A 364 17.73 -13.86 3.54
CA ILE A 364 16.30 -14.07 3.71
C ILE A 364 15.99 -14.90 4.96
N LYS A 365 15.29 -14.30 5.91
CA LYS A 365 14.97 -14.99 7.15
C LYS A 365 13.69 -15.79 7.06
N LEU A 366 13.76 -17.07 7.39
CA LEU A 366 12.61 -17.95 7.36
C LEU A 366 12.34 -18.45 8.77
N THR A 367 11.15 -18.16 9.28
CA THR A 367 10.83 -18.61 10.61
C THR A 367 9.61 -19.53 10.53
N ALA A 368 9.66 -20.65 11.25
CA ALA A 368 8.56 -21.62 11.20
C ALA A 368 8.30 -22.32 12.52
N LYS A 369 7.10 -22.89 12.67
CA LYS A 369 6.73 -23.57 13.89
C LYS A 369 6.11 -24.97 13.70
N PRO A 370 6.07 -25.77 14.77
CA PRO A 370 5.51 -27.14 14.76
C PRO A 370 4.01 -27.29 14.44
N THR A 371 3.64 -28.51 14.03
CA THR A 371 2.28 -28.96 13.64
C THR A 371 1.80 -28.40 12.30
N MET B 13 16.65 6.35 21.71
CA MET B 13 15.99 5.92 22.99
C MET B 13 15.32 7.07 23.74
N GLU B 14 15.95 8.24 23.74
CA GLU B 14 15.35 9.39 24.40
C GLU B 14 14.14 9.75 23.57
N GLU B 15 14.14 9.30 22.32
CA GLU B 15 13.06 9.54 21.37
C GLU B 15 11.86 8.65 21.74
N TYR B 16 12.14 7.38 21.98
CA TYR B 16 11.10 6.42 22.34
C TYR B 16 10.37 6.93 23.57
N TYR B 17 11.14 7.25 24.60
CA TYR B 17 10.59 7.77 25.84
C TYR B 17 9.72 9.02 25.64
N MET B 18 10.14 9.94 24.77
CA MET B 18 9.33 11.13 24.51
C MET B 18 8.10 10.69 23.76
N LYS B 19 8.27 9.79 22.80
CA LYS B 19 7.13 9.29 22.05
C LYS B 19 6.13 8.69 23.05
N LEU B 20 6.62 7.75 23.86
CA LEU B 20 5.84 7.09 24.89
C LEU B 20 5.01 8.12 25.64
N ALA B 21 5.67 9.20 26.06
CA ALA B 21 5.04 10.28 26.80
C ALA B 21 3.97 11.00 25.98
N LEU B 22 4.16 11.03 24.66
CA LEU B 22 3.21 11.67 23.76
C LEU B 22 1.95 10.80 23.62
N ASP B 23 2.16 9.50 23.57
CA ASP B 23 1.06 8.54 23.49
C ASP B 23 0.32 8.49 24.82
N LEU B 24 1.08 8.57 25.91
CA LEU B 24 0.48 8.56 27.23
C LEU B 24 -0.35 9.81 27.39
N ALA B 25 0.14 10.91 26.80
CA ALA B 25 -0.53 12.22 26.86
C ALA B 25 -1.82 12.25 26.06
N LYS B 26 -1.84 11.57 24.91
CA LYS B 26 -3.02 11.54 24.08
C LYS B 26 -4.19 10.89 24.82
N GLN B 27 -3.87 10.05 25.80
CA GLN B 27 -4.90 9.37 26.56
C GLN B 27 -5.72 10.29 27.45
N GLY B 28 -5.31 11.55 27.53
CA GLY B 28 -6.05 12.52 28.32
C GLY B 28 -7.06 13.23 27.44
N GLU B 29 -6.76 13.24 26.14
CA GLU B 29 -7.57 13.84 25.07
C GLU B 29 -9.04 14.05 25.40
N GLY B 30 -9.42 15.30 25.65
CA GLY B 30 -10.79 15.62 25.97
C GLY B 30 -11.27 15.35 27.40
N GLN B 31 -10.37 15.35 28.38
CA GLN B 31 -10.79 15.10 29.76
C GLN B 31 -10.17 16.13 30.69
N THR B 32 -9.30 16.96 30.12
CA THR B 32 -8.60 17.98 30.87
C THR B 32 -9.18 19.37 30.60
N GLU B 33 -10.04 19.43 29.59
CA GLU B 33 -10.67 20.68 29.16
C GLU B 33 -9.69 21.85 29.06
N SER B 34 -9.85 22.86 29.92
CA SER B 34 -8.98 24.02 29.88
C SER B 34 -7.49 23.65 29.97
N ASN B 35 -7.15 22.71 30.86
CA ASN B 35 -5.76 22.27 31.03
C ASN B 35 -5.29 21.52 29.78
N PRO B 36 -3.97 21.54 29.51
CA PRO B 36 -3.35 20.88 28.35
C PRO B 36 -3.02 19.40 28.56
N LEU B 37 -2.68 18.71 27.48
CA LEU B 37 -2.33 17.29 27.52
C LEU B 37 -0.84 17.05 27.78
N VAL B 38 -0.52 16.57 28.98
CA VAL B 38 0.86 16.32 29.34
C VAL B 38 1.14 14.82 29.61
N GLY B 39 2.28 14.36 29.12
CA GLY B 39 2.69 12.97 29.32
C GLY B 39 4.04 12.90 30.01
N ALA B 40 4.16 12.06 31.04
CA ALA B 40 5.42 11.91 31.76
C ALA B 40 5.88 10.45 31.94
N VAL B 41 7.18 10.22 31.77
CA VAL B 41 7.72 8.87 31.96
C VAL B 41 9.11 8.91 32.65
N VAL B 42 9.19 8.23 33.78
CA VAL B 42 10.40 8.17 34.57
C VAL B 42 11.24 6.92 34.26
N VAL B 43 12.51 7.12 33.97
CA VAL B 43 13.40 6.01 33.68
C VAL B 43 14.62 5.94 34.62
N LYS B 44 14.84 4.75 35.17
CA LYS B 44 15.93 4.51 36.11
C LYS B 44 16.70 3.24 35.70
N ASP B 45 17.99 3.40 35.44
CA ASP B 45 18.86 2.31 35.01
C ASP B 45 18.33 1.64 33.74
N GLY B 46 17.84 2.45 32.81
CA GLY B 46 17.35 1.92 31.56
C GLY B 46 15.97 1.31 31.62
N GLN B 47 15.35 1.31 32.79
CA GLN B 47 14.01 0.74 32.95
C GLN B 47 12.89 1.73 33.26
N ILE B 48 11.77 1.59 32.56
CA ILE B 48 10.66 2.48 32.80
C ILE B 48 10.14 2.13 34.17
N VAL B 49 9.94 3.13 35.01
CA VAL B 49 9.47 2.90 36.37
C VAL B 49 8.26 3.79 36.69
N GLY B 50 8.03 4.76 35.83
CA GLY B 50 6.92 5.69 35.99
C GLY B 50 6.30 6.07 34.65
N MET B 51 4.99 6.24 34.65
CA MET B 51 4.27 6.63 33.44
C MET B 51 3.05 7.36 33.90
N GLY B 52 2.76 8.47 33.24
CA GLY B 52 1.60 9.23 33.64
C GLY B 52 1.17 10.21 32.59
N ALA B 53 -0.01 10.76 32.82
CA ALA B 53 -0.56 11.73 31.90
C ALA B 53 -1.58 12.50 32.70
N HIS B 54 -1.93 13.67 32.20
CA HIS B 54 -2.91 14.50 32.86
C HIS B 54 -4.26 13.96 32.38
N LEU B 55 -4.99 13.28 33.27
CA LEU B 55 -6.25 12.69 32.88
C LEU B 55 -7.51 13.48 33.25
N LYS B 56 -7.42 14.36 34.24
CA LYS B 56 -8.58 15.16 34.65
C LYS B 56 -8.24 16.60 35.03
N TYR B 57 -9.17 17.52 34.76
CA TYR B 57 -8.99 18.92 35.08
C TYR B 57 -8.94 19.08 36.61
N GLY B 58 -8.12 20.03 37.06
CA GLY B 58 -8.00 20.30 38.49
C GLY B 58 -7.47 19.16 39.35
N GLU B 59 -6.96 18.12 38.71
CA GLU B 59 -6.42 16.98 39.43
C GLU B 59 -4.94 16.79 39.13
N ALA B 60 -4.35 15.75 39.72
CA ALA B 60 -2.93 15.44 39.56
C ALA B 60 -2.40 15.63 38.15
N HIS B 61 -1.23 16.27 38.08
CA HIS B 61 -0.56 16.51 36.81
C HIS B 61 0.12 15.22 36.35
N ALA B 62 0.70 15.24 35.15
CA ALA B 62 1.35 14.06 34.61
C ALA B 62 2.55 13.63 35.43
N GLU B 63 3.42 14.59 35.75
CA GLU B 63 4.62 14.30 36.52
C GLU B 63 4.26 13.66 37.87
N VAL B 64 3.16 14.11 38.46
CA VAL B 64 2.69 13.60 39.74
C VAL B 64 2.49 12.09 39.72
N HIS B 65 1.67 11.62 38.78
CA HIS B 65 1.38 10.20 38.61
C HIS B 65 2.64 9.40 38.30
N ALA B 66 3.50 9.96 37.45
CA ALA B 66 4.72 9.29 37.04
C ALA B 66 5.70 9.08 38.19
N ILE B 67 5.83 10.10 39.04
CA ILE B 67 6.75 10.04 40.17
C ILE B 67 6.26 9.23 41.36
N HIS B 68 4.95 9.19 41.57
CA HIS B 68 4.45 8.41 42.68
C HIS B 68 4.59 6.94 42.32
N MET B 69 4.38 6.64 41.03
CA MET B 69 4.49 5.29 40.49
C MET B 69 5.98 4.95 40.50
N ALA B 70 6.81 5.97 40.34
CA ALA B 70 8.25 5.80 40.32
C ALA B 70 8.77 5.34 41.68
N GLY B 71 8.01 5.65 42.74
CA GLY B 71 8.40 5.28 44.09
C GLY B 71 9.77 5.84 44.43
N ALA B 72 10.62 4.97 44.98
CA ALA B 72 11.97 5.36 45.36
C ALA B 72 12.94 5.25 44.18
N HIS B 73 12.49 4.64 43.08
CA HIS B 73 13.31 4.48 41.87
C HIS B 73 13.52 5.81 41.19
N ALA B 74 12.84 6.84 41.69
CA ALA B 74 12.93 8.19 41.15
C ALA B 74 14.30 8.81 41.44
N GLU B 75 14.88 8.44 42.57
CA GLU B 75 16.17 8.98 42.97
C GLU B 75 17.24 8.71 41.92
N GLY B 76 17.86 9.78 41.41
CA GLY B 76 18.91 9.66 40.42
C GLY B 76 18.46 9.08 39.09
N ALA B 77 17.17 9.22 38.81
CA ALA B 77 16.62 8.71 37.56
C ALA B 77 16.28 9.88 36.63
N ASP B 78 15.89 9.54 35.42
CA ASP B 78 15.52 10.54 34.42
C ASP B 78 14.01 10.65 34.34
N ILE B 79 13.54 11.72 33.70
CA ILE B 79 12.12 11.90 33.52
C ILE B 79 11.89 12.68 32.23
N TYR B 80 10.93 12.22 31.43
CA TYR B 80 10.61 12.89 30.16
C TYR B 80 9.27 13.58 30.31
N VAL B 81 9.17 14.81 29.84
CA VAL B 81 7.92 15.54 29.93
C VAL B 81 7.66 16.20 28.59
N THR B 82 6.41 16.06 28.12
CA THR B 82 5.99 16.63 26.84
C THR B 82 5.87 18.15 26.94
N LEU B 83 5.65 18.64 28.16
CA LEU B 83 5.52 20.07 28.38
C LEU B 83 6.18 20.46 29.70
N GLU B 84 7.06 21.46 29.63
CA GLU B 84 7.79 21.98 30.77
C GLU B 84 7.01 21.90 32.07
N PRO B 85 7.57 21.20 33.07
CA PRO B 85 6.93 21.03 34.38
C PRO B 85 6.56 22.37 35.02
N CYS B 86 5.40 22.44 35.68
CA CYS B 86 4.94 23.69 36.29
C CYS B 86 5.78 24.18 37.48
N SER B 87 5.67 25.48 37.76
CA SER B 87 6.36 26.10 38.88
C SER B 87 5.35 26.95 39.63
N HIS B 88 4.08 26.68 39.34
CA HIS B 88 2.90 27.33 39.92
C HIS B 88 2.85 27.09 41.43
N TYR B 89 3.47 27.96 42.22
CA TYR B 89 3.46 27.79 43.66
C TYR B 89 2.09 28.06 44.28
N GLY B 90 1.80 27.38 45.39
CA GLY B 90 0.52 27.57 46.05
C GLY B 90 -0.11 26.37 46.73
N LYS B 91 -1.30 26.00 46.25
CA LYS B 91 -2.07 24.88 46.81
C LYS B 91 -1.36 23.52 46.74
N THR B 92 -0.20 23.49 46.10
CA THR B 92 0.57 22.26 45.95
C THR B 92 2.02 22.57 45.54
N PRO B 93 2.96 21.66 45.84
CA PRO B 93 4.36 21.91 45.46
C PRO B 93 4.47 21.72 43.93
N PRO B 94 4.96 22.75 43.21
CA PRO B 94 5.10 22.66 41.76
C PRO B 94 5.76 21.36 41.29
N CYS B 95 5.32 20.84 40.15
CA CYS B 95 5.89 19.61 39.62
C CYS B 95 7.40 19.77 39.46
N ALA B 96 7.84 21.00 39.23
CA ALA B 96 9.27 21.28 39.09
C ALA B 96 9.88 20.99 40.44
N GLU B 97 9.12 21.31 41.49
CA GLU B 97 9.54 21.10 42.86
C GLU B 97 9.50 19.60 43.20
N LEU B 98 8.48 18.90 42.72
CA LEU B 98 8.35 17.46 42.97
C LEU B 98 9.49 16.72 42.28
N ILE B 99 9.93 17.26 41.14
CA ILE B 99 11.02 16.65 40.38
C ILE B 99 12.34 16.68 41.11
N ILE B 100 12.66 17.78 41.80
CA ILE B 100 13.92 17.84 42.54
C ILE B 100 13.79 17.13 43.89
N ASN B 101 12.64 17.28 44.54
CA ASN B 101 12.40 16.63 45.84
C ASN B 101 12.50 15.11 45.75
N SER B 102 12.55 14.58 44.54
CA SER B 102 12.63 13.13 44.35
C SER B 102 14.03 12.71 43.94
N GLY B 103 14.89 13.68 43.66
CA GLY B 103 16.25 13.36 43.29
C GLY B 103 16.45 13.07 41.82
N ILE B 104 15.50 13.52 40.99
CA ILE B 104 15.60 13.31 39.55
C ILE B 104 16.93 13.91 39.06
N LYS B 105 17.72 13.10 38.35
CA LYS B 105 19.02 13.55 37.83
C LYS B 105 18.82 14.54 36.68
N ARG B 106 18.32 14.06 35.56
CA ARG B 106 18.07 14.92 34.39
C ARG B 106 16.62 14.83 33.94
N VAL B 107 16.14 15.94 33.41
CA VAL B 107 14.76 16.06 32.94
C VAL B 107 14.76 16.44 31.46
N PHE B 108 13.95 15.74 30.67
CA PHE B 108 13.90 16.04 29.24
C PHE B 108 12.58 16.69 28.86
N VAL B 109 12.62 17.96 28.47
CA VAL B 109 11.41 18.68 28.08
C VAL B 109 11.36 18.89 26.54
N ALA B 110 10.20 18.63 25.95
CA ALA B 110 9.96 18.75 24.52
C ALA B 110 9.68 20.21 24.09
N MET B 111 9.15 21.00 25.01
CA MET B 111 8.83 22.40 24.73
C MET B 111 8.55 23.17 26.00
N ARG B 112 8.69 24.47 25.93
CA ARG B 112 8.46 25.33 27.09
C ARG B 112 7.00 25.76 27.17
N ASP B 113 6.57 26.07 28.38
CA ASP B 113 5.20 26.51 28.63
C ASP B 113 4.90 27.75 27.78
N PRO B 114 3.99 27.64 26.80
CA PRO B 114 3.64 28.77 25.94
C PRO B 114 3.33 30.12 26.62
N ASN B 115 2.83 30.11 27.85
CA ASN B 115 2.53 31.36 28.54
C ASN B 115 3.83 32.18 28.62
N PRO B 116 3.93 33.29 27.84
CA PRO B 116 5.08 34.20 27.76
C PRO B 116 5.98 34.38 28.99
N LEU B 117 5.40 34.85 30.10
CA LEU B 117 6.18 35.03 31.32
C LEU B 117 6.60 33.68 31.90
N VAL B 118 5.63 32.77 32.02
CA VAL B 118 5.86 31.43 32.56
C VAL B 118 6.93 30.66 31.77
N ALA B 119 7.02 30.92 30.48
CA ALA B 119 7.99 30.24 29.62
C ALA B 119 9.40 30.33 30.20
N GLY B 120 10.02 29.17 30.40
CA GLY B 120 11.37 29.09 30.93
C GLY B 120 11.52 29.00 32.42
N ARG B 121 10.52 29.49 33.16
CA ARG B 121 10.52 29.51 34.62
C ARG B 121 10.63 28.12 35.27
N GLY B 122 10.00 27.11 34.66
CA GLY B 122 10.06 25.76 35.20
C GLY B 122 11.45 25.15 34.99
N ILE B 123 12.04 25.39 33.82
CA ILE B 123 13.37 24.89 33.48
C ILE B 123 14.40 25.49 34.46
N SER B 124 14.26 26.79 34.70
CA SER B 124 15.15 27.55 35.59
C SER B 124 15.07 27.12 37.04
N MET B 125 13.89 26.71 37.48
CA MET B 125 13.70 26.27 38.84
C MET B 125 14.50 24.99 39.07
N MET B 126 14.48 24.10 38.09
CA MET B 126 15.19 22.83 38.19
C MET B 126 16.69 22.93 37.91
N LYS B 127 17.06 23.78 36.97
CA LYS B 127 18.49 23.95 36.67
C LYS B 127 19.22 24.51 37.91
N GLU B 128 18.68 25.57 38.49
CA GLU B 128 19.30 26.19 39.65
C GLU B 128 19.30 25.24 40.83
N ALA B 129 18.66 24.09 40.64
CA ALA B 129 18.62 23.08 41.69
C ALA B 129 19.70 22.04 41.34
N GLY B 130 20.40 22.27 40.23
CA GLY B 130 21.46 21.37 39.80
C GLY B 130 21.11 20.37 38.70
N ILE B 131 19.82 20.22 38.43
CA ILE B 131 19.33 19.28 37.42
C ILE B 131 19.68 19.62 35.96
N GLU B 132 20.20 18.63 35.25
CA GLU B 132 20.54 18.81 33.84
C GLU B 132 19.23 18.79 33.08
N VAL B 133 18.98 19.84 32.29
CA VAL B 133 17.75 19.92 31.54
C VAL B 133 18.01 20.03 30.03
N ARG B 134 17.47 19.05 29.30
CA ARG B 134 17.61 18.97 27.85
C ARG B 134 16.22 19.19 27.24
N GLU B 135 16.13 20.08 26.25
CA GLU B 135 14.83 20.34 25.64
C GLU B 135 14.77 20.24 24.12
N GLY B 136 13.53 20.24 23.61
CA GLY B 136 13.30 20.16 22.18
C GLY B 136 13.15 18.76 21.64
N ILE B 137 13.10 17.78 22.52
CA ILE B 137 12.98 16.39 22.09
C ILE B 137 11.58 16.17 21.54
N LEU B 138 11.50 15.93 20.23
CA LEU B 138 10.21 15.73 19.55
C LEU B 138 9.24 16.88 19.82
N ALA B 139 9.72 18.12 19.77
CA ALA B 139 8.88 19.28 20.00
C ALA B 139 7.77 19.34 18.94
N ASP B 140 8.05 18.73 17.79
CA ASP B 140 7.13 18.68 16.64
C ASP B 140 5.72 18.14 16.94
N GLN B 141 5.63 16.90 17.42
CA GLN B 141 4.33 16.33 17.74
C GLN B 141 3.81 16.88 19.07
N ALA B 142 4.74 17.33 19.91
CA ALA B 142 4.39 17.89 21.21
C ALA B 142 3.68 19.21 21.00
N GLU B 143 3.73 19.70 19.76
CA GLU B 143 3.12 20.96 19.36
C GLU B 143 1.71 20.67 18.83
N ARG B 144 1.59 19.62 18.03
CA ARG B 144 0.31 19.22 17.46
C ARG B 144 -0.56 18.66 18.60
N LEU B 145 0.09 18.25 19.68
CA LEU B 145 -0.62 17.69 20.81
C LEU B 145 -1.59 18.67 21.46
N ASN B 146 -1.16 19.91 21.69
CA ASN B 146 -2.03 20.91 22.30
C ASN B 146 -2.15 22.20 21.46
N GLU B 147 -2.38 22.00 20.17
CA GLU B 147 -2.51 23.05 19.17
C GLU B 147 -3.33 24.27 19.59
N LYS B 148 -4.55 24.09 20.08
CA LYS B 148 -5.37 25.23 20.50
C LYS B 148 -4.83 25.89 21.76
N PHE B 149 -4.60 25.08 22.79
CA PHE B 149 -4.08 25.58 24.07
C PHE B 149 -2.84 26.44 23.82
N LEU B 150 -1.88 25.90 23.07
CA LEU B 150 -0.67 26.62 22.73
C LEU B 150 -0.99 28.00 22.16
N HIS B 151 -1.64 28.02 21.00
CA HIS B 151 -2.04 29.24 20.33
C HIS B 151 -2.60 30.26 21.34
N PHE B 152 -3.60 29.83 22.10
CA PHE B 152 -4.22 30.68 23.11
C PHE B 152 -3.27 31.26 24.14
N MET B 153 -2.25 30.51 24.49
CA MET B 153 -1.30 30.96 25.49
C MET B 153 -0.31 31.94 24.85
N ARG B 154 0.16 31.60 23.65
CA ARG B 154 1.12 32.41 22.93
C ARG B 154 0.54 33.71 22.40
N THR B 155 -0.69 33.66 21.88
CA THR B 155 -1.28 34.86 21.29
C THR B 155 -2.20 35.66 22.19
N GLY B 156 -2.85 34.99 23.13
CA GLY B 156 -3.75 35.67 24.03
C GLY B 156 -5.16 35.70 23.49
N LEU B 157 -5.30 35.20 22.27
CA LEU B 157 -6.59 35.12 21.58
C LEU B 157 -6.96 33.67 21.43
N PRO B 158 -8.25 33.35 21.50
CA PRO B 158 -8.76 31.99 21.37
C PRO B 158 -8.46 31.39 19.99
N TYR B 159 -8.27 30.07 19.96
CA TYR B 159 -8.04 29.37 18.71
C TYR B 159 -9.45 29.37 18.07
N VAL B 160 -9.55 29.79 16.81
CA VAL B 160 -10.85 29.87 16.16
C VAL B 160 -11.08 28.91 15.01
N THR B 161 -12.19 28.18 15.09
CA THR B 161 -12.59 27.23 14.06
C THR B 161 -13.87 27.70 13.40
N LEU B 162 -13.81 27.89 12.08
CA LEU B 162 -14.99 28.29 11.32
C LEU B 162 -15.50 27.07 10.59
N LYS B 163 -16.78 26.76 10.79
CA LYS B 163 -17.38 25.58 10.15
C LYS B 163 -18.64 25.95 9.41
N ALA B 164 -18.79 25.42 8.22
CA ALA B 164 -19.99 25.68 7.42
C ALA B 164 -20.28 24.51 6.48
N ALA B 165 -21.56 24.36 6.13
CA ALA B 165 -21.98 23.30 5.25
C ALA B 165 -22.69 23.91 4.06
N ALA B 166 -22.45 23.37 2.87
CA ALA B 166 -23.07 23.92 1.67
C ALA B 166 -23.16 22.94 0.51
N SER B 167 -23.78 23.39 -0.57
CA SER B 167 -23.93 22.57 -1.76
C SER B 167 -22.60 22.61 -2.51
N LEU B 168 -22.47 21.78 -3.54
CA LEU B 168 -21.24 21.71 -4.32
C LEU B 168 -20.94 23.00 -5.07
N ASP B 169 -21.95 23.84 -5.28
CA ASP B 169 -21.73 25.10 -5.97
C ASP B 169 -21.58 26.27 -5.00
N GLY B 170 -21.37 25.95 -3.72
CA GLY B 170 -21.15 26.98 -2.72
C GLY B 170 -22.32 27.73 -2.15
N LYS B 171 -23.51 27.15 -2.24
CA LYS B 171 -24.67 27.82 -1.69
C LYS B 171 -24.98 27.16 -0.36
N ILE B 172 -25.55 27.92 0.58
CA ILE B 172 -25.89 27.36 1.90
C ILE B 172 -27.40 27.27 2.06
N ALA B 173 -28.12 27.55 0.97
CA ALA B 173 -29.57 27.47 0.96
C ALA B 173 -30.08 27.83 -0.42
N THR B 174 -31.37 27.62 -0.66
CA THR B 174 -31.97 27.95 -1.94
C THR B 174 -32.25 29.45 -1.92
N SER B 175 -32.82 29.99 -2.99
CA SER B 175 -33.13 31.41 -3.03
C SER B 175 -34.37 31.73 -2.20
N THR B 176 -34.98 30.73 -1.58
CA THR B 176 -36.15 30.98 -0.74
C THR B 176 -35.75 30.64 0.69
N GLY B 177 -34.44 30.52 0.88
CA GLY B 177 -33.92 30.23 2.21
C GLY B 177 -33.97 28.79 2.65
N ASP B 178 -34.52 27.92 1.81
CA ASP B 178 -34.63 26.50 2.15
C ASP B 178 -33.23 25.88 2.21
N SER B 179 -32.99 25.09 3.25
CA SER B 179 -31.71 24.42 3.39
C SER B 179 -31.86 23.16 4.23
N LYS B 180 -33.03 22.53 4.11
CA LYS B 180 -33.41 21.32 4.85
C LYS B 180 -32.51 20.07 4.69
N TRP B 181 -32.01 19.84 3.49
CA TRP B 181 -31.19 18.66 3.24
C TRP B 181 -29.77 18.88 2.68
N ILE B 182 -29.15 20.04 2.89
CA ILE B 182 -27.82 20.24 2.31
C ILE B 182 -26.87 19.07 2.58
N THR B 183 -26.40 18.93 3.81
CA THR B 183 -25.49 17.82 4.12
C THR B 183 -26.18 16.68 4.86
N SER B 184 -25.69 15.48 4.63
CA SER B 184 -26.23 14.26 5.24
C SER B 184 -26.08 14.19 6.76
N GLU B 185 -26.87 13.33 7.40
CA GLU B 185 -26.84 13.14 8.86
C GLU B 185 -25.42 12.86 9.34
N ALA B 186 -24.64 12.16 8.52
CA ALA B 186 -23.28 11.84 8.91
C ALA B 186 -22.40 13.08 9.06
N ALA B 187 -22.64 14.09 8.24
CA ALA B 187 -21.85 15.33 8.30
C ALA B 187 -22.21 16.13 9.53
N ARG B 188 -23.50 16.35 9.72
CA ARG B 188 -24.02 17.10 10.86
C ARG B 188 -23.50 16.39 12.10
N GLN B 189 -23.52 15.07 12.04
CA GLN B 189 -23.04 14.22 13.13
C GLN B 189 -21.54 14.43 13.37
N ASP B 190 -20.75 14.51 12.29
CA ASP B 190 -19.31 14.72 12.40
C ASP B 190 -19.03 16.13 12.91
N ALA B 191 -19.87 17.07 12.48
CA ALA B 191 -19.73 18.46 12.90
C ALA B 191 -19.86 18.57 14.42
N GLN B 192 -20.69 17.69 14.99
CA GLN B 192 -20.91 17.65 16.43
C GLN B 192 -19.65 17.42 17.23
N GLN B 193 -18.71 16.65 16.67
CA GLN B 193 -17.47 16.38 17.39
C GLN B 193 -16.82 17.68 17.84
N TYR B 194 -16.64 18.59 16.90
CA TYR B 194 -16.02 19.87 17.15
C TYR B 194 -16.71 20.68 18.25
N ARG B 195 -17.91 20.26 18.64
CA ARG B 195 -18.60 20.97 19.70
C ARG B 195 -18.12 20.52 21.08
N LYS B 196 -17.19 19.59 21.12
CA LYS B 196 -16.71 19.13 22.41
C LYS B 196 -15.23 19.38 22.55
N THR B 197 -14.62 19.83 21.47
CA THR B 197 -13.20 20.11 21.51
C THR B 197 -12.97 21.62 21.50
N HIS B 198 -14.03 22.38 21.75
CA HIS B 198 -13.94 23.83 21.79
C HIS B 198 -14.61 24.32 23.06
N GLN B 199 -14.04 25.34 23.69
CA GLN B 199 -14.62 25.85 24.91
C GLN B 199 -15.91 26.63 24.66
N SER B 200 -16.06 27.14 23.43
CA SER B 200 -17.25 27.91 23.10
C SER B 200 -17.75 27.69 21.68
N ILE B 201 -19.04 27.91 21.51
CA ILE B 201 -19.69 27.80 20.21
C ILE B 201 -20.23 29.19 19.94
N LEU B 202 -19.90 29.73 18.77
CA LEU B 202 -20.34 31.07 18.42
C LEU B 202 -21.09 31.13 17.09
N VAL B 203 -22.15 31.93 17.12
CA VAL B 203 -23.02 32.14 15.98
C VAL B 203 -23.67 33.52 16.09
N GLY B 204 -24.25 34.02 14.99
CA GLY B 204 -24.89 35.32 15.03
C GLY B 204 -26.33 35.19 15.49
N VAL B 205 -27.01 36.31 15.72
CA VAL B 205 -28.42 36.24 16.15
C VAL B 205 -29.31 35.67 15.06
N GLY B 206 -28.95 35.95 13.81
CA GLY B 206 -29.74 35.46 12.69
C GLY B 206 -29.94 33.96 12.76
N THR B 207 -28.88 33.26 13.15
CA THR B 207 -28.98 31.83 13.28
C THR B 207 -30.09 31.53 14.28
N VAL B 208 -29.98 32.10 15.47
CA VAL B 208 -30.98 31.89 16.52
C VAL B 208 -32.39 32.29 16.06
N LYS B 209 -32.53 33.44 15.40
CA LYS B 209 -33.86 33.87 14.94
C LYS B 209 -34.37 32.96 13.83
N ALA B 210 -33.45 32.37 13.10
CA ALA B 210 -33.80 31.50 11.99
C ALA B 210 -34.08 30.05 12.36
N ASP B 211 -33.19 29.46 13.15
CA ASP B 211 -33.31 28.06 13.55
C ASP B 211 -33.62 27.82 15.02
N ASN B 212 -33.29 28.79 15.87
CA ASN B 212 -33.51 28.64 17.30
C ASN B 212 -32.82 27.37 17.76
N PRO B 213 -31.53 27.24 17.47
CA PRO B 213 -30.73 26.08 17.84
C PRO B 213 -30.52 26.07 19.35
N SER B 214 -30.03 24.94 19.85
CA SER B 214 -29.77 24.80 21.27
C SER B 214 -28.25 24.93 21.45
N LEU B 215 -27.53 24.66 20.36
CA LEU B 215 -26.09 24.77 20.35
C LEU B 215 -25.42 23.96 21.44
N THR B 216 -26.09 22.91 21.89
CA THR B 216 -25.54 22.04 22.93
C THR B 216 -24.95 20.76 22.35
N CYS B 217 -23.99 20.19 23.05
CA CYS B 217 -23.34 18.96 22.60
C CYS B 217 -24.18 17.74 22.97
N ARG B 218 -24.82 17.14 21.97
CA ARG B 218 -25.70 15.98 22.15
C ARG B 218 -24.97 14.65 22.33
N LEU B 219 -23.70 14.58 21.93
CA LEU B 219 -22.93 13.36 22.09
C LEU B 219 -23.05 12.81 23.51
N PRO B 220 -23.50 11.55 23.65
CA PRO B 220 -23.69 10.82 24.92
C PRO B 220 -22.45 10.53 25.76
N ASN B 221 -21.59 11.53 25.93
CA ASN B 221 -20.37 11.36 26.71
C ASN B 221 -19.88 12.73 27.18
N VAL B 222 -20.82 13.64 27.43
CA VAL B 222 -20.47 14.98 27.85
C VAL B 222 -20.75 15.25 29.31
N THR B 223 -19.96 16.18 29.87
CA THR B 223 -20.09 16.59 31.27
C THR B 223 -19.37 17.93 31.43
N LYS B 224 -19.65 18.86 30.52
CA LYS B 224 -19.07 20.19 30.55
C LYS B 224 -19.39 20.98 29.28
N GLN B 225 -20.67 21.32 29.12
CA GLN B 225 -21.15 22.06 27.95
C GLN B 225 -20.45 23.38 27.64
N PRO B 226 -20.05 23.58 26.37
CA PRO B 226 -19.36 24.80 25.93
C PRO B 226 -20.19 26.06 26.09
N VAL B 227 -19.52 27.21 26.15
CA VAL B 227 -20.22 28.48 26.27
C VAL B 227 -20.82 28.80 24.89
N ARG B 228 -22.08 29.20 24.90
CA ARG B 228 -22.80 29.53 23.69
C ARG B 228 -22.77 31.04 23.48
N VAL B 229 -21.89 31.49 22.60
CA VAL B 229 -21.77 32.90 22.34
C VAL B 229 -22.66 33.35 21.17
N ILE B 230 -23.27 34.52 21.32
CA ILE B 230 -24.14 35.09 20.31
C ILE B 230 -23.72 36.52 20.01
N LEU B 231 -23.51 36.83 18.73
CA LEU B 231 -23.15 38.19 18.36
C LEU B 231 -24.51 38.77 17.95
N ASP B 232 -25.02 39.69 18.77
CA ASP B 232 -26.31 40.31 18.55
C ASP B 232 -26.18 41.83 18.62
N THR B 233 -25.72 42.45 17.53
CA THR B 233 -25.55 43.90 17.49
C THR B 233 -26.62 44.75 18.16
N VAL B 234 -27.87 44.53 17.75
CA VAL B 234 -28.98 45.32 18.26
C VAL B 234 -29.86 44.72 19.38
N LEU B 235 -29.49 43.51 19.81
CA LEU B 235 -30.20 42.75 20.85
C LEU B 235 -31.63 42.34 20.50
N SER B 236 -31.81 41.87 19.26
CA SER B 236 -33.11 41.42 18.75
C SER B 236 -33.36 39.92 18.98
N ILE B 237 -32.45 39.26 19.67
CA ILE B 237 -32.60 37.84 19.95
C ILE B 237 -33.99 37.59 20.53
N PRO B 238 -34.70 36.56 20.06
CA PRO B 238 -36.03 36.25 20.57
C PRO B 238 -35.93 35.79 22.00
N GLU B 239 -36.65 36.45 22.90
CA GLU B 239 -36.58 36.12 24.31
C GLU B 239 -36.98 34.71 24.72
N ASP B 240 -37.80 34.06 23.92
CA ASP B 240 -38.24 32.70 24.25
C ASP B 240 -37.27 31.62 23.75
N ALA B 241 -36.29 32.02 22.95
CA ALA B 241 -35.32 31.10 22.38
C ALA B 241 -34.63 30.14 23.37
N LYS B 242 -34.50 28.89 22.94
CA LYS B 242 -33.88 27.85 23.75
C LYS B 242 -32.56 28.31 24.34
N VAL B 243 -31.79 29.06 23.56
CA VAL B 243 -30.48 29.51 24.02
C VAL B 243 -30.56 30.42 25.24
N ILE B 244 -31.78 30.77 25.64
CA ILE B 244 -31.99 31.63 26.78
C ILE B 244 -32.82 30.90 27.84
N CYS B 245 -33.81 30.14 27.39
CA CYS B 245 -34.72 29.43 28.28
C CYS B 245 -34.42 27.98 28.68
N ASP B 246 -33.98 27.15 27.74
CA ASP B 246 -33.70 25.75 28.10
C ASP B 246 -32.66 25.64 29.22
N GLN B 247 -32.00 26.75 29.50
CA GLN B 247 -30.95 26.83 30.50
C GLN B 247 -30.19 25.52 30.77
N ILE B 248 -29.71 24.91 29.69
CA ILE B 248 -28.94 23.68 29.75
C ILE B 248 -27.45 24.02 29.82
N ALA B 249 -27.07 25.11 29.15
CA ALA B 249 -25.68 25.53 29.13
C ALA B 249 -25.52 27.06 29.18
N PRO B 250 -24.27 27.55 29.28
CA PRO B 250 -23.94 28.98 29.35
C PRO B 250 -24.22 29.74 28.06
N THR B 251 -24.81 30.92 28.21
CA THR B 251 -25.15 31.76 27.07
C THR B 251 -24.69 33.21 27.27
N TRP B 252 -23.76 33.63 26.43
CA TRP B 252 -23.22 34.99 26.44
C TRP B 252 -23.63 35.74 25.14
N ILE B 253 -24.12 36.97 25.29
CA ILE B 253 -24.54 37.79 24.14
C ILE B 253 -23.71 39.07 24.06
N PHE B 254 -23.22 39.36 22.85
CA PHE B 254 -22.43 40.57 22.65
C PHE B 254 -23.21 41.64 21.86
N THR B 255 -23.65 42.69 22.53
CA THR B 255 -24.37 43.76 21.86
C THR B 255 -23.60 45.03 21.99
N THR B 256 -24.25 46.10 21.58
CA THR B 256 -23.68 47.43 21.64
C THR B 256 -24.62 48.26 22.52
N ALA B 257 -24.39 49.57 22.55
CA ALA B 257 -25.20 50.48 23.33
C ALA B 257 -26.55 50.65 22.64
N ARG B 258 -26.75 49.95 21.52
CA ARG B 258 -28.02 50.05 20.83
C ARG B 258 -29.02 49.05 21.38
N ALA B 259 -28.58 48.26 22.36
CA ALA B 259 -29.44 47.28 23.02
C ALA B 259 -30.46 48.02 23.90
N ASP B 260 -31.59 47.35 24.14
CA ASP B 260 -32.64 47.91 24.96
C ASP B 260 -32.25 47.64 26.40
N GLU B 261 -32.18 48.69 27.20
CA GLU B 261 -31.79 48.51 28.59
C GLU B 261 -32.66 47.49 29.31
N GLU B 262 -33.96 47.73 29.37
CA GLU B 262 -34.86 46.80 30.06
C GLU B 262 -34.69 45.34 29.60
N LYS B 263 -34.50 45.13 28.30
CA LYS B 263 -34.35 43.77 27.78
C LYS B 263 -33.11 43.09 28.35
N LYS B 264 -31.97 43.78 28.33
CA LYS B 264 -30.75 43.19 28.88
C LYS B 264 -31.03 42.79 30.33
N LYS B 265 -31.83 43.59 31.02
CA LYS B 265 -32.21 43.34 32.40
C LYS B 265 -33.04 42.05 32.45
N ARG B 266 -34.05 41.98 31.57
CA ARG B 266 -34.92 40.81 31.51
C ARG B 266 -34.17 39.53 31.18
N LEU B 267 -33.20 39.61 30.28
CA LEU B 267 -32.42 38.43 29.88
C LEU B 267 -31.44 38.03 30.97
N SER B 268 -30.68 38.99 31.48
CA SER B 268 -29.69 38.71 32.52
C SER B 268 -30.35 37.94 33.66
N ALA B 269 -31.63 38.20 33.83
CA ALA B 269 -32.42 37.55 34.86
C ALA B 269 -32.35 36.04 34.64
N PHE B 270 -32.53 35.60 33.40
CA PHE B 270 -32.47 34.18 33.09
C PHE B 270 -31.05 33.66 33.22
N GLY B 271 -30.14 34.49 33.71
CA GLY B 271 -28.77 34.06 33.86
C GLY B 271 -27.90 34.24 32.64
N VAL B 272 -28.35 35.07 31.71
CA VAL B 272 -27.59 35.32 30.50
C VAL B 272 -26.53 36.40 30.69
N ASN B 273 -25.30 36.10 30.30
CA ASN B 273 -24.21 37.07 30.40
C ASN B 273 -24.31 37.98 29.20
N ILE B 274 -24.38 39.28 29.45
CA ILE B 274 -24.46 40.25 28.39
C ILE B 274 -23.28 41.18 28.42
N PHE B 275 -22.49 41.17 27.35
CA PHE B 275 -21.32 42.02 27.22
C PHE B 275 -21.68 43.19 26.30
N THR B 276 -21.57 44.42 26.79
CA THR B 276 -21.88 45.58 25.95
C THR B 276 -20.57 46.15 25.40
N LEU B 277 -20.38 46.01 24.10
CA LEU B 277 -19.17 46.51 23.48
C LEU B 277 -19.22 48.03 23.41
N GLU B 278 -18.06 48.66 23.58
CA GLU B 278 -18.01 50.11 23.55
C GLU B 278 -18.05 50.71 22.16
N THR B 279 -17.89 49.87 21.14
CA THR B 279 -17.95 50.35 19.77
C THR B 279 -19.43 50.33 19.36
N GLU B 280 -19.78 50.95 18.24
CA GLU B 280 -21.19 50.98 17.84
C GLU B 280 -21.57 49.77 16.99
N ARG B 281 -20.57 49.09 16.47
CA ARG B 281 -20.79 47.88 15.70
C ARG B 281 -19.93 46.84 16.39
N ILE B 282 -20.18 45.56 16.13
CA ILE B 282 -19.42 44.51 16.77
C ILE B 282 -18.14 44.21 16.01
N GLN B 283 -16.99 44.32 16.68
CA GLN B 283 -15.72 44.02 16.03
C GLN B 283 -15.26 42.68 16.57
N ILE B 284 -15.05 41.72 15.67
CA ILE B 284 -14.62 40.38 16.07
C ILE B 284 -13.40 40.40 16.98
N PRO B 285 -12.36 41.17 16.61
CA PRO B 285 -11.13 41.26 17.42
C PRO B 285 -11.43 41.67 18.86
N ASP B 286 -12.33 42.63 19.04
CA ASP B 286 -12.68 43.07 20.37
C ASP B 286 -13.36 41.92 21.13
N VAL B 287 -14.24 41.20 20.45
CA VAL B 287 -14.97 40.09 21.05
C VAL B 287 -14.05 38.95 21.47
N LEU B 288 -13.11 38.62 20.59
CA LEU B 288 -12.17 37.56 20.89
C LEU B 288 -11.32 37.92 22.10
N LYS B 289 -10.85 39.16 22.15
CA LYS B 289 -10.03 39.61 23.27
C LYS B 289 -10.79 39.38 24.57
N ILE B 290 -12.06 39.79 24.60
CA ILE B 290 -12.87 39.62 25.80
C ILE B 290 -13.04 38.14 26.19
N LEU B 291 -13.27 37.28 25.20
CA LEU B 291 -13.46 35.87 25.49
C LEU B 291 -12.22 35.24 26.11
N ALA B 292 -11.05 35.77 25.75
CA ALA B 292 -9.81 35.25 26.31
C ALA B 292 -9.69 35.76 27.74
N GLU B 293 -9.95 37.06 27.92
CA GLU B 293 -9.90 37.69 29.23
C GLU B 293 -10.86 36.97 30.18
N GLU B 294 -11.88 36.32 29.63
CA GLU B 294 -12.85 35.60 30.44
C GLU B 294 -12.51 34.11 30.55
N GLY B 295 -11.40 33.69 29.95
CA GLY B 295 -11.02 32.29 30.05
C GLY B 295 -11.43 31.31 28.94
N ILE B 296 -11.94 31.81 27.83
CA ILE B 296 -12.30 30.94 26.71
C ILE B 296 -11.03 30.77 25.89
N MET B 297 -10.64 29.53 25.60
CA MET B 297 -9.42 29.26 24.83
C MET B 297 -9.66 28.83 23.39
N SER B 298 -10.93 28.60 23.06
CA SER B 298 -11.28 28.16 21.71
C SER B 298 -12.75 28.42 21.45
N VAL B 299 -13.05 28.77 20.19
CA VAL B 299 -14.41 29.04 19.77
C VAL B 299 -14.71 28.35 18.43
N TYR B 300 -15.86 27.68 18.39
CA TYR B 300 -16.30 26.99 17.18
C TYR B 300 -17.37 27.89 16.57
N VAL B 301 -16.97 28.70 15.59
CA VAL B 301 -17.89 29.61 14.95
C VAL B 301 -18.72 28.88 13.90
N GLU B 302 -19.93 28.49 14.26
CA GLU B 302 -20.80 27.76 13.33
C GLU B 302 -21.55 28.57 12.30
N GLY B 303 -22.29 29.57 12.74
CA GLY B 303 -23.09 30.28 11.77
C GLY B 303 -23.14 31.77 11.59
N GLY B 304 -23.76 32.09 10.45
CA GLY B 304 -23.93 33.43 9.98
C GLY B 304 -22.86 33.57 8.92
N SER B 305 -23.21 33.43 7.64
CA SER B 305 -22.22 33.60 6.59
C SER B 305 -21.66 35.02 6.74
N ALA B 306 -22.46 35.92 7.33
CA ALA B 306 -22.02 37.29 7.57
C ALA B 306 -20.98 37.25 8.68
N VAL B 307 -21.28 36.44 9.70
CA VAL B 307 -20.37 36.28 10.82
C VAL B 307 -19.09 35.65 10.32
N HIS B 308 -19.20 34.65 9.48
CA HIS B 308 -18.01 34.02 8.95
C HIS B 308 -17.24 35.07 8.18
N GLY B 309 -17.95 35.84 7.36
CA GLY B 309 -17.31 36.88 6.58
C GLY B 309 -16.50 37.85 7.43
N SER B 310 -17.08 38.30 8.53
CA SER B 310 -16.39 39.23 9.42
C SER B 310 -15.11 38.57 9.95
N PHE B 311 -15.20 37.28 10.29
CA PHE B 311 -14.03 36.57 10.78
C PHE B 311 -12.96 36.45 9.71
N VAL B 312 -13.37 36.04 8.52
CA VAL B 312 -12.42 35.87 7.42
C VAL B 312 -11.73 37.17 7.03
N LYS B 313 -12.51 38.25 6.96
CA LYS B 313 -12.00 39.57 6.60
C LYS B 313 -10.96 40.11 7.59
N GLU B 314 -11.15 39.81 8.87
CA GLU B 314 -10.23 40.27 9.92
C GLU B 314 -9.08 39.33 10.16
N GLY B 315 -9.10 38.20 9.45
CA GLY B 315 -8.06 37.21 9.60
C GLY B 315 -8.08 36.65 11.00
N CYS B 316 -9.27 36.37 11.51
CA CYS B 316 -9.41 35.86 12.86
C CYS B 316 -9.71 34.38 12.99
N PHE B 317 -9.09 33.57 12.13
CA PHE B 317 -9.34 32.15 12.22
C PHE B 317 -8.06 31.36 12.05
N GLN B 318 -8.00 30.22 12.75
CA GLN B 318 -6.84 29.35 12.69
C GLN B 318 -7.11 28.16 11.79
N GLU B 319 -8.39 27.83 11.63
CA GLU B 319 -8.82 26.69 10.83
C GLU B 319 -10.18 26.89 10.17
N ILE B 320 -10.33 26.38 8.96
CA ILE B 320 -11.58 26.47 8.22
C ILE B 320 -12.08 25.05 7.83
N ILE B 321 -13.35 24.76 8.10
CA ILE B 321 -13.92 23.45 7.76
C ILE B 321 -15.25 23.59 7.01
N PHE B 322 -15.25 23.16 5.75
CA PHE B 322 -16.45 23.22 4.92
C PHE B 322 -16.92 21.82 4.53
N TYR B 323 -18.22 21.55 4.68
CA TYR B 323 -18.77 20.26 4.25
C TYR B 323 -19.53 20.54 2.97
N PHE B 324 -19.21 19.80 1.91
CA PHE B 324 -19.87 19.94 0.63
C PHE B 324 -20.72 18.70 0.35
N ALA B 325 -21.91 18.91 -0.22
CA ALA B 325 -22.80 17.81 -0.55
C ALA B 325 -22.86 17.65 -2.06
N PRO B 326 -23.13 16.42 -2.54
CA PRO B 326 -23.21 16.17 -3.98
C PRO B 326 -24.55 16.71 -4.42
N LYS B 327 -24.68 18.04 -4.44
CA LYS B 327 -25.92 18.69 -4.84
C LYS B 327 -25.60 20.08 -5.38
N LEU B 328 -26.28 20.44 -6.46
CA LEU B 328 -26.11 21.75 -7.06
C LEU B 328 -27.43 22.54 -6.83
N ILE B 329 -27.35 23.63 -6.05
CA ILE B 329 -28.54 24.46 -5.74
C ILE B 329 -28.80 25.55 -6.78
N GLY B 330 -27.76 26.32 -7.12
CA GLY B 330 -27.91 27.39 -8.10
C GLY B 330 -28.71 28.56 -7.56
N GLY B 331 -28.81 29.63 -8.35
CA GLY B 331 -29.55 30.80 -7.91
C GLY B 331 -28.69 32.04 -7.72
N THR B 332 -28.94 33.06 -8.55
CA THR B 332 -28.20 34.31 -8.48
C THR B 332 -28.36 34.85 -7.07
N HIS B 333 -29.55 34.67 -6.51
CA HIS B 333 -29.88 35.17 -5.18
C HIS B 333 -29.80 34.13 -4.06
N ALA B 334 -29.31 32.94 -4.35
CA ALA B 334 -29.18 31.93 -3.28
C ALA B 334 -27.95 32.35 -2.50
N PRO B 335 -28.03 32.32 -1.16
CA PRO B 335 -26.98 32.67 -0.19
C PRO B 335 -25.71 31.82 -0.25
N SER B 336 -24.56 32.48 -0.34
CA SER B 336 -23.28 31.81 -0.41
C SER B 336 -22.66 31.57 0.95
N LEU B 337 -21.53 30.86 0.92
CA LEU B 337 -20.77 30.51 2.11
C LEU B 337 -20.24 31.68 2.90
N ILE B 338 -19.46 32.53 2.25
CA ILE B 338 -18.85 33.68 2.90
C ILE B 338 -19.57 34.93 2.41
N SER B 339 -20.41 35.50 3.29
CA SER B 339 -21.19 36.71 3.00
C SER B 339 -20.37 37.92 3.45
N GLY B 340 -21.02 39.08 3.55
CA GLY B 340 -20.33 40.29 3.99
C GLY B 340 -19.52 41.06 2.95
N GLU B 341 -18.49 41.79 3.41
CA GLU B 341 -17.64 42.60 2.53
C GLU B 341 -16.82 41.86 1.48
N GLY B 342 -15.94 40.98 1.94
CA GLY B 342 -15.12 40.23 0.99
C GLY B 342 -13.98 41.05 0.42
N PHE B 343 -12.96 40.38 -0.10
CA PHE B 343 -11.81 41.06 -0.67
C PHE B 343 -12.09 41.57 -2.07
N GLN B 344 -11.56 42.76 -2.37
CA GLN B 344 -11.75 43.41 -3.66
C GLN B 344 -10.94 42.86 -4.82
N SER B 345 -9.67 42.56 -4.56
CA SER B 345 -8.78 42.04 -5.58
C SER B 345 -8.02 40.81 -5.12
N MET B 346 -7.86 39.86 -6.03
CA MET B 346 -7.16 38.61 -5.74
C MET B 346 -5.77 38.82 -5.15
N LYS B 347 -5.15 39.96 -5.45
CA LYS B 347 -3.82 40.26 -4.93
C LYS B 347 -3.92 40.48 -3.43
N ASP B 348 -5.15 40.47 -2.91
CA ASP B 348 -5.37 40.70 -1.50
C ASP B 348 -6.09 39.59 -0.75
N VAL B 349 -6.48 38.53 -1.44
CA VAL B 349 -7.14 37.42 -0.76
C VAL B 349 -6.02 36.51 -0.26
N PRO B 350 -5.95 36.31 1.06
CA PRO B 350 -4.91 35.47 1.65
C PRO B 350 -4.96 34.02 1.13
N LEU B 351 -3.77 33.46 0.90
CA LEU B 351 -3.65 32.10 0.40
C LEU B 351 -3.68 31.16 1.61
N LEU B 352 -4.57 30.17 1.53
CA LEU B 352 -4.69 29.17 2.60
C LEU B 352 -3.98 27.92 2.12
N GLN B 353 -4.15 26.83 2.86
CA GLN B 353 -3.55 25.57 2.48
C GLN B 353 -4.43 24.45 2.97
N PHE B 354 -4.70 23.50 2.08
CA PHE B 354 -5.55 22.37 2.44
C PHE B 354 -4.78 21.45 3.38
N THR B 355 -5.42 21.18 4.52
CA THR B 355 -4.84 20.33 5.58
C THR B 355 -5.38 18.91 5.54
N ASP B 356 -6.62 18.78 5.09
CA ASP B 356 -7.23 17.47 5.04
C ASP B 356 -8.47 17.47 4.18
N ILE B 357 -8.75 16.33 3.57
CA ILE B 357 -9.89 16.16 2.70
C ILE B 357 -10.41 14.75 2.85
N THR B 358 -11.33 14.54 3.80
CA THR B 358 -11.88 13.19 4.00
C THR B 358 -13.38 13.16 3.75
N GLN B 359 -13.84 12.07 3.15
CA GLN B 359 -15.25 11.95 2.87
C GLN B 359 -16.02 11.52 4.10
N ILE B 360 -17.21 12.08 4.27
CA ILE B 360 -18.08 11.71 5.39
C ILE B 360 -19.43 11.37 4.79
N GLY B 361 -19.68 10.08 4.64
CA GLY B 361 -20.93 9.67 4.04
C GLY B 361 -20.83 10.07 2.58
N ARG B 362 -21.91 10.62 2.02
CA ARG B 362 -21.91 11.02 0.62
C ARG B 362 -21.31 12.40 0.36
N ASP B 363 -21.06 13.18 1.41
CA ASP B 363 -20.49 14.52 1.27
C ASP B 363 -18.96 14.50 1.39
N ILE B 364 -18.37 15.66 1.17
CA ILE B 364 -16.92 15.82 1.25
C ILE B 364 -16.55 16.90 2.27
N LYS B 365 -15.62 16.57 3.15
CA LYS B 365 -15.21 17.50 4.18
C LYS B 365 -13.79 18.03 3.96
N LEU B 366 -13.72 19.32 3.59
CA LEU B 366 -12.46 19.99 3.35
C LEU B 366 -12.09 20.85 4.55
N THR B 367 -10.79 20.89 4.84
CA THR B 367 -10.32 21.69 5.95
C THR B 367 -9.00 22.36 5.58
N ALA B 368 -8.96 23.70 5.71
CA ALA B 368 -7.79 24.47 5.35
C ALA B 368 -7.34 25.34 6.50
N LYS B 369 -6.09 25.80 6.42
CA LYS B 369 -5.50 26.66 7.44
C LYS B 369 -4.70 27.81 6.82
N PRO B 370 -4.57 28.92 7.57
CA PRO B 370 -3.86 30.14 7.21
C PRO B 370 -2.43 30.01 6.67
N THR B 371 -1.99 31.07 6.00
CA THR B 371 -0.67 31.20 5.36
C THR B 371 -0.36 30.08 4.37
N MET C 13 6.84 9.59 -25.36
CA MET C 13 6.15 9.04 -26.55
C MET C 13 7.03 8.05 -27.27
N GLU C 14 8.26 8.48 -27.55
CA GLU C 14 9.24 7.64 -28.22
C GLU C 14 9.21 6.25 -27.59
N GLU C 15 9.30 6.22 -26.26
CA GLU C 15 9.30 4.97 -25.51
C GLU C 15 7.92 4.35 -25.32
N TYR C 16 6.86 5.13 -25.44
CA TYR C 16 5.54 4.55 -25.27
C TYR C 16 5.32 3.50 -26.35
N TYR C 17 5.67 3.87 -27.58
CA TYR C 17 5.51 2.96 -28.71
C TYR C 17 6.35 1.70 -28.55
N MET C 18 7.60 1.88 -28.15
CA MET C 18 8.50 0.74 -27.95
C MET C 18 7.96 -0.18 -26.85
N LYS C 19 7.25 0.42 -25.90
CA LYS C 19 6.68 -0.36 -24.80
C LYS C 19 5.58 -1.25 -25.36
N LEU C 20 4.70 -0.64 -26.13
CA LEU C 20 3.59 -1.33 -26.77
C LEU C 20 4.13 -2.46 -27.63
N ALA C 21 5.24 -2.22 -28.30
CA ALA C 21 5.85 -3.24 -29.13
C ALA C 21 6.22 -4.40 -28.21
N LEU C 22 6.97 -4.08 -27.16
CA LEU C 22 7.37 -5.11 -26.22
C LEU C 22 6.14 -5.85 -25.71
N ASP C 23 5.06 -5.11 -25.52
CA ASP C 23 3.83 -5.71 -25.03
C ASP C 23 3.24 -6.65 -26.06
N LEU C 24 3.28 -6.26 -27.33
CA LEU C 24 2.74 -7.12 -28.37
C LEU C 24 3.59 -8.40 -28.42
N ALA C 25 4.90 -8.23 -28.29
CA ALA C 25 5.82 -9.35 -28.35
C ALA C 25 5.58 -10.42 -27.28
N LYS C 26 5.28 -9.99 -26.07
CA LYS C 26 5.08 -10.96 -25.02
C LYS C 26 3.95 -11.92 -25.34
N GLN C 27 3.09 -11.53 -26.27
CA GLN C 27 1.93 -12.33 -26.66
C GLN C 27 2.26 -13.65 -27.34
N GLY C 28 3.41 -13.72 -27.99
CA GLY C 28 3.77 -14.95 -28.67
C GLY C 28 4.56 -15.89 -27.77
N GLU C 29 4.64 -15.55 -26.50
CA GLU C 29 5.38 -16.37 -25.54
C GLU C 29 4.95 -17.84 -25.54
N GLY C 30 5.92 -18.72 -25.72
CA GLY C 30 5.64 -20.14 -25.74
C GLY C 30 5.13 -20.67 -27.07
N GLN C 31 4.77 -19.77 -27.97
CA GLN C 31 4.25 -20.19 -29.26
C GLN C 31 5.28 -20.14 -30.37
N THR C 32 6.47 -19.64 -30.05
CA THR C 32 7.51 -19.50 -31.07
C THR C 32 8.61 -20.54 -31.08
N GLU C 33 8.50 -21.56 -30.25
CA GLU C 33 9.52 -22.60 -30.19
C GLU C 33 10.86 -21.94 -29.91
N SER C 34 11.84 -22.19 -30.77
CA SER C 34 13.18 -21.63 -30.59
C SER C 34 13.36 -20.22 -31.14
N ASN C 35 12.28 -19.57 -31.55
CA ASN C 35 12.39 -18.21 -32.08
C ASN C 35 12.18 -17.12 -31.05
N PRO C 36 12.84 -15.98 -31.26
CA PRO C 36 12.72 -14.85 -30.33
C PRO C 36 11.37 -14.13 -30.45
N LEU C 37 10.90 -13.58 -29.34
CA LEU C 37 9.65 -12.83 -29.33
C LEU C 37 10.00 -11.46 -29.86
N VAL C 38 9.17 -10.93 -30.75
CA VAL C 38 9.45 -9.62 -31.30
C VAL C 38 8.16 -8.86 -31.52
N GLY C 39 8.18 -7.57 -31.25
CA GLY C 39 7.00 -6.75 -31.43
C GLY C 39 7.30 -5.63 -32.40
N ALA C 40 6.29 -4.91 -32.87
CA ALA C 40 6.52 -3.83 -33.81
C ALA C 40 5.32 -2.89 -33.88
N VAL C 41 5.60 -1.59 -33.90
CA VAL C 41 4.56 -0.59 -33.98
C VAL C 41 4.87 0.44 -35.09
N VAL C 42 3.94 0.62 -36.01
CA VAL C 42 4.12 1.58 -37.09
C VAL C 42 3.31 2.83 -36.71
N VAL C 43 4.01 3.96 -36.64
CA VAL C 43 3.39 5.22 -36.27
C VAL C 43 3.43 6.25 -37.42
N LYS C 44 2.24 6.63 -37.89
CA LYS C 44 2.11 7.60 -38.98
C LYS C 44 1.45 8.88 -38.46
N ASP C 45 2.08 10.02 -38.73
CA ASP C 45 1.55 11.31 -38.28
C ASP C 45 0.96 11.20 -36.87
N GLY C 46 1.80 10.79 -35.93
CA GLY C 46 1.34 10.66 -34.56
C GLY C 46 0.16 9.73 -34.30
N GLN C 47 0.09 8.62 -35.04
CA GLN C 47 -1.01 7.66 -34.85
C GLN C 47 -0.59 6.22 -35.13
N ILE C 48 -1.01 5.34 -34.24
CA ILE C 48 -0.72 3.91 -34.34
C ILE C 48 -1.53 3.35 -35.50
N VAL C 49 -0.83 2.83 -36.51
CA VAL C 49 -1.50 2.28 -37.69
C VAL C 49 -1.16 0.83 -37.96
N GLY C 50 -0.15 0.32 -37.26
CA GLY C 50 0.24 -1.06 -37.43
C GLY C 50 0.74 -1.59 -36.09
N MET C 51 0.51 -2.87 -35.86
CA MET C 51 0.94 -3.49 -34.63
C MET C 51 1.09 -4.94 -34.99
N GLY C 52 2.21 -5.54 -34.57
CA GLY C 52 2.44 -6.94 -34.86
C GLY C 52 3.42 -7.58 -33.90
N ALA C 53 3.30 -8.89 -33.77
CA ALA C 53 4.19 -9.66 -32.92
C ALA C 53 4.46 -10.93 -33.71
N HIS C 54 5.44 -11.71 -33.27
CA HIS C 54 5.71 -12.97 -33.95
C HIS C 54 4.98 -13.97 -33.07
N LEU C 55 3.86 -14.50 -33.56
CA LEU C 55 3.07 -15.43 -32.77
C LEU C 55 3.32 -16.92 -32.96
N LYS C 56 3.77 -17.31 -34.14
CA LYS C 56 3.98 -18.73 -34.38
C LYS C 56 5.25 -19.11 -35.10
N TYR C 57 5.89 -20.16 -34.57
CA TYR C 57 7.13 -20.67 -35.14
C TYR C 57 7.07 -20.77 -36.65
N GLY C 58 8.12 -20.29 -37.30
CA GLY C 58 8.21 -20.34 -38.74
C GLY C 58 7.17 -19.59 -39.54
N GLU C 59 6.47 -18.65 -38.92
CA GLU C 59 5.45 -17.89 -39.65
C GLU C 59 5.82 -16.41 -39.71
N ALA C 60 4.91 -15.60 -40.23
CA ALA C 60 5.14 -14.17 -40.36
C ALA C 60 5.85 -13.51 -39.18
N HIS C 61 6.73 -12.57 -39.52
CA HIS C 61 7.48 -11.82 -38.54
C HIS C 61 6.67 -10.64 -38.02
N ALA C 62 7.17 -10.03 -36.94
CA ALA C 62 6.52 -8.89 -36.30
C ALA C 62 6.28 -7.74 -37.27
N GLU C 63 7.35 -7.41 -37.99
CA GLU C 63 7.33 -6.31 -38.92
C GLU C 63 6.38 -6.58 -40.05
N VAL C 64 6.31 -7.84 -40.45
CA VAL C 64 5.44 -8.24 -41.54
C VAL C 64 3.98 -7.98 -41.18
N HIS C 65 3.61 -8.33 -39.97
CA HIS C 65 2.24 -8.11 -39.54
C HIS C 65 1.90 -6.64 -39.45
N ALA C 66 2.78 -5.86 -38.84
CA ALA C 66 2.55 -4.43 -38.68
C ALA C 66 2.52 -3.68 -40.01
N ILE C 67 3.45 -4.02 -40.89
CA ILE C 67 3.53 -3.39 -42.19
C ILE C 67 2.26 -3.63 -43.00
N HIS C 68 1.74 -4.84 -42.94
CA HIS C 68 0.52 -5.16 -43.65
C HIS C 68 -0.57 -4.27 -43.09
N MET C 69 -0.84 -4.43 -41.80
CA MET C 69 -1.87 -3.66 -41.12
C MET C 69 -1.85 -2.18 -41.48
N ALA C 70 -0.66 -1.59 -41.42
CA ALA C 70 -0.46 -0.17 -41.71
C ALA C 70 -0.74 0.18 -43.16
N GLY C 71 -0.47 -0.76 -44.06
CA GLY C 71 -0.70 -0.54 -45.48
C GLY C 71 -0.16 0.78 -46.01
N ALA C 72 -1.03 1.51 -46.69
CA ALA C 72 -0.69 2.79 -47.29
C ALA C 72 0.01 3.73 -46.34
N HIS C 73 -0.40 3.70 -45.08
CA HIS C 73 0.16 4.57 -44.06
C HIS C 73 1.63 4.32 -43.77
N ALA C 74 2.12 3.16 -44.17
CA ALA C 74 3.52 2.79 -43.94
C ALA C 74 4.48 3.81 -44.54
N GLU C 75 4.11 4.37 -45.69
CA GLU C 75 4.98 5.33 -46.35
C GLU C 75 5.20 6.63 -45.57
N GLY C 76 6.46 6.88 -45.27
CA GLY C 76 6.83 8.08 -44.55
C GLY C 76 6.50 8.00 -43.07
N ALA C 77 6.31 6.78 -42.57
CA ALA C 77 6.00 6.59 -41.16
C ALA C 77 7.21 6.08 -40.40
N ASP C 78 7.02 5.86 -39.10
CA ASP C 78 8.09 5.34 -38.25
C ASP C 78 7.70 3.92 -37.89
N ILE C 79 8.65 3.18 -37.35
CA ILE C 79 8.38 1.81 -36.94
C ILE C 79 9.29 1.48 -35.77
N TYR C 80 8.68 1.02 -34.68
CA TYR C 80 9.43 0.64 -33.50
C TYR C 80 9.53 -0.88 -33.44
N VAL C 81 10.75 -1.39 -33.45
CA VAL C 81 10.97 -2.83 -33.41
C VAL C 81 11.84 -3.17 -32.22
N THR C 82 11.37 -4.13 -31.43
CA THR C 82 12.04 -4.60 -30.22
C THR C 82 13.34 -5.35 -30.48
N LEU C 83 13.55 -5.75 -31.72
CA LEU C 83 14.76 -6.48 -32.07
C LEU C 83 15.08 -6.15 -33.52
N GLU C 84 16.36 -5.87 -33.81
CA GLU C 84 16.84 -5.53 -35.16
C GLU C 84 16.24 -6.40 -36.29
N PRO C 85 15.56 -5.77 -37.26
CA PRO C 85 14.95 -6.47 -38.39
C PRO C 85 15.93 -7.38 -39.13
N CYS C 86 15.49 -8.58 -39.51
CA CYS C 86 16.35 -9.53 -40.22
C CYS C 86 16.83 -9.00 -41.55
N SER C 87 18.01 -9.46 -41.97
CA SER C 87 18.62 -9.00 -43.21
C SER C 87 19.18 -10.10 -44.10
N HIS C 88 18.79 -11.33 -43.85
CA HIS C 88 19.26 -12.45 -44.67
C HIS C 88 18.49 -12.44 -45.98
N TYR C 89 19.17 -12.68 -47.09
CA TYR C 89 18.51 -12.70 -48.39
C TYR C 89 18.01 -14.11 -48.77
N GLY C 90 17.26 -14.72 -47.86
CA GLY C 90 16.75 -16.06 -48.09
C GLY C 90 15.78 -16.21 -49.26
N LYS C 91 14.63 -16.83 -49.00
CA LYS C 91 13.63 -17.07 -50.03
C LYS C 91 12.54 -16.00 -50.13
N THR C 92 12.83 -14.82 -49.59
CA THR C 92 11.91 -13.67 -49.61
C THR C 92 12.67 -12.46 -49.10
N PRO C 93 12.19 -11.25 -49.40
CA PRO C 93 12.87 -10.05 -48.93
C PRO C 93 12.78 -9.95 -47.41
N PRO C 94 13.93 -9.98 -46.71
CA PRO C 94 13.89 -9.89 -45.25
C PRO C 94 13.18 -8.64 -44.77
N CYS C 95 12.83 -8.63 -43.48
CA CYS C 95 12.13 -7.52 -42.87
C CYS C 95 12.84 -6.19 -43.06
N ALA C 96 14.17 -6.22 -43.08
CA ALA C 96 14.95 -5.01 -43.25
C ALA C 96 14.59 -4.39 -44.59
N GLU C 97 14.56 -5.23 -45.61
CA GLU C 97 14.22 -4.80 -46.95
C GLU C 97 12.75 -4.37 -46.95
N LEU C 98 11.88 -5.23 -46.41
CA LEU C 98 10.45 -4.96 -46.34
C LEU C 98 10.19 -3.58 -45.74
N ILE C 99 10.92 -3.23 -44.69
CA ILE C 99 10.78 -1.92 -44.07
C ILE C 99 11.06 -0.86 -45.12
N ILE C 100 12.20 -1.05 -45.78
CA ILE C 100 12.70 -0.18 -46.84
C ILE C 100 11.68 0.04 -47.96
N ASN C 101 11.28 -1.05 -48.61
CA ASN C 101 10.31 -0.97 -49.71
C ASN C 101 8.98 -0.33 -49.31
N SER C 102 8.75 -0.18 -48.00
CA SER C 102 7.51 0.38 -47.48
C SER C 102 7.48 1.89 -47.27
N GLY C 103 8.61 2.56 -47.49
CA GLY C 103 8.62 4.01 -47.32
C GLY C 103 8.75 4.49 -45.89
N ILE C 104 8.91 3.56 -44.96
CA ILE C 104 9.06 3.94 -43.57
C ILE C 104 10.33 4.78 -43.51
N LYS C 105 10.20 6.03 -43.06
CA LYS C 105 11.35 6.92 -42.99
C LYS C 105 12.33 6.61 -41.85
N ARG C 106 11.80 6.40 -40.65
CA ARG C 106 12.61 6.12 -39.47
C ARG C 106 12.36 4.75 -38.83
N VAL C 107 13.35 4.25 -38.09
CA VAL C 107 13.24 2.97 -37.40
C VAL C 107 13.86 3.03 -36.01
N PHE C 108 13.15 2.51 -35.02
CA PHE C 108 13.64 2.50 -33.66
C PHE C 108 13.90 1.06 -33.25
N VAL C 109 15.17 0.69 -33.15
CA VAL C 109 15.52 -0.67 -32.75
C VAL C 109 15.88 -0.66 -31.27
N ALA C 110 15.30 -1.55 -30.49
CA ALA C 110 15.58 -1.60 -29.06
C ALA C 110 16.92 -2.27 -28.77
N MET C 111 17.28 -3.25 -29.60
CA MET C 111 18.53 -3.97 -29.42
C MET C 111 18.94 -4.74 -30.66
N ARG C 112 20.25 -4.83 -30.89
CA ARG C 112 20.80 -5.51 -32.05
C ARG C 112 20.75 -7.03 -31.94
N ASP C 113 20.92 -7.67 -33.09
CA ASP C 113 20.89 -9.11 -33.24
C ASP C 113 22.02 -9.74 -32.41
N PRO C 114 21.68 -10.72 -31.57
CA PRO C 114 22.66 -11.40 -30.71
C PRO C 114 23.80 -12.11 -31.44
N ASN C 115 23.57 -12.49 -32.69
CA ASN C 115 24.58 -13.19 -33.49
C ASN C 115 25.67 -12.22 -34.00
N PRO C 116 26.86 -12.23 -33.34
CA PRO C 116 28.00 -11.38 -33.69
C PRO C 116 28.24 -11.30 -35.19
N LEU C 117 27.89 -12.40 -35.87
CA LEU C 117 28.07 -12.52 -37.31
C LEU C 117 27.11 -11.62 -38.09
N VAL C 118 25.88 -11.49 -37.59
CA VAL C 118 24.86 -10.67 -38.25
C VAL C 118 24.60 -9.34 -37.55
N ALA C 119 24.79 -9.34 -36.23
CA ALA C 119 24.57 -8.16 -35.41
C ALA C 119 24.98 -6.89 -36.13
N GLY C 120 24.00 -6.18 -36.67
CA GLY C 120 24.30 -4.95 -37.37
C GLY C 120 23.96 -4.93 -38.85
N ARG C 121 24.12 -6.07 -39.52
CA ARG C 121 23.84 -6.12 -40.95
C ARG C 121 22.54 -5.37 -41.26
N GLY C 122 21.47 -5.74 -40.56
CA GLY C 122 20.19 -5.11 -40.79
C GLY C 122 20.20 -3.60 -40.66
N ILE C 123 20.66 -3.11 -39.49
CA ILE C 123 20.74 -1.68 -39.21
C ILE C 123 21.46 -0.94 -40.32
N SER C 124 22.51 -1.55 -40.85
CA SER C 124 23.29 -0.96 -41.93
C SER C 124 22.48 -0.93 -43.22
N MET C 125 22.00 -2.11 -43.62
CA MET C 125 21.19 -2.26 -44.83
C MET C 125 20.16 -1.15 -44.97
N MET C 126 19.48 -0.83 -43.86
CA MET C 126 18.46 0.20 -43.85
C MET C 126 19.04 1.61 -43.94
N LYS C 127 20.07 1.86 -43.15
CA LYS C 127 20.72 3.18 -43.12
C LYS C 127 21.31 3.47 -44.48
N GLU C 128 21.90 2.45 -45.10
CA GLU C 128 22.49 2.58 -46.42
C GLU C 128 21.41 2.79 -47.47
N ALA C 129 20.19 3.12 -47.03
CA ALA C 129 19.08 3.34 -47.96
C ALA C 129 18.29 4.61 -47.65
N GLY C 130 18.82 5.42 -46.74
CA GLY C 130 18.16 6.67 -46.40
C GLY C 130 17.34 6.57 -45.13
N ILE C 131 17.30 5.38 -44.53
CA ILE C 131 16.53 5.20 -43.32
C ILE C 131 17.30 5.69 -42.10
N GLU C 132 16.60 6.42 -41.25
CA GLU C 132 17.21 6.93 -40.03
C GLU C 132 16.99 5.87 -38.95
N VAL C 133 18.09 5.30 -38.45
CA VAL C 133 18.01 4.26 -37.44
C VAL C 133 18.53 4.69 -36.08
N ARG C 134 17.72 4.47 -35.06
CA ARG C 134 18.10 4.83 -33.70
C ARG C 134 17.86 3.61 -32.81
N GLU C 135 18.95 3.10 -32.21
CA GLU C 135 18.85 1.94 -31.33
C GLU C 135 19.02 2.25 -29.85
N GLY C 136 18.53 1.36 -29.01
CA GLY C 136 18.64 1.53 -27.57
C GLY C 136 17.34 1.73 -26.80
N ILE C 137 16.34 2.33 -27.43
CA ILE C 137 15.09 2.56 -26.72
C ILE C 137 14.61 1.32 -25.94
N LEU C 138 14.48 1.48 -24.63
CA LEU C 138 14.05 0.40 -23.75
C LEU C 138 14.83 -0.88 -23.97
N ALA C 139 16.14 -0.73 -24.15
CA ALA C 139 16.98 -1.90 -24.39
C ALA C 139 16.98 -2.90 -23.25
N ASP C 140 16.90 -2.42 -22.01
CA ASP C 140 16.91 -3.35 -20.87
C ASP C 140 15.66 -4.23 -20.82
N GLN C 141 14.51 -3.67 -21.18
CA GLN C 141 13.26 -4.44 -21.18
C GLN C 141 13.30 -5.47 -22.31
N ALA C 142 13.79 -5.05 -23.48
CA ALA C 142 13.89 -5.91 -24.65
C ALA C 142 14.89 -7.04 -24.39
N GLU C 143 15.69 -6.88 -23.34
CA GLU C 143 16.69 -7.86 -22.98
C GLU C 143 16.10 -8.91 -22.06
N ARG C 144 15.11 -8.52 -21.27
CA ARG C 144 14.47 -9.45 -20.35
C ARG C 144 13.48 -10.30 -21.12
N LEU C 145 13.02 -9.76 -22.25
CA LEU C 145 12.04 -10.43 -23.09
C LEU C 145 12.51 -11.79 -23.55
N ASN C 146 13.71 -11.83 -24.13
CA ASN C 146 14.29 -13.09 -24.63
C ASN C 146 15.57 -13.51 -23.92
N GLU C 147 15.55 -13.46 -22.59
CA GLU C 147 16.71 -13.82 -21.76
C GLU C 147 17.39 -15.11 -22.15
N LYS C 148 16.63 -16.20 -22.12
CA LYS C 148 17.21 -17.47 -22.46
C LYS C 148 17.77 -17.52 -23.87
N PHE C 149 17.03 -17.00 -24.86
CA PHE C 149 17.50 -17.00 -26.25
C PHE C 149 18.76 -16.17 -26.40
N LEU C 150 18.72 -14.93 -25.95
CA LEU C 150 19.87 -14.05 -26.03
C LEU C 150 21.13 -14.68 -25.42
N HIS C 151 20.99 -15.33 -24.28
CA HIS C 151 22.13 -15.96 -23.63
C HIS C 151 22.81 -16.94 -24.58
N PHE C 152 22.00 -17.83 -25.16
CA PHE C 152 22.47 -18.84 -26.09
C PHE C 152 23.34 -18.26 -27.20
N MET C 153 22.84 -17.22 -27.85
CA MET C 153 23.55 -16.54 -28.94
C MET C 153 24.82 -15.86 -28.44
N ARG C 154 24.67 -15.07 -27.40
CA ARG C 154 25.80 -14.34 -26.84
C ARG C 154 26.90 -15.22 -26.28
N THR C 155 26.60 -16.45 -25.89
CA THR C 155 27.62 -17.31 -25.28
C THR C 155 27.84 -18.63 -25.98
N GLY C 156 26.95 -18.99 -26.89
CA GLY C 156 27.11 -20.26 -27.57
C GLY C 156 26.81 -21.36 -26.59
N LEU C 157 26.24 -21.01 -25.45
CA LEU C 157 25.92 -22.01 -24.45
C LEU C 157 24.46 -21.96 -24.01
N PRO C 158 23.89 -23.12 -23.66
CA PRO C 158 22.50 -23.18 -23.23
C PRO C 158 22.28 -22.36 -21.95
N TYR C 159 21.10 -21.78 -21.82
CA TYR C 159 20.79 -21.04 -20.61
C TYR C 159 20.45 -22.20 -19.70
N VAL C 160 20.98 -22.20 -18.49
CA VAL C 160 20.74 -23.27 -17.54
C VAL C 160 20.03 -22.86 -16.25
N THR C 161 19.09 -23.72 -15.83
CA THR C 161 18.36 -23.50 -14.60
C THR C 161 18.44 -24.73 -13.69
N LEU C 162 18.92 -24.49 -12.47
CA LEU C 162 19.07 -25.56 -11.49
C LEU C 162 17.89 -25.44 -10.54
N LYS C 163 17.14 -26.52 -10.40
CA LYS C 163 15.96 -26.53 -9.54
C LYS C 163 16.01 -27.74 -8.64
N ALA C 164 15.65 -27.54 -7.38
CA ALA C 164 15.63 -28.63 -6.42
C ALA C 164 14.55 -28.41 -5.35
N ALA C 165 14.12 -29.51 -4.73
CA ALA C 165 13.12 -29.45 -3.67
C ALA C 165 13.85 -30.03 -2.46
N ALA C 166 13.76 -29.32 -1.35
CA ALA C 166 14.43 -29.78 -0.15
C ALA C 166 13.62 -29.49 1.09
N SER C 167 14.14 -29.94 2.22
CA SER C 167 13.49 -29.70 3.49
C SER C 167 14.02 -28.35 3.94
N LEU C 168 13.49 -27.85 5.04
CA LEU C 168 13.92 -26.56 5.53
C LEU C 168 15.39 -26.57 5.91
N ASP C 169 15.91 -27.73 6.31
CA ASP C 169 17.32 -27.80 6.67
C ASP C 169 18.23 -28.20 5.50
N GLY C 170 17.68 -28.12 4.30
CA GLY C 170 18.45 -28.40 3.10
C GLY C 170 18.70 -29.83 2.67
N LYS C 171 17.86 -30.76 3.11
CA LYS C 171 18.07 -32.16 2.71
C LYS C 171 17.08 -32.54 1.59
N ILE C 172 17.53 -33.34 0.63
CA ILE C 172 16.66 -33.74 -0.47
C ILE C 172 16.17 -35.19 -0.35
N ALA C 173 16.24 -35.71 0.86
CA ALA C 173 15.80 -37.07 1.15
C ALA C 173 16.34 -37.43 2.53
N THR C 174 15.77 -38.47 3.15
CA THR C 174 16.24 -38.90 4.47
C THR C 174 17.50 -39.73 4.27
N SER C 175 18.20 -40.00 5.36
CA SER C 175 19.43 -40.79 5.29
C SER C 175 19.15 -42.18 4.74
N THR C 176 17.89 -42.42 4.38
CA THR C 176 17.47 -43.68 3.83
C THR C 176 17.33 -43.57 2.33
N GLY C 177 17.14 -42.34 1.87
CA GLY C 177 16.99 -42.10 0.45
C GLY C 177 15.53 -41.85 0.12
N ASP C 178 14.69 -41.88 1.15
CA ASP C 178 13.27 -41.67 0.97
C ASP C 178 12.94 -40.21 0.66
N SER C 179 12.46 -39.97 -0.55
CA SER C 179 12.05 -38.64 -0.96
C SER C 179 10.56 -38.71 -1.22
N LYS C 180 9.92 -39.58 -0.44
CA LYS C 180 8.48 -39.86 -0.47
C LYS C 180 7.62 -38.59 -0.49
N TRP C 181 8.21 -37.50 -0.97
CA TRP C 181 7.56 -36.19 -1.10
C TRP C 181 7.80 -35.21 0.03
N ILE C 182 8.83 -34.39 -0.18
CA ILE C 182 9.22 -33.35 0.74
C ILE C 182 8.30 -32.18 0.45
N THR C 183 8.35 -31.71 -0.78
CA THR C 183 7.53 -30.59 -1.20
C THR C 183 6.10 -31.05 -1.54
N SER C 184 5.18 -30.11 -1.65
CA SER C 184 3.77 -30.40 -1.93
C SER C 184 3.38 -30.56 -3.40
N GLU C 185 2.15 -31.07 -3.62
CA GLU C 185 1.61 -31.28 -4.97
C GLU C 185 1.60 -29.96 -5.70
N ALA C 186 1.21 -28.91 -5.01
CA ALA C 186 1.17 -27.58 -5.60
C ALA C 186 2.57 -27.24 -6.10
N ALA C 187 3.56 -27.63 -5.32
CA ALA C 187 4.97 -27.36 -5.62
C ALA C 187 5.45 -28.00 -6.91
N ARG C 188 5.17 -29.29 -7.09
CA ARG C 188 5.59 -29.97 -8.31
C ARG C 188 4.93 -29.36 -9.53
N GLN C 189 3.65 -29.05 -9.42
CA GLN C 189 2.92 -28.47 -10.54
C GLN C 189 3.56 -27.16 -10.97
N ASP C 190 3.88 -26.32 -9.98
CA ASP C 190 4.51 -25.04 -10.27
C ASP C 190 5.85 -25.20 -10.98
N ALA C 191 6.55 -26.28 -10.65
CA ALA C 191 7.85 -26.58 -11.24
C ALA C 191 7.75 -27.07 -12.70
N GLN C 192 6.60 -27.64 -13.08
CA GLN C 192 6.40 -28.10 -14.45
C GLN C 192 6.57 -26.93 -15.42
N GLN C 193 6.02 -25.77 -15.05
CA GLN C 193 6.10 -24.57 -15.88
C GLN C 193 7.46 -24.43 -16.56
N TYR C 194 8.49 -24.88 -15.85
CA TYR C 194 9.86 -24.83 -16.32
C TYR C 194 10.11 -25.88 -17.39
N ARG C 195 9.60 -27.09 -17.16
CA ARG C 195 9.75 -28.15 -18.14
C ARG C 195 9.08 -27.64 -19.42
N LYS C 196 8.42 -26.50 -19.31
CA LYS C 196 7.70 -25.89 -20.43
C LYS C 196 8.49 -24.76 -21.09
N THR C 197 9.31 -24.06 -20.30
CA THR C 197 10.08 -22.94 -20.84
C THR C 197 11.54 -23.26 -21.18
N HIS C 198 11.91 -24.55 -21.11
CA HIS C 198 13.27 -24.99 -21.39
C HIS C 198 13.22 -26.08 -22.46
N GLN C 199 14.19 -26.09 -23.37
CA GLN C 199 14.17 -27.08 -24.45
C GLN C 199 14.61 -28.47 -24.08
N SER C 200 15.13 -28.61 -22.86
CA SER C 200 15.60 -29.91 -22.37
C SER C 200 15.52 -30.01 -20.85
N ILE C 201 15.47 -31.24 -20.35
CA ILE C 201 15.40 -31.52 -18.91
C ILE C 201 16.56 -32.44 -18.58
N LEU C 202 17.30 -32.14 -17.52
CA LEU C 202 18.46 -32.98 -17.21
C LEU C 202 18.56 -33.52 -15.79
N VAL C 203 18.83 -34.83 -15.70
CA VAL C 203 19.00 -35.54 -14.43
C VAL C 203 20.16 -36.51 -14.55
N GLY C 204 20.66 -37.01 -13.42
CA GLY C 204 21.75 -37.97 -13.45
C GLY C 204 21.10 -39.35 -13.42
N VAL C 205 21.86 -40.42 -13.64
CA VAL C 205 21.22 -41.73 -13.60
C VAL C 205 20.69 -42.07 -12.22
N GLY C 206 21.39 -41.58 -11.20
CA GLY C 206 20.95 -41.84 -9.84
C GLY C 206 19.47 -41.55 -9.73
N THR C 207 19.08 -40.38 -10.23
CA THR C 207 17.69 -39.92 -10.24
C THR C 207 16.79 -40.85 -11.06
N VAL C 208 17.33 -41.31 -12.19
CA VAL C 208 16.58 -42.20 -13.07
C VAL C 208 16.26 -43.54 -12.46
N LYS C 209 17.26 -44.17 -11.83
CA LYS C 209 17.05 -45.49 -11.26
C LYS C 209 16.50 -45.46 -9.84
N ALA C 210 15.93 -44.32 -9.45
CA ALA C 210 15.38 -44.20 -8.11
C ALA C 210 13.97 -43.63 -8.16
N ASP C 211 13.67 -42.95 -9.26
CA ASP C 211 12.35 -42.35 -9.42
C ASP C 211 11.74 -42.78 -10.74
N ASN C 212 12.57 -43.33 -11.63
CA ASN C 212 12.12 -43.77 -12.96
C ASN C 212 11.15 -42.75 -13.56
N PRO C 213 11.55 -41.47 -13.59
CA PRO C 213 10.71 -40.40 -14.14
C PRO C 213 10.47 -40.44 -15.64
N SER C 214 9.54 -39.60 -16.09
CA SER C 214 9.20 -39.44 -17.50
C SER C 214 9.83 -38.13 -17.95
N LEU C 215 9.95 -37.20 -17.01
CA LEU C 215 10.55 -35.91 -17.29
C LEU C 215 9.82 -35.30 -18.47
N THR C 216 8.50 -35.24 -18.37
CA THR C 216 7.67 -34.69 -19.42
C THR C 216 6.89 -33.51 -18.87
N CYS C 217 6.57 -32.55 -19.75
CA CYS C 217 5.82 -31.37 -19.35
C CYS C 217 4.34 -31.71 -19.47
N ARG C 218 3.77 -32.21 -18.38
CA ARG C 218 2.36 -32.59 -18.36
C ARG C 218 1.40 -31.43 -18.17
N LEU C 219 1.83 -30.25 -18.61
CA LEU C 219 1.04 -29.02 -18.54
C LEU C 219 0.06 -28.99 -19.72
N PRO C 220 -0.62 -27.84 -19.96
CA PRO C 220 -1.57 -27.75 -21.08
C PRO C 220 -0.95 -28.15 -22.43
N ASN C 221 -1.55 -27.69 -23.53
CA ASN C 221 -1.05 -28.03 -24.86
C ASN C 221 0.46 -27.86 -24.96
N VAL C 222 1.17 -28.99 -24.94
CA VAL C 222 2.62 -28.98 -25.01
C VAL C 222 3.06 -28.67 -26.44
N THR C 223 2.44 -29.34 -27.40
CA THR C 223 2.75 -29.17 -28.81
C THR C 223 4.26 -29.37 -29.10
N LYS C 224 5.00 -29.80 -28.09
CA LYS C 224 6.44 -30.05 -28.23
C LYS C 224 7.11 -30.43 -26.90
N GLN C 225 7.41 -31.71 -26.73
CA GLN C 225 8.06 -32.21 -25.53
C GLN C 225 9.55 -31.92 -25.49
N PRO C 226 10.08 -31.49 -24.34
CA PRO C 226 11.50 -31.17 -24.15
C PRO C 226 12.42 -32.39 -24.18
N VAL C 227 13.64 -32.20 -24.68
CA VAL C 227 14.59 -33.31 -24.77
C VAL C 227 15.00 -33.73 -23.36
N ARG C 228 15.08 -35.05 -23.16
CA ARG C 228 15.45 -35.61 -21.87
C ARG C 228 16.91 -36.04 -21.87
N VAL C 229 17.73 -35.30 -21.14
CA VAL C 229 19.17 -35.57 -21.06
C VAL C 229 19.59 -36.17 -19.73
N ILE C 230 20.18 -37.37 -19.78
CA ILE C 230 20.64 -38.07 -18.60
C ILE C 230 22.16 -38.24 -18.58
N LEU C 231 22.76 -38.06 -17.41
CA LEU C 231 24.21 -38.19 -17.25
C LEU C 231 24.50 -39.56 -16.66
N ASP C 232 25.17 -40.39 -17.45
CA ASP C 232 25.49 -41.76 -17.06
C ASP C 232 26.97 -42.07 -17.25
N THR C 233 27.76 -41.92 -16.20
CA THR C 233 29.19 -42.19 -16.30
C THR C 233 29.49 -43.53 -16.96
N VAL C 234 28.86 -44.60 -16.48
CA VAL C 234 29.14 -45.93 -17.00
C VAL C 234 28.03 -46.53 -17.87
N LEU C 235 26.96 -45.75 -18.08
CA LEU C 235 25.83 -46.23 -18.87
C LEU C 235 25.17 -47.40 -18.14
N SER C 236 24.92 -47.21 -16.85
CA SER C 236 24.30 -48.23 -16.02
C SER C 236 22.77 -48.03 -15.89
N ILE C 237 22.23 -47.14 -16.72
CA ILE C 237 20.81 -46.84 -16.71
C ILE C 237 20.00 -48.08 -17.09
N PRO C 238 18.92 -48.37 -16.34
CA PRO C 238 18.01 -49.50 -16.55
C PRO C 238 17.35 -49.45 -17.91
N GLU C 239 17.42 -50.55 -18.65
CA GLU C 239 16.83 -50.62 -19.98
C GLU C 239 15.32 -50.83 -19.98
N ASP C 240 14.68 -50.45 -18.87
CA ASP C 240 13.23 -50.56 -18.74
C ASP C 240 12.66 -49.29 -18.15
N ALA C 241 13.52 -48.29 -17.99
CA ALA C 241 13.12 -47.00 -17.46
C ALA C 241 12.21 -46.28 -18.44
N LYS C 242 11.30 -45.49 -17.89
CA LYS C 242 10.35 -44.74 -18.71
C LYS C 242 11.03 -43.93 -19.81
N VAL C 243 12.08 -43.18 -19.46
CA VAL C 243 12.81 -42.36 -20.43
C VAL C 243 13.38 -43.16 -21.58
N ILE C 244 13.79 -44.39 -21.32
CA ILE C 244 14.34 -45.24 -22.35
C ILE C 244 13.21 -45.75 -23.23
N CYS C 245 12.15 -46.21 -22.58
CA CYS C 245 10.99 -46.74 -23.29
C CYS C 245 10.01 -45.59 -23.53
N ASP C 246 8.73 -45.83 -23.26
CA ASP C 246 7.65 -44.84 -23.41
C ASP C 246 7.59 -43.92 -24.63
N GLN C 247 8.63 -43.91 -25.46
CA GLN C 247 8.70 -43.06 -26.65
C GLN C 247 7.84 -41.78 -26.67
N ILE C 248 7.72 -41.12 -25.52
CA ILE C 248 6.92 -39.89 -25.40
C ILE C 248 7.71 -38.63 -25.81
N ALA C 249 8.97 -38.58 -25.37
CA ALA C 249 9.86 -37.47 -25.67
C ALA C 249 11.26 -37.98 -25.99
N PRO C 250 12.04 -37.20 -26.76
CA PRO C 250 13.40 -37.62 -27.12
C PRO C 250 14.23 -37.86 -25.86
N THR C 251 15.27 -38.68 -25.99
CA THR C 251 16.11 -38.95 -24.84
C THR C 251 17.57 -39.08 -25.25
N TRP C 252 18.38 -38.14 -24.77
CA TRP C 252 19.81 -38.12 -25.04
C TRP C 252 20.57 -38.53 -23.78
N ILE C 253 21.59 -39.36 -23.93
CA ILE C 253 22.41 -39.82 -22.81
C ILE C 253 23.88 -39.53 -23.07
N PHE C 254 24.57 -39.03 -22.05
CA PHE C 254 26.01 -38.76 -22.15
C PHE C 254 26.71 -39.79 -21.29
N THR C 255 27.76 -40.39 -21.83
CA THR C 255 28.54 -41.40 -21.12
C THR C 255 30.00 -41.25 -21.45
N THR C 256 30.79 -42.13 -20.86
CA THR C 256 32.22 -42.14 -21.09
C THR C 256 32.50 -43.46 -21.78
N ALA C 257 33.76 -43.84 -21.91
CA ALA C 257 34.09 -45.08 -22.58
C ALA C 257 33.87 -46.33 -21.72
N ARG C 258 33.46 -46.15 -20.47
CA ARG C 258 33.22 -47.27 -19.56
C ARG C 258 31.94 -48.04 -19.91
N ALA C 259 31.18 -47.50 -20.85
CA ALA C 259 29.93 -48.12 -21.27
C ALA C 259 30.12 -49.25 -22.28
N ASP C 260 29.23 -50.25 -22.22
CA ASP C 260 29.27 -51.39 -23.14
C ASP C 260 28.84 -50.99 -24.55
N GLU C 261 29.49 -51.55 -25.55
CA GLU C 261 29.18 -51.23 -26.94
C GLU C 261 27.81 -51.69 -27.41
N GLU C 262 27.45 -52.93 -27.06
CA GLU C 262 26.16 -53.48 -27.46
C GLU C 262 25.02 -52.71 -26.83
N LYS C 263 25.19 -52.34 -25.56
CA LYS C 263 24.18 -51.60 -24.85
C LYS C 263 23.94 -50.29 -25.58
N LYS C 264 25.00 -49.67 -26.07
CA LYS C 264 24.85 -48.42 -26.80
C LYS C 264 24.09 -48.65 -28.10
N LYS C 265 24.27 -49.82 -28.72
CA LYS C 265 23.58 -50.12 -29.96
C LYS C 265 22.10 -50.40 -29.72
N ARG C 266 21.81 -51.25 -28.73
CA ARG C 266 20.43 -51.56 -28.41
C ARG C 266 19.65 -50.24 -28.28
N LEU C 267 20.02 -49.45 -27.28
CA LEU C 267 19.39 -48.16 -26.99
C LEU C 267 19.33 -47.22 -28.19
N SER C 268 20.42 -47.15 -28.96
CA SER C 268 20.47 -46.29 -30.14
C SER C 268 19.46 -46.74 -31.19
N ALA C 269 19.22 -48.05 -31.22
CA ALA C 269 18.27 -48.64 -32.16
C ALA C 269 16.84 -48.48 -31.65
N PHE C 270 16.70 -47.95 -30.44
CA PHE C 270 15.37 -47.71 -29.84
C PHE C 270 15.10 -46.21 -29.87
N GLY C 271 15.98 -45.46 -30.53
CA GLY C 271 15.79 -44.02 -30.61
C GLY C 271 16.68 -43.17 -29.73
N VAL C 272 17.16 -43.74 -28.62
CA VAL C 272 18.02 -43.00 -27.71
C VAL C 272 19.27 -42.43 -28.38
N ASN C 273 19.51 -41.15 -28.14
CA ASN C 273 20.65 -40.44 -28.69
C ASN C 273 21.80 -40.45 -27.69
N ILE C 274 22.73 -41.35 -27.91
CA ILE C 274 23.87 -41.51 -27.03
C ILE C 274 25.11 -40.75 -27.47
N PHE C 275 25.67 -39.98 -26.54
CA PHE C 275 26.86 -39.19 -26.76
C PHE C 275 27.99 -39.70 -25.85
N THR C 276 29.17 -39.96 -26.41
CA THR C 276 30.25 -40.48 -25.57
C THR C 276 31.40 -39.49 -25.36
N LEU C 277 31.76 -39.31 -24.09
CA LEU C 277 32.83 -38.40 -23.74
C LEU C 277 34.13 -39.14 -23.52
N GLU C 278 35.21 -38.60 -24.06
CA GLU C 278 36.52 -39.21 -23.93
C GLU C 278 37.32 -38.61 -22.75
N THR C 279 36.69 -38.62 -21.58
CA THR C 279 37.26 -38.13 -20.33
C THR C 279 36.76 -39.09 -19.26
N GLU C 280 37.50 -39.29 -18.18
CA GLU C 280 37.09 -40.23 -17.13
C GLU C 280 35.75 -39.95 -16.49
N ARG C 281 35.51 -38.71 -16.10
CA ARG C 281 34.24 -38.33 -15.50
C ARG C 281 33.55 -37.42 -16.51
N ILE C 282 32.23 -37.28 -16.42
CA ILE C 282 31.51 -36.42 -17.34
C ILE C 282 31.81 -34.97 -16.94
N GLN C 283 32.12 -34.13 -17.92
CA GLN C 283 32.42 -32.73 -17.62
C GLN C 283 31.33 -31.81 -18.18
N ILE C 284 30.65 -31.12 -17.26
CA ILE C 284 29.54 -30.24 -17.59
C ILE C 284 29.80 -29.30 -18.74
N PRO C 285 30.95 -28.63 -18.76
CA PRO C 285 31.21 -27.72 -19.88
C PRO C 285 31.04 -28.41 -21.22
N ASP C 286 31.49 -29.65 -21.28
CA ASP C 286 31.40 -30.47 -22.48
C ASP C 286 29.94 -30.80 -22.87
N VAL C 287 29.12 -31.19 -21.89
CA VAL C 287 27.73 -31.52 -22.20
C VAL C 287 26.98 -30.30 -22.71
N LEU C 288 27.23 -29.15 -22.11
CA LEU C 288 26.57 -27.93 -22.55
C LEU C 288 27.05 -27.59 -23.93
N LYS C 289 28.33 -27.86 -24.21
CA LYS C 289 28.94 -27.61 -25.51
C LYS C 289 28.18 -28.43 -26.56
N ILE C 290 28.11 -29.73 -26.33
CA ILE C 290 27.40 -30.65 -27.23
C ILE C 290 25.93 -30.21 -27.45
N LEU C 291 25.18 -30.03 -26.35
CA LEU C 291 23.78 -29.62 -26.41
C LEU C 291 23.52 -28.36 -27.24
N ALA C 292 24.42 -27.40 -27.14
CA ALA C 292 24.25 -26.17 -27.90
C ALA C 292 24.51 -26.46 -29.37
N GLU C 293 25.41 -27.40 -29.64
CA GLU C 293 25.69 -27.76 -31.01
C GLU C 293 24.47 -28.39 -31.62
N GLU C 294 23.74 -29.17 -30.82
CA GLU C 294 22.55 -29.83 -31.31
C GLU C 294 21.30 -28.94 -31.27
N GLY C 295 21.52 -27.63 -31.23
CA GLY C 295 20.40 -26.70 -31.21
C GLY C 295 19.90 -26.26 -29.84
N ILE C 296 19.86 -27.20 -28.90
CA ILE C 296 19.40 -26.96 -27.52
C ILE C 296 19.82 -25.63 -26.90
N MET C 297 18.90 -24.68 -26.80
CA MET C 297 19.21 -23.37 -26.23
C MET C 297 19.11 -23.25 -24.72
N SER C 298 18.36 -24.16 -24.10
CA SER C 298 18.17 -24.09 -22.66
C SER C 298 17.99 -25.45 -22.00
N VAL C 299 18.50 -25.57 -20.78
CA VAL C 299 18.36 -26.81 -20.04
C VAL C 299 17.98 -26.56 -18.59
N TYR C 300 17.02 -27.37 -18.16
CA TYR C 300 16.44 -27.35 -16.82
C TYR C 300 16.97 -28.55 -16.04
N VAL C 301 17.94 -28.30 -15.17
CA VAL C 301 18.56 -29.35 -14.36
C VAL C 301 17.86 -29.39 -13.01
N GLU C 302 17.24 -30.51 -12.70
CA GLU C 302 16.53 -30.62 -11.44
C GLU C 302 16.96 -31.85 -10.70
N GLY C 303 17.82 -32.64 -11.36
CA GLY C 303 18.21 -33.89 -10.74
C GLY C 303 19.66 -34.22 -10.53
N GLY C 304 19.94 -34.65 -9.29
CA GLY C 304 21.28 -35.03 -8.93
C GLY C 304 21.85 -34.02 -7.97
N SER C 305 22.16 -34.48 -6.78
CA SER C 305 22.79 -33.68 -5.75
C SER C 305 24.21 -33.41 -6.30
N ALA C 306 24.87 -34.48 -6.74
CA ALA C 306 26.21 -34.39 -7.28
C ALA C 306 26.19 -33.68 -8.63
N VAL C 307 25.14 -33.88 -9.40
CA VAL C 307 25.01 -33.23 -10.70
C VAL C 307 24.90 -31.73 -10.49
N HIS C 308 24.15 -31.33 -9.45
CA HIS C 308 23.97 -29.93 -9.13
C HIS C 308 25.28 -29.34 -8.61
N GLY C 309 26.04 -30.13 -7.88
CA GLY C 309 27.33 -29.66 -7.38
C GLY C 309 28.29 -29.38 -8.53
N SER C 310 28.25 -30.23 -9.55
CA SER C 310 29.11 -30.07 -10.72
C SER C 310 28.78 -28.80 -11.48
N PHE C 311 27.49 -28.49 -11.59
CA PHE C 311 27.06 -27.29 -12.30
C PHE C 311 27.46 -26.09 -11.49
N VAL C 312 27.38 -26.19 -10.17
CA VAL C 312 27.76 -25.05 -9.32
C VAL C 312 29.26 -24.86 -9.29
N LYS C 313 30.02 -25.93 -9.13
CA LYS C 313 31.47 -25.80 -9.09
C LYS C 313 32.02 -25.22 -10.39
N GLU C 314 31.40 -25.56 -11.52
CA GLU C 314 31.86 -25.06 -12.81
C GLU C 314 31.42 -23.62 -13.00
N GLY C 315 30.30 -23.30 -12.39
CA GLY C 315 29.75 -21.96 -12.50
C GLY C 315 28.81 -21.90 -13.68
N CYS C 316 28.43 -23.07 -14.17
CA CYS C 316 27.54 -23.21 -15.33
C CYS C 316 26.04 -23.10 -15.06
N PHE C 317 25.55 -21.97 -14.58
CA PHE C 317 24.11 -21.83 -14.40
C PHE C 317 23.70 -20.35 -14.40
N GLN C 318 22.54 -20.09 -14.96
CA GLN C 318 22.06 -18.71 -15.02
C GLN C 318 21.00 -18.50 -13.96
N GLU C 319 20.49 -19.60 -13.44
CA GLU C 319 19.41 -19.53 -12.48
C GLU C 319 19.29 -20.73 -11.58
N ILE C 320 19.00 -20.46 -10.31
CA ILE C 320 18.81 -21.51 -9.34
C ILE C 320 17.46 -21.36 -8.64
N ILE C 321 16.69 -22.44 -8.62
CA ILE C 321 15.38 -22.42 -8.01
C ILE C 321 15.22 -23.52 -6.96
N PHE C 322 15.06 -23.09 -5.71
CA PHE C 322 14.90 -23.98 -4.57
C PHE C 322 13.53 -23.86 -3.90
N TYR C 323 12.87 -25.00 -3.73
CA TYR C 323 11.57 -25.03 -3.05
C TYR C 323 11.83 -25.59 -1.67
N PHE C 324 11.48 -24.83 -0.65
CA PHE C 324 11.68 -25.30 0.71
C PHE C 324 10.37 -25.65 1.43
N ALA C 325 10.26 -26.92 1.82
CA ALA C 325 9.09 -27.40 2.53
C ALA C 325 9.22 -27.06 4.00
N PRO C 326 8.09 -26.84 4.67
CA PRO C 326 8.16 -26.52 6.09
C PRO C 326 8.43 -27.82 6.86
N LYS C 327 9.51 -28.51 6.51
CA LYS C 327 9.83 -29.76 7.16
C LYS C 327 11.30 -29.84 7.54
N LEU C 328 11.59 -30.60 8.58
CA LEU C 328 12.95 -30.80 9.03
C LEU C 328 13.17 -32.30 8.94
N ILE C 329 14.17 -32.68 8.17
CA ILE C 329 14.52 -34.08 7.96
C ILE C 329 15.62 -34.55 8.93
N GLY C 330 16.75 -33.85 8.93
CA GLY C 330 17.87 -34.20 9.78
C GLY C 330 18.76 -35.32 9.26
N GLY C 331 19.72 -35.76 10.08
CA GLY C 331 20.63 -36.83 9.67
C GLY C 331 21.89 -36.39 8.97
N THR C 332 23.04 -36.74 9.53
CA THR C 332 24.32 -36.35 8.94
C THR C 332 24.59 -37.04 7.60
N HIS C 333 24.03 -38.23 7.42
CA HIS C 333 24.18 -38.98 6.19
C HIS C 333 22.97 -38.80 5.27
N ALA C 334 22.25 -37.70 5.44
CA ALA C 334 21.11 -37.41 4.58
C ALA C 334 21.63 -36.54 3.44
N PRO C 335 21.18 -36.78 2.20
CA PRO C 335 21.67 -35.96 1.11
C PRO C 335 21.21 -34.50 1.18
N SER C 336 22.17 -33.59 1.06
CA SER C 336 21.89 -32.16 1.06
C SER C 336 21.69 -31.69 -0.37
N LEU C 337 21.31 -30.43 -0.51
CA LEU C 337 21.09 -29.87 -1.84
C LEU C 337 22.22 -30.05 -2.83
N ILE C 338 23.34 -29.40 -2.54
CA ILE C 338 24.51 -29.43 -3.41
C ILE C 338 25.66 -30.21 -2.81
N SER C 339 26.01 -31.36 -3.39
CA SER C 339 27.15 -32.10 -2.88
C SER C 339 28.38 -31.77 -3.75
N GLY C 340 28.94 -32.77 -4.43
CA GLY C 340 30.11 -32.50 -5.24
C GLY C 340 31.28 -32.05 -4.39
N GLU C 341 32.25 -31.35 -4.99
CA GLU C 341 33.40 -30.91 -4.22
C GLU C 341 33.13 -29.65 -3.41
N GLY C 342 32.36 -28.73 -4.00
CA GLY C 342 32.03 -27.50 -3.30
C GLY C 342 33.21 -26.59 -3.06
N PHE C 343 32.96 -25.44 -2.45
CA PHE C 343 34.06 -24.52 -2.22
C PHE C 343 34.67 -24.68 -0.83
N GLN C 344 35.99 -24.85 -0.78
CA GLN C 344 36.66 -25.04 0.49
C GLN C 344 36.82 -23.79 1.34
N SER C 345 36.98 -22.63 0.70
CA SER C 345 37.14 -21.39 1.46
C SER C 345 36.02 -20.39 1.16
N MET C 346 35.45 -19.81 2.21
CA MET C 346 34.34 -18.86 2.06
C MET C 346 34.68 -17.68 1.17
N LYS C 347 35.96 -17.38 1.00
CA LYS C 347 36.35 -16.26 0.16
C LYS C 347 36.26 -16.64 -1.32
N ASP C 348 36.01 -17.92 -1.60
CA ASP C 348 35.90 -18.38 -2.97
C ASP C 348 34.45 -18.66 -3.35
N VAL C 349 33.56 -18.63 -2.36
CA VAL C 349 32.14 -18.86 -2.59
C VAL C 349 31.57 -17.63 -3.31
N PRO C 350 31.12 -17.80 -4.57
CA PRO C 350 30.56 -16.67 -5.34
C PRO C 350 29.28 -16.06 -4.76
N LEU C 351 29.16 -14.74 -4.88
CA LEU C 351 27.99 -14.03 -4.37
C LEU C 351 26.85 -14.07 -5.38
N LEU C 352 25.72 -14.63 -4.95
CA LEU C 352 24.55 -14.70 -5.81
C LEU C 352 23.69 -13.53 -5.38
N GLN C 353 22.44 -13.50 -5.84
CA GLN C 353 21.52 -12.43 -5.50
C GLN C 353 20.11 -12.98 -5.56
N PHE C 354 19.34 -12.86 -4.48
CA PHE C 354 17.99 -13.39 -4.53
C PHE C 354 17.18 -12.58 -5.50
N THR C 355 16.42 -13.27 -6.33
CA THR C 355 15.60 -12.62 -7.34
C THR C 355 14.11 -12.63 -7.06
N ASP C 356 13.64 -13.68 -6.39
CA ASP C 356 12.21 -13.77 -6.10
C ASP C 356 11.87 -14.75 -4.99
N ILE C 357 10.91 -14.37 -4.15
CA ILE C 357 10.44 -15.22 -3.05
C ILE C 357 8.93 -15.35 -3.16
N THR C 358 8.45 -16.54 -3.47
CA THR C 358 7.01 -16.74 -3.54
C THR C 358 6.64 -18.01 -2.80
N GLN C 359 5.59 -17.90 -2.01
CA GLN C 359 5.11 -19.03 -1.25
C GLN C 359 4.21 -19.83 -2.19
N ILE C 360 4.29 -21.16 -2.09
CA ILE C 360 3.48 -22.05 -2.89
C ILE C 360 2.90 -23.10 -1.98
N GLY C 361 1.62 -22.96 -1.67
CA GLY C 361 1.01 -23.92 -0.77
C GLY C 361 1.71 -23.67 0.55
N ARG C 362 2.19 -24.73 1.19
CA ARG C 362 2.87 -24.57 2.46
C ARG C 362 4.38 -24.48 2.30
N ASP C 363 4.84 -24.50 1.05
CA ASP C 363 6.26 -24.45 0.74
C ASP C 363 6.71 -23.06 0.28
N ILE C 364 8.02 -22.80 0.32
CA ILE C 364 8.60 -21.51 -0.10
C ILE C 364 9.49 -21.67 -1.32
N LYS C 365 9.38 -20.73 -2.25
CA LYS C 365 10.16 -20.79 -3.48
C LYS C 365 11.19 -19.68 -3.60
N LEU C 366 12.45 -20.06 -3.54
CA LEU C 366 13.53 -19.10 -3.66
C LEU C 366 14.23 -19.26 -5.01
N THR C 367 14.55 -18.14 -5.62
CA THR C 367 15.25 -18.16 -6.89
C THR C 367 16.35 -17.10 -6.79
N ALA C 368 17.52 -17.45 -7.30
CA ALA C 368 18.65 -16.53 -7.26
C ALA C 368 19.40 -16.55 -8.57
N LYS C 369 20.32 -15.61 -8.71
CA LYS C 369 21.11 -15.50 -9.92
C LYS C 369 22.52 -14.97 -9.64
N PRO C 370 23.48 -15.39 -10.45
CA PRO C 370 24.88 -15.01 -10.37
C PRO C 370 25.28 -13.55 -10.28
N THR C 371 26.52 -13.38 -9.81
CA THR C 371 27.22 -12.11 -9.57
C THR C 371 26.50 -11.17 -8.62
N SER D 12 -10.64 -17.12 -16.13
CA SER D 12 -9.55 -16.14 -15.89
C SER D 12 -8.75 -15.94 -17.16
N MET D 13 -8.51 -17.04 -17.87
CA MET D 13 -7.76 -16.98 -19.12
C MET D 13 -8.64 -16.24 -20.13
N GLU D 14 -9.95 -16.39 -19.96
CA GLU D 14 -10.92 -15.75 -20.82
C GLU D 14 -10.79 -14.25 -20.57
N GLU D 15 -10.81 -13.85 -19.30
CA GLU D 15 -10.67 -12.45 -18.94
C GLU D 15 -9.34 -11.87 -19.41
N TYR D 16 -8.29 -12.69 -19.47
CA TYR D 16 -6.99 -12.21 -19.94
C TYR D 16 -7.08 -11.74 -21.39
N TYR D 17 -7.67 -12.58 -22.24
CA TYR D 17 -7.82 -12.28 -23.66
C TYR D 17 -8.70 -11.05 -23.95
N MET D 18 -9.79 -10.90 -23.20
CA MET D 18 -10.67 -9.73 -23.35
C MET D 18 -9.91 -8.49 -22.88
N LYS D 19 -9.11 -8.67 -21.83
CA LYS D 19 -8.33 -7.57 -21.29
C LYS D 19 -7.45 -7.06 -22.42
N LEU D 20 -6.74 -7.98 -23.05
CA LEU D 20 -5.85 -7.65 -24.16
C LEU D 20 -6.66 -6.88 -25.17
N ALA D 21 -7.74 -7.51 -25.62
CA ALA D 21 -8.62 -6.90 -26.59
C ALA D 21 -8.87 -5.43 -26.20
N LEU D 22 -9.38 -5.22 -25.00
CA LEU D 22 -9.66 -3.87 -24.51
C LEU D 22 -8.41 -3.00 -24.58
N ASP D 23 -7.25 -3.57 -24.24
CA ASP D 23 -6.01 -2.81 -24.27
C ASP D 23 -5.57 -2.50 -25.68
N LEU D 24 -5.88 -3.37 -26.63
CA LEU D 24 -5.50 -3.10 -28.01
C LEU D 24 -6.39 -1.97 -28.52
N ALA D 25 -7.68 -2.05 -28.19
CA ALA D 25 -8.66 -1.06 -28.59
C ALA D 25 -8.16 0.35 -28.30
N LYS D 26 -7.72 0.56 -27.07
CA LYS D 26 -7.22 1.85 -26.64
C LYS D 26 -6.20 2.51 -27.57
N GLN D 27 -5.43 1.73 -28.31
CA GLN D 27 -4.44 2.34 -29.21
C GLN D 27 -5.14 3.14 -30.29
N GLY D 28 -6.45 3.04 -30.37
CA GLY D 28 -7.21 3.78 -31.36
C GLY D 28 -7.63 5.10 -30.77
N GLU D 29 -7.51 5.17 -29.44
CA GLU D 29 -7.85 6.35 -28.64
C GLU D 29 -7.69 7.62 -29.46
N GLY D 30 -6.52 7.76 -30.08
CA GLY D 30 -6.26 8.93 -30.90
C GLY D 30 -7.33 9.25 -31.93
N GLN D 31 -7.19 8.71 -33.13
CA GLN D 31 -8.15 9.02 -34.18
C GLN D 31 -8.97 7.86 -34.69
N THR D 32 -10.28 7.95 -34.46
CA THR D 32 -11.23 6.96 -34.93
C THR D 32 -12.45 7.84 -35.12
N GLU D 33 -12.27 9.11 -34.82
CA GLU D 33 -13.32 10.10 -34.94
C GLU D 33 -14.58 9.67 -34.19
N SER D 34 -15.70 9.52 -34.90
CA SER D 34 -16.91 9.10 -34.22
C SER D 34 -16.95 7.60 -33.93
N ASN D 35 -16.05 6.85 -34.58
CA ASN D 35 -15.99 5.42 -34.40
C ASN D 35 -15.52 5.08 -32.99
N PRO D 36 -16.20 4.12 -32.35
CA PRO D 36 -15.84 3.71 -31.00
C PRO D 36 -14.58 2.84 -31.03
N LEU D 37 -13.86 2.81 -29.93
CA LEU D 37 -12.66 2.02 -29.83
C LEU D 37 -13.02 0.54 -29.79
N VAL D 38 -12.38 -0.26 -30.62
CA VAL D 38 -12.67 -1.68 -30.59
C VAL D 38 -11.43 -2.57 -30.73
N GLY D 39 -11.44 -3.68 -29.99
CA GLY D 39 -10.31 -4.59 -30.03
C GLY D 39 -10.77 -6.01 -30.31
N ALA D 40 -9.86 -6.84 -30.81
CA ALA D 40 -10.21 -8.22 -31.11
C ALA D 40 -8.98 -9.11 -31.08
N VAL D 41 -9.15 -10.31 -30.51
CA VAL D 41 -8.06 -11.26 -30.44
C VAL D 41 -8.55 -12.67 -30.76
N VAL D 42 -7.80 -13.37 -31.58
CA VAL D 42 -8.13 -14.71 -31.99
C VAL D 42 -7.13 -15.67 -31.35
N VAL D 43 -7.65 -16.73 -30.75
CA VAL D 43 -6.80 -17.72 -30.12
C VAL D 43 -7.21 -19.12 -30.57
N LYS D 44 -6.22 -19.87 -31.05
CA LYS D 44 -6.44 -21.23 -31.54
C LYS D 44 -5.60 -22.19 -30.72
N ASP D 45 -6.27 -23.19 -30.15
CA ASP D 45 -5.59 -24.19 -29.33
C ASP D 45 -4.71 -23.54 -28.28
N GLY D 46 -5.28 -22.62 -27.51
CA GLY D 46 -4.53 -21.95 -26.47
C GLY D 46 -3.40 -21.01 -26.88
N GLN D 47 -3.36 -20.63 -28.16
CA GLN D 47 -2.34 -19.71 -28.66
C GLN D 47 -2.96 -18.45 -29.29
N ILE D 48 -2.40 -17.29 -29.00
CA ILE D 48 -2.87 -16.05 -29.60
C ILE D 48 -2.40 -16.10 -31.04
N VAL D 49 -3.30 -15.89 -31.99
CA VAL D 49 -2.89 -15.93 -33.39
C VAL D 49 -3.33 -14.72 -34.20
N GLY D 50 -4.06 -13.80 -33.56
CA GLY D 50 -4.50 -12.63 -34.28
C GLY D 50 -4.90 -11.56 -33.31
N MET D 51 -4.40 -10.35 -33.55
CA MET D 51 -4.71 -9.20 -32.71
C MET D 51 -5.12 -8.08 -33.64
N GLY D 52 -6.15 -7.33 -33.24
CA GLY D 52 -6.62 -6.21 -34.04
C GLY D 52 -7.34 -5.17 -33.19
N ALA D 53 -7.46 -3.95 -33.73
CA ALA D 53 -8.13 -2.84 -33.08
C ALA D 53 -8.55 -1.89 -34.19
N HIS D 54 -9.59 -1.10 -33.96
CA HIS D 54 -10.00 -0.16 -34.98
C HIS D 54 -9.04 1.02 -34.84
N LEU D 55 -8.22 1.24 -35.86
CA LEU D 55 -7.22 2.31 -35.78
C LEU D 55 -7.52 3.62 -36.47
N LYS D 56 -8.19 3.58 -37.61
CA LYS D 56 -8.48 4.80 -38.35
C LYS D 56 -9.95 4.89 -38.75
N TYR D 57 -10.49 6.11 -38.74
CA TYR D 57 -11.87 6.32 -39.13
C TYR D 57 -12.06 5.86 -40.58
N GLY D 58 -13.17 5.20 -40.84
CA GLY D 58 -13.46 4.73 -42.19
C GLY D 58 -12.61 3.57 -42.67
N GLU D 59 -11.67 3.13 -41.86
CA GLU D 59 -10.83 2.02 -42.26
C GLU D 59 -11.23 0.78 -41.50
N ALA D 60 -10.57 -0.33 -41.80
CA ALA D 60 -10.83 -1.63 -41.20
C ALA D 60 -11.26 -1.67 -39.75
N HIS D 61 -12.07 -2.67 -39.43
CA HIS D 61 -12.52 -2.86 -38.06
C HIS D 61 -11.54 -3.81 -37.34
N ALA D 62 -11.58 -3.84 -36.01
CA ALA D 62 -10.67 -4.69 -35.27
C ALA D 62 -10.68 -6.16 -35.72
N GLU D 63 -11.85 -6.70 -36.05
CA GLU D 63 -11.94 -8.10 -36.47
C GLU D 63 -11.28 -8.39 -37.82
N VAL D 64 -11.29 -7.43 -38.73
CA VAL D 64 -10.68 -7.64 -40.04
C VAL D 64 -9.20 -7.84 -39.83
N HIS D 65 -8.57 -6.86 -39.20
CA HIS D 65 -7.15 -6.93 -38.89
C HIS D 65 -6.80 -8.22 -38.15
N ALA D 66 -7.56 -8.51 -37.12
CA ALA D 66 -7.31 -9.70 -36.29
C ALA D 66 -7.50 -11.00 -37.05
N ILE D 67 -8.63 -11.09 -37.74
CA ILE D 67 -8.94 -12.31 -38.48
C ILE D 67 -7.98 -12.53 -39.62
N HIS D 68 -7.51 -11.45 -40.23
CA HIS D 68 -6.56 -11.57 -41.32
C HIS D 68 -5.23 -12.11 -40.77
N MET D 69 -4.76 -11.53 -39.68
CA MET D 69 -3.51 -11.93 -39.04
C MET D 69 -3.48 -13.36 -38.57
N ALA D 70 -4.65 -13.93 -38.26
CA ALA D 70 -4.74 -15.32 -37.80
C ALA D 70 -4.68 -16.30 -38.98
N GLY D 71 -4.87 -15.76 -40.18
CA GLY D 71 -4.85 -16.59 -41.37
C GLY D 71 -5.73 -17.81 -41.24
N ALA D 72 -5.15 -18.97 -41.47
CA ALA D 72 -5.88 -20.24 -41.40
C ALA D 72 -6.06 -20.77 -39.98
N HIS D 73 -5.49 -20.10 -38.99
CA HIS D 73 -5.67 -20.56 -37.61
C HIS D 73 -7.07 -20.16 -37.14
N ALA D 74 -7.70 -19.25 -37.88
CA ALA D 74 -9.04 -18.79 -37.51
C ALA D 74 -10.01 -19.94 -37.51
N GLU D 75 -9.75 -20.92 -38.36
CA GLU D 75 -10.62 -22.08 -38.47
C GLU D 75 -10.72 -22.85 -37.16
N GLY D 76 -11.92 -22.95 -36.64
CA GLY D 76 -12.11 -23.66 -35.39
C GLY D 76 -11.58 -22.91 -34.19
N ALA D 77 -11.31 -21.62 -34.35
CA ALA D 77 -10.78 -20.82 -33.24
C ALA D 77 -11.83 -20.06 -32.43
N ASP D 78 -11.35 -19.27 -31.45
CA ASP D 78 -12.17 -18.43 -30.58
C ASP D 78 -11.75 -16.98 -30.89
N ILE D 79 -12.63 -16.03 -30.62
CA ILE D 79 -12.30 -14.62 -30.85
C ILE D 79 -12.92 -13.75 -29.78
N TYR D 80 -12.16 -12.79 -29.28
CA TYR D 80 -12.68 -11.90 -28.25
C TYR D 80 -12.82 -10.48 -28.80
N VAL D 81 -14.04 -9.97 -28.79
CA VAL D 81 -14.29 -8.61 -29.26
C VAL D 81 -14.88 -7.81 -28.09
N THR D 82 -14.40 -6.58 -27.93
CA THR D 82 -14.86 -5.75 -26.85
C THR D 82 -16.22 -5.15 -27.16
N LEU D 83 -16.68 -5.30 -28.39
CA LEU D 83 -17.99 -4.77 -28.81
C LEU D 83 -18.67 -5.74 -29.79
N GLU D 84 -19.98 -5.70 -29.90
CA GLU D 84 -20.69 -6.61 -30.78
C GLU D 84 -20.25 -6.37 -32.19
N PRO D 85 -19.88 -7.45 -32.91
CA PRO D 85 -19.42 -7.35 -34.30
C PRO D 85 -20.52 -6.76 -35.17
N CYS D 86 -20.17 -5.79 -36.01
CA CYS D 86 -21.14 -5.14 -36.90
C CYS D 86 -21.87 -6.11 -37.80
N SER D 87 -23.11 -5.80 -38.15
CA SER D 87 -23.91 -6.68 -38.97
C SER D 87 -24.69 -6.08 -40.14
N HIS D 88 -24.35 -4.86 -40.55
CA HIS D 88 -25.06 -4.23 -41.67
C HIS D 88 -24.38 -4.53 -42.98
N TYR D 89 -25.10 -4.27 -44.08
CA TYR D 89 -24.56 -4.55 -45.41
C TYR D 89 -24.15 -3.34 -46.24
N GLY D 90 -22.83 -3.08 -46.26
CA GLY D 90 -22.28 -1.97 -47.01
C GLY D 90 -21.34 -2.37 -48.13
N LYS D 91 -20.26 -1.60 -48.29
CA LYS D 91 -19.27 -1.84 -49.34
C LYS D 91 -18.52 -3.18 -49.15
N THR D 92 -18.41 -3.64 -47.91
CA THR D 92 -17.75 -4.92 -47.62
C THR D 92 -18.56 -5.70 -46.60
N PRO D 93 -18.34 -7.01 -46.52
CA PRO D 93 -19.10 -7.81 -45.55
C PRO D 93 -18.85 -7.40 -44.11
N PRO D 94 -19.89 -7.46 -43.27
CA PRO D 94 -19.80 -7.11 -41.85
C PRO D 94 -18.90 -8.09 -41.10
N CYS D 95 -18.49 -7.70 -39.89
CA CYS D 95 -17.60 -8.54 -39.10
C CYS D 95 -18.19 -9.84 -38.57
N ALA D 96 -19.50 -9.89 -38.37
CA ALA D 96 -20.12 -11.11 -37.88
C ALA D 96 -20.05 -12.12 -39.00
N GLU D 97 -20.17 -11.61 -40.22
CA GLU D 97 -20.12 -12.44 -41.42
C GLU D 97 -18.71 -12.89 -41.63
N LEU D 98 -17.78 -11.96 -41.44
CA LEU D 98 -16.37 -12.22 -41.60
C LEU D 98 -16.00 -13.37 -40.65
N ILE D 99 -16.44 -13.25 -39.39
CA ILE D 99 -16.19 -14.26 -38.35
C ILE D 99 -16.76 -15.60 -38.75
N ILE D 100 -18.03 -15.60 -39.15
CA ILE D 100 -18.72 -16.81 -39.60
C ILE D 100 -17.90 -17.48 -40.69
N ASN D 101 -17.75 -16.78 -41.81
CA ASN D 101 -17.01 -17.27 -42.96
C ASN D 101 -15.62 -17.80 -42.65
N SER D 102 -14.96 -17.27 -41.62
CA SER D 102 -13.61 -17.68 -41.27
C SER D 102 -13.45 -18.97 -40.47
N GLY D 103 -14.56 -19.58 -40.05
CA GLY D 103 -14.46 -20.83 -39.32
C GLY D 103 -14.44 -20.75 -37.80
N ILE D 104 -14.45 -19.54 -37.25
CA ILE D 104 -14.45 -19.35 -35.80
C ILE D 104 -15.60 -20.09 -35.14
N LYS D 105 -15.28 -20.90 -34.13
CA LYS D 105 -16.27 -21.69 -33.41
C LYS D 105 -17.04 -20.92 -32.36
N ARG D 106 -16.35 -19.99 -31.70
CA ARG D 106 -16.94 -19.24 -30.62
C ARG D 106 -16.49 -17.79 -30.46
N VAL D 107 -17.45 -16.92 -30.13
CA VAL D 107 -17.21 -15.51 -29.93
C VAL D 107 -17.52 -15.04 -28.52
N PHE D 108 -16.56 -14.33 -27.94
CA PHE D 108 -16.70 -13.74 -26.62
C PHE D 108 -16.93 -12.23 -26.84
N VAL D 109 -18.18 -11.80 -26.62
CA VAL D 109 -18.58 -10.41 -26.79
C VAL D 109 -18.74 -9.75 -25.43
N ALA D 110 -18.02 -8.66 -25.19
CA ALA D 110 -18.09 -7.98 -23.90
C ALA D 110 -19.43 -7.27 -23.63
N MET D 111 -19.94 -6.54 -24.63
CA MET D 111 -21.21 -5.81 -24.50
C MET D 111 -21.87 -5.70 -25.88
N ARG D 112 -23.20 -5.65 -25.91
CA ARG D 112 -23.95 -5.55 -27.17
C ARG D 112 -23.86 -4.15 -27.78
N ASP D 113 -24.51 -3.97 -28.93
CA ASP D 113 -24.49 -2.68 -29.62
C ASP D 113 -25.32 -1.64 -28.89
N PRO D 114 -24.90 -0.37 -28.98
CA PRO D 114 -25.57 0.78 -28.35
C PRO D 114 -26.93 1.05 -29.00
N ASN D 115 -26.92 1.16 -30.32
CA ASN D 115 -28.15 1.41 -31.05
C ASN D 115 -29.13 0.27 -30.75
N PRO D 116 -30.18 0.56 -29.96
CA PRO D 116 -31.16 -0.47 -29.61
C PRO D 116 -31.85 -1.04 -30.83
N LEU D 117 -31.63 -0.40 -31.97
CA LEU D 117 -32.21 -0.82 -33.25
C LEU D 117 -31.29 -1.83 -33.95
N VAL D 118 -30.04 -1.92 -33.49
CA VAL D 118 -29.05 -2.82 -34.07
C VAL D 118 -28.55 -3.88 -33.07
N ALA D 119 -28.59 -3.54 -31.79
CA ALA D 119 -28.14 -4.43 -30.72
C ALA D 119 -28.61 -5.87 -30.87
N GLY D 120 -27.70 -6.81 -30.69
CA GLY D 120 -28.05 -8.23 -30.78
C GLY D 120 -28.17 -8.75 -32.20
N ARG D 121 -28.40 -7.85 -33.16
CA ARG D 121 -28.54 -8.27 -34.55
C ARG D 121 -27.33 -9.10 -34.97
N GLY D 122 -26.16 -8.71 -34.47
CA GLY D 122 -24.94 -9.42 -34.80
C GLY D 122 -24.86 -10.76 -34.10
N ILE D 123 -25.18 -10.80 -32.80
CA ILE D 123 -25.14 -12.05 -32.04
C ILE D 123 -25.99 -13.10 -32.75
N SER D 124 -27.14 -12.66 -33.24
CA SER D 124 -28.08 -13.51 -33.96
C SER D 124 -27.45 -14.22 -35.16
N MET D 125 -26.80 -13.44 -36.03
CA MET D 125 -26.16 -13.99 -37.21
C MET D 125 -25.21 -15.13 -36.89
N MET D 126 -24.21 -14.83 -36.08
CA MET D 126 -23.22 -15.82 -35.71
C MET D 126 -23.90 -17.00 -35.04
N LYS D 127 -24.92 -16.71 -34.22
CA LYS D 127 -25.65 -17.76 -33.52
C LYS D 127 -26.38 -18.61 -34.52
N GLU D 128 -26.94 -17.99 -35.56
CA GLU D 128 -27.65 -18.75 -36.59
C GLU D 128 -26.64 -19.67 -37.30
N ALA D 129 -25.38 -19.25 -37.35
CA ALA D 129 -24.31 -20.02 -38.01
C ALA D 129 -23.67 -21.05 -37.10
N GLY D 130 -24.30 -21.27 -35.96
CA GLY D 130 -23.81 -22.27 -35.02
C GLY D 130 -22.60 -21.88 -34.21
N ILE D 131 -22.40 -20.59 -34.01
CA ILE D 131 -21.25 -20.10 -33.25
C ILE D 131 -21.68 -19.88 -31.81
N GLU D 132 -20.82 -20.28 -30.88
CA GLU D 132 -21.13 -20.10 -29.48
C GLU D 132 -20.87 -18.66 -29.14
N VAL D 133 -21.87 -17.99 -28.58
CA VAL D 133 -21.70 -16.59 -28.23
C VAL D 133 -21.83 -16.41 -26.72
N ARG D 134 -20.69 -16.15 -26.08
CA ARG D 134 -20.64 -15.91 -24.65
C ARG D 134 -20.52 -14.40 -24.48
N GLU D 135 -21.34 -13.84 -23.59
CA GLU D 135 -21.31 -12.39 -23.39
C GLU D 135 -20.92 -11.92 -21.99
N GLY D 136 -20.76 -10.60 -21.86
CA GLY D 136 -20.46 -10.01 -20.57
C GLY D 136 -19.08 -10.04 -19.93
N ILE D 137 -18.03 -10.40 -20.67
CA ILE D 137 -16.70 -10.41 -20.06
C ILE D 137 -16.04 -9.05 -20.07
N LEU D 138 -15.69 -8.57 -18.87
CA LEU D 138 -15.08 -7.27 -18.62
C LEU D 138 -15.93 -6.19 -19.26
N ALA D 139 -17.24 -6.40 -19.18
CA ALA D 139 -18.22 -5.50 -19.76
C ALA D 139 -18.14 -4.09 -19.20
N ASP D 140 -17.77 -3.99 -17.93
CA ASP D 140 -17.65 -2.70 -17.28
C ASP D 140 -16.51 -1.89 -17.85
N GLN D 141 -15.38 -2.54 -18.10
CA GLN D 141 -14.21 -1.88 -18.65
C GLN D 141 -14.50 -1.48 -20.09
N ALA D 142 -15.25 -2.33 -20.77
CA ALA D 142 -15.63 -2.10 -22.16
C ALA D 142 -16.65 -0.97 -22.23
N GLU D 143 -17.30 -0.72 -21.11
CA GLU D 143 -18.29 0.33 -21.01
C GLU D 143 -17.57 1.66 -20.80
N ARG D 144 -16.51 1.64 -19.99
CA ARG D 144 -15.73 2.85 -19.70
C ARG D 144 -14.99 3.28 -20.95
N LEU D 145 -14.49 2.30 -21.69
CA LEU D 145 -13.73 2.53 -22.93
C LEU D 145 -14.37 3.53 -23.89
N ASN D 146 -15.66 3.40 -24.11
CA ASN D 146 -16.38 4.30 -25.02
C ASN D 146 -17.54 4.98 -24.31
N GLU D 147 -17.35 5.24 -23.02
CA GLU D 147 -18.34 5.89 -22.16
C GLU D 147 -19.21 6.97 -22.82
N LYS D 148 -18.59 7.93 -23.51
CA LYS D 148 -19.36 8.99 -24.16
C LYS D 148 -20.11 8.49 -25.38
N PHE D 149 -19.40 7.81 -26.27
CA PHE D 149 -19.99 7.25 -27.50
C PHE D 149 -21.23 6.42 -27.13
N LEU D 150 -21.07 5.58 -26.12
CA LEU D 150 -22.15 4.74 -25.65
C LEU D 150 -23.36 5.60 -25.25
N HIS D 151 -23.09 6.71 -24.58
CA HIS D 151 -24.14 7.63 -24.11
C HIS D 151 -24.89 8.27 -25.29
N PHE D 152 -24.14 8.76 -26.27
CA PHE D 152 -24.71 9.40 -27.45
C PHE D 152 -25.64 8.44 -28.19
N MET D 153 -25.14 7.25 -28.50
CA MET D 153 -25.92 6.25 -29.21
C MET D 153 -27.18 5.85 -28.45
N ARG D 154 -27.07 5.79 -27.12
CA ARG D 154 -28.20 5.39 -26.27
C ARG D 154 -29.13 6.50 -25.81
N THR D 155 -28.92 7.73 -26.29
CA THR D 155 -29.78 8.83 -25.84
C THR D 155 -29.98 9.88 -26.93
N GLY D 156 -29.21 9.76 -28.00
CA GLY D 156 -29.32 10.73 -29.08
C GLY D 156 -28.85 12.07 -28.55
N LEU D 157 -28.23 12.03 -27.37
CA LEU D 157 -27.74 13.25 -26.74
C LEU D 157 -26.23 13.24 -26.46
N PRO D 158 -25.57 14.40 -26.66
CA PRO D 158 -24.12 14.58 -26.44
C PRO D 158 -23.77 14.39 -24.97
N TYR D 159 -22.58 13.84 -24.70
CA TYR D 159 -22.13 13.63 -23.33
C TYR D 159 -21.71 15.01 -22.86
N VAL D 160 -22.33 15.47 -21.79
CA VAL D 160 -22.03 16.80 -21.27
C VAL D 160 -21.19 16.76 -20.02
N THR D 161 -20.14 17.56 -20.05
CA THR D 161 -19.24 17.66 -18.92
C THR D 161 -19.16 19.13 -18.57
N LEU D 162 -19.49 19.45 -17.33
CA LEU D 162 -19.44 20.81 -16.83
C LEU D 162 -18.23 20.89 -15.90
N LYS D 163 -17.39 21.89 -16.14
CA LYS D 163 -16.20 22.09 -15.35
C LYS D 163 -16.12 23.56 -14.99
N ALA D 164 -15.57 23.85 -13.81
CA ALA D 164 -15.43 25.21 -13.34
C ALA D 164 -14.34 25.25 -12.28
N ALA D 165 -13.75 26.42 -12.11
CA ALA D 165 -12.70 26.63 -11.13
C ALA D 165 -13.17 27.77 -10.25
N ALA D 166 -13.00 27.65 -8.93
CA ALA D 166 -13.44 28.70 -8.02
C ALA D 166 -12.69 28.75 -6.70
N SER D 167 -13.05 29.72 -5.87
CA SER D 167 -12.45 29.89 -4.57
C SER D 167 -12.93 28.70 -3.75
N LEU D 168 -12.47 28.57 -2.52
CA LEU D 168 -12.91 27.46 -1.67
C LEU D 168 -14.32 27.75 -1.20
N ASP D 169 -14.66 29.03 -1.16
CA ASP D 169 -15.98 29.46 -0.72
C ASP D 169 -16.93 29.63 -1.90
N GLY D 170 -16.62 28.94 -2.99
CA GLY D 170 -17.47 28.95 -4.18
C GLY D 170 -17.60 30.19 -5.02
N LYS D 171 -16.63 31.09 -4.91
CA LYS D 171 -16.68 32.31 -5.71
C LYS D 171 -15.88 32.14 -7.02
N ILE D 172 -16.33 32.81 -8.07
CA ILE D 172 -15.69 32.75 -9.39
C ILE D 172 -14.79 33.96 -9.65
N ALA D 173 -14.97 35.00 -8.84
CA ALA D 173 -14.21 36.23 -8.97
C ALA D 173 -14.56 37.11 -7.77
N THR D 174 -13.82 38.20 -7.57
CA THR D 174 -14.10 39.11 -6.47
C THR D 174 -15.36 39.91 -6.82
N SER D 175 -15.86 40.71 -5.89
CA SER D 175 -17.04 41.49 -6.17
C SER D 175 -16.78 42.48 -7.32
N THR D 176 -15.51 42.69 -7.67
CA THR D 176 -15.16 43.64 -8.74
C THR D 176 -14.83 42.95 -10.06
N GLY D 177 -15.01 41.64 -10.12
CA GLY D 177 -14.76 40.92 -11.35
C GLY D 177 -13.36 40.37 -11.50
N ASP D 178 -12.49 40.66 -10.55
CA ASP D 178 -11.13 40.17 -10.62
C ASP D 178 -11.10 38.67 -10.38
N SER D 179 -10.41 37.95 -11.25
CA SER D 179 -10.30 36.50 -11.16
C SER D 179 -8.95 36.07 -11.70
N LYS D 180 -7.97 36.96 -11.58
CA LYS D 180 -6.62 36.71 -12.06
C LYS D 180 -5.99 35.41 -11.55
N TRP D 181 -5.58 35.41 -10.28
CA TRP D 181 -4.96 34.25 -9.69
C TRP D 181 -6.00 33.46 -8.90
N ILE D 182 -6.95 32.87 -9.63
CA ILE D 182 -8.03 32.10 -9.01
C ILE D 182 -7.64 30.65 -8.75
N THR D 183 -7.09 29.97 -9.76
CA THR D 183 -6.69 28.58 -9.61
C THR D 183 -5.23 28.43 -10.07
N SER D 184 -4.59 27.30 -9.75
CA SER D 184 -3.18 27.08 -10.12
C SER D 184 -2.90 26.77 -11.60
N GLU D 185 -1.63 26.84 -11.97
CA GLU D 185 -1.17 26.57 -13.34
C GLU D 185 -1.30 25.07 -13.59
N ALA D 186 -1.23 24.30 -12.51
CA ALA D 186 -1.33 22.86 -12.61
C ALA D 186 -2.78 22.52 -12.87
N ALA D 187 -3.69 23.25 -12.21
CA ALA D 187 -5.12 23.01 -12.37
C ALA D 187 -5.59 23.39 -13.77
N ARG D 188 -5.05 24.49 -14.30
CA ARG D 188 -5.39 24.94 -15.65
C ARG D 188 -4.80 23.92 -16.60
N GLN D 189 -3.71 23.29 -16.16
CA GLN D 189 -3.03 22.27 -16.92
C GLN D 189 -3.93 21.03 -16.94
N ASP D 190 -4.38 20.62 -15.76
CA ASP D 190 -5.25 19.45 -15.64
C ASP D 190 -6.55 19.66 -16.41
N ALA D 191 -7.05 20.89 -16.41
CA ALA D 191 -8.28 21.21 -17.12
C ALA D 191 -8.10 21.01 -18.62
N GLN D 192 -6.94 21.44 -19.12
CA GLN D 192 -6.61 21.32 -20.54
C GLN D 192 -6.79 19.90 -21.09
N GLN D 193 -6.56 18.91 -20.25
CA GLN D 193 -6.70 17.53 -20.71
C GLN D 193 -8.07 17.35 -21.33
N TYR D 194 -9.11 17.78 -20.62
CA TYR D 194 -10.48 17.63 -21.11
C TYR D 194 -10.80 18.15 -22.49
N ARG D 195 -10.10 19.19 -22.93
CA ARG D 195 -10.35 19.72 -24.26
C ARG D 195 -9.94 18.69 -25.30
N LYS D 196 -9.28 17.63 -24.84
CA LYS D 196 -8.83 16.57 -25.70
C LYS D 196 -9.78 15.37 -25.77
N THR D 197 -10.62 15.20 -24.74
CA THR D 197 -11.56 14.09 -24.76
C THR D 197 -12.97 14.53 -25.14
N HIS D 198 -13.11 15.74 -25.65
CA HIS D 198 -14.42 16.24 -26.06
C HIS D 198 -14.37 16.79 -27.47
N GLN D 199 -15.45 16.61 -28.24
CA GLN D 199 -15.49 17.09 -29.61
C GLN D 199 -15.80 18.59 -29.70
N SER D 200 -16.46 19.13 -28.68
CA SER D 200 -16.82 20.54 -28.65
C SER D 200 -16.50 21.21 -27.30
N ILE D 201 -16.44 22.54 -27.32
CA ILE D 201 -16.19 23.34 -26.13
C ILE D 201 -17.21 24.48 -26.07
N LEU D 202 -18.18 24.34 -25.18
CA LEU D 202 -19.24 25.32 -25.00
C LEU D 202 -18.77 26.45 -24.11
N VAL D 203 -19.26 27.65 -24.37
CA VAL D 203 -18.91 28.83 -23.59
C VAL D 203 -19.83 30.00 -23.99
N GLY D 204 -20.39 30.68 -22.99
CA GLY D 204 -21.27 31.81 -23.25
C GLY D 204 -20.50 32.99 -23.80
N VAL D 205 -21.19 33.87 -24.54
CA VAL D 205 -20.54 35.04 -25.14
C VAL D 205 -19.92 35.95 -24.10
N GLY D 206 -20.44 35.90 -22.89
CA GLY D 206 -19.89 36.72 -21.83
C GLY D 206 -18.42 36.39 -21.63
N THR D 207 -18.11 35.10 -21.75
CA THR D 207 -16.76 34.61 -21.59
C THR D 207 -15.82 35.09 -22.70
N VAL D 208 -16.34 35.19 -23.92
CA VAL D 208 -15.55 35.65 -25.06
C VAL D 208 -15.06 37.05 -24.77
N LYS D 209 -16.01 37.94 -24.50
CA LYS D 209 -15.68 39.32 -24.20
C LYS D 209 -15.00 39.47 -22.85
N ALA D 210 -15.12 38.46 -21.99
CA ALA D 210 -14.51 38.51 -20.67
C ALA D 210 -12.99 38.41 -20.71
N ASP D 211 -12.47 37.38 -21.37
CA ASP D 211 -11.02 37.20 -21.47
C ASP D 211 -10.55 36.95 -22.89
N ASN D 212 -11.48 36.82 -23.83
CA ASN D 212 -11.08 36.58 -25.21
C ASN D 212 -10.22 35.32 -25.31
N PRO D 213 -10.84 34.14 -25.18
CA PRO D 213 -10.17 32.84 -25.24
C PRO D 213 -10.07 32.25 -26.66
N SER D 214 -9.30 31.16 -26.77
CA SER D 214 -9.10 30.47 -28.04
C SER D 214 -9.82 29.12 -27.98
N LEU D 215 -10.00 28.62 -26.76
CA LEU D 215 -10.64 27.34 -26.56
C LEU D 215 -10.00 26.30 -27.45
N THR D 216 -8.68 26.19 -27.38
CA THR D 216 -7.95 25.21 -28.19
C THR D 216 -7.09 24.28 -27.32
N CYS D 217 -6.87 23.07 -27.81
CA CYS D 217 -6.09 22.06 -27.10
C CYS D 217 -4.60 22.16 -27.48
N ARG D 218 -3.75 22.39 -26.47
CA ARG D 218 -2.30 22.51 -26.66
C ARG D 218 -1.50 21.33 -26.11
N LEU D 219 -2.20 20.31 -25.61
CA LEU D 219 -1.55 19.12 -25.07
C LEU D 219 -0.86 18.40 -26.22
N PRO D 220 0.44 18.05 -26.07
CA PRO D 220 1.21 17.36 -27.12
C PRO D 220 0.44 16.24 -27.83
N ASN D 221 0.24 16.42 -29.14
CA ASN D 221 -0.48 15.47 -30.00
C ASN D 221 -1.98 15.77 -30.09
N VAL D 222 -2.36 16.56 -31.09
CA VAL D 222 -3.75 16.94 -31.29
C VAL D 222 -4.12 17.07 -32.77
N THR D 223 -5.03 16.22 -33.23
CA THR D 223 -5.50 16.24 -34.62
C THR D 223 -6.98 16.62 -34.65
N LYS D 224 -7.35 17.48 -35.60
CA LYS D 224 -8.74 17.93 -35.71
C LYS D 224 -9.19 18.55 -34.39
N GLN D 225 -8.85 19.83 -34.17
CA GLN D 225 -9.23 20.51 -32.94
C GLN D 225 -10.73 20.39 -32.65
N PRO D 226 -11.11 20.47 -31.36
CA PRO D 226 -12.51 20.35 -30.95
C PRO D 226 -13.34 21.56 -31.42
N VAL D 227 -14.59 21.32 -31.82
CA VAL D 227 -15.44 22.40 -32.28
C VAL D 227 -15.75 23.41 -31.16
N ARG D 228 -15.64 24.69 -31.50
CA ARG D 228 -15.90 25.74 -30.54
C ARG D 228 -17.36 26.17 -30.63
N VAL D 229 -18.01 26.30 -29.47
CA VAL D 229 -19.40 26.69 -29.44
C VAL D 229 -19.65 27.85 -28.48
N ILE D 230 -20.10 28.97 -29.04
CA ILE D 230 -20.39 30.16 -28.25
C ILE D 230 -21.90 30.36 -28.20
N LEU D 231 -22.47 30.33 -27.00
CA LEU D 231 -23.90 30.54 -26.84
C LEU D 231 -24.13 32.04 -26.77
N ASP D 232 -24.96 32.53 -27.67
CA ASP D 232 -25.27 33.94 -27.74
C ASP D 232 -26.77 34.23 -27.64
N THR D 233 -27.13 35.46 -27.96
CA THR D 233 -28.52 35.92 -27.92
C THR D 233 -28.65 37.07 -28.90
N VAL D 234 -27.80 38.08 -28.74
CA VAL D 234 -27.82 39.24 -29.62
C VAL D 234 -26.57 39.27 -30.49
N LEU D 235 -26.03 38.10 -30.80
CA LEU D 235 -24.82 38.01 -31.61
C LEU D 235 -23.92 39.17 -31.19
N SER D 236 -23.62 39.22 -29.90
CA SER D 236 -22.78 40.25 -29.30
C SER D 236 -21.30 39.91 -29.43
N ILE D 237 -21.01 38.70 -29.88
CA ILE D 237 -19.64 38.25 -30.03
C ILE D 237 -18.84 39.30 -30.80
N PRO D 238 -17.83 39.88 -30.15
CA PRO D 238 -16.97 40.90 -30.74
C PRO D 238 -16.17 40.42 -31.94
N GLU D 239 -16.47 40.99 -33.11
CA GLU D 239 -15.78 40.65 -34.37
C GLU D 239 -14.28 40.73 -34.13
N ASP D 240 -13.92 41.53 -33.13
CA ASP D 240 -12.55 41.77 -32.75
C ASP D 240 -11.60 40.59 -32.98
N ALA D 241 -11.75 39.49 -32.24
CA ALA D 241 -10.84 38.37 -32.44
C ALA D 241 -11.12 36.99 -31.86
N LYS D 242 -10.11 36.14 -31.98
CA LYS D 242 -10.09 34.75 -31.52
C LYS D 242 -11.04 33.77 -32.18
N VAL D 243 -12.02 33.25 -31.45
CA VAL D 243 -12.95 32.30 -32.01
C VAL D 243 -13.43 32.70 -33.40
N ILE D 244 -13.24 33.97 -33.75
CA ILE D 244 -13.66 34.49 -35.05
C ILE D 244 -12.52 34.48 -36.07
N CYS D 245 -11.72 35.55 -36.04
CA CYS D 245 -10.59 35.73 -36.96
C CYS D 245 -9.29 35.02 -36.54
N ASP D 246 -9.46 33.88 -35.88
CA ASP D 246 -8.34 33.05 -35.43
C ASP D 246 -8.62 31.70 -36.04
N GLN D 247 -8.33 31.58 -37.34
CA GLN D 247 -8.58 30.34 -38.06
C GLN D 247 -7.72 29.21 -37.55
N ILE D 248 -8.04 28.74 -36.35
CA ILE D 248 -7.33 27.65 -35.70
C ILE D 248 -8.24 26.43 -35.60
N ALA D 249 -9.52 26.61 -35.96
CA ALA D 249 -10.50 25.53 -35.90
C ALA D 249 -11.92 26.08 -36.16
N PRO D 250 -12.95 25.22 -36.01
CA PRO D 250 -14.34 25.63 -36.24
C PRO D 250 -14.89 26.44 -35.07
N THR D 251 -15.86 27.31 -35.36
CA THR D 251 -16.50 28.14 -34.34
C THR D 251 -17.98 28.32 -34.68
N TRP D 252 -18.82 27.56 -33.99
CA TRP D 252 -20.28 27.59 -34.19
C TRP D 252 -20.90 28.54 -33.17
N ILE D 253 -21.70 29.50 -33.64
CA ILE D 253 -22.33 30.45 -32.74
C ILE D 253 -23.84 30.38 -32.75
N PHE D 254 -24.42 29.79 -31.71
CA PHE D 254 -25.88 29.70 -31.61
C PHE D 254 -26.41 31.09 -31.25
N THR D 255 -27.35 31.60 -32.05
CA THR D 255 -27.94 32.93 -31.82
C THR D 255 -29.47 32.92 -31.90
N THR D 256 -30.05 34.11 -31.95
CA THR D 256 -31.50 34.28 -32.01
C THR D 256 -31.92 35.42 -32.95
N ALA D 257 -33.22 35.67 -33.00
CA ALA D 257 -33.78 36.72 -33.83
C ALA D 257 -33.02 38.04 -33.73
N ARG D 258 -33.00 38.62 -32.53
CA ARG D 258 -32.33 39.89 -32.29
C ARG D 258 -30.95 40.02 -32.95
N ALA D 259 -30.44 38.91 -33.46
CA ALA D 259 -29.15 38.91 -34.13
C ALA D 259 -29.19 39.81 -35.35
N ASP D 260 -28.22 40.73 -35.41
CA ASP D 260 -28.11 41.66 -36.51
C ASP D 260 -28.15 40.91 -37.84
N GLU D 261 -28.49 41.60 -38.92
CA GLU D 261 -28.55 40.98 -40.24
C GLU D 261 -27.19 41.15 -40.92
N GLU D 262 -26.68 42.39 -40.89
CA GLU D 262 -25.40 42.74 -41.51
C GLU D 262 -24.24 41.92 -40.93
N LYS D 263 -23.83 42.22 -39.71
CA LYS D 263 -22.72 41.53 -39.06
C LYS D 263 -22.91 40.01 -39.05
N LYS D 264 -24.17 39.56 -39.11
CA LYS D 264 -24.47 38.12 -39.10
C LYS D 264 -23.72 37.39 -40.23
N LYS D 265 -23.87 37.89 -41.45
CA LYS D 265 -23.21 37.30 -42.61
C LYS D 265 -21.77 37.81 -42.73
N ARG D 266 -21.47 38.87 -42.00
CA ARG D 266 -20.13 39.45 -41.99
C ARG D 266 -19.17 38.47 -41.33
N LEU D 267 -19.64 37.81 -40.27
CA LEU D 267 -18.85 36.82 -39.53
C LEU D 267 -18.90 35.47 -40.24
N SER D 268 -20.01 35.21 -40.94
CA SER D 268 -20.16 33.94 -41.65
C SER D 268 -19.10 33.88 -42.74
N ALA D 269 -18.49 35.04 -43.02
CA ALA D 269 -17.44 35.17 -44.03
C ALA D 269 -16.12 34.50 -43.62
N PHE D 270 -15.87 34.46 -42.32
CA PHE D 270 -14.64 33.86 -41.78
C PHE D 270 -14.80 32.35 -41.57
N GLY D 271 -15.73 31.74 -42.28
CA GLY D 271 -15.95 30.32 -42.14
C GLY D 271 -16.61 30.03 -40.81
N VAL D 272 -17.01 31.11 -40.14
CA VAL D 272 -17.66 31.02 -38.85
C VAL D 272 -19.11 30.62 -39.10
N ASN D 273 -19.58 29.60 -38.39
CA ASN D 273 -20.95 29.14 -38.55
C ASN D 273 -21.91 30.01 -37.75
N ILE D 274 -23.17 30.00 -38.14
CA ILE D 274 -24.21 30.79 -37.47
C ILE D 274 -25.54 30.07 -37.43
N PHE D 275 -25.83 29.44 -36.30
CA PHE D 275 -27.08 28.74 -36.11
C PHE D 275 -28.06 29.75 -35.54
N THR D 276 -29.34 29.58 -35.84
CA THR D 276 -30.33 30.51 -35.33
C THR D 276 -31.52 29.77 -34.70
N LEU D 277 -31.89 30.19 -33.51
CA LEU D 277 -33.00 29.56 -32.80
C LEU D 277 -34.24 30.45 -32.81
N GLU D 278 -35.41 29.84 -33.03
CA GLU D 278 -36.66 30.58 -33.07
C GLU D 278 -37.21 30.95 -31.69
N THR D 279 -36.33 31.44 -30.82
CA THR D 279 -36.74 31.86 -29.47
C THR D 279 -35.84 32.99 -29.01
N GLU D 280 -36.30 33.78 -28.04
CA GLU D 280 -35.50 34.90 -27.54
C GLU D 280 -34.66 34.47 -26.36
N ARG D 281 -34.61 33.16 -26.13
CA ARG D 281 -33.84 32.56 -25.05
C ARG D 281 -33.20 31.33 -25.65
N ILE D 282 -31.88 31.25 -25.60
CA ILE D 282 -31.16 30.11 -26.16
C ILE D 282 -31.31 28.84 -25.32
N GLN D 283 -32.51 28.27 -25.30
CA GLN D 283 -32.77 27.06 -24.52
C GLN D 283 -31.69 25.98 -24.75
N ILE D 284 -31.06 25.57 -23.66
CA ILE D 284 -30.00 24.57 -23.69
C ILE D 284 -30.33 23.24 -24.39
N PRO D 285 -31.46 22.61 -24.03
CA PRO D 285 -31.83 21.34 -24.66
C PRO D 285 -31.92 21.41 -26.17
N ASP D 286 -32.20 22.60 -26.69
CA ASP D 286 -32.30 22.76 -28.14
C ASP D 286 -30.91 22.72 -28.74
N VAL D 287 -29.97 23.37 -28.07
CA VAL D 287 -28.58 23.43 -28.54
C VAL D 287 -27.96 22.04 -28.64
N LEU D 288 -28.00 21.29 -27.56
CA LEU D 288 -27.43 19.94 -27.55
C LEU D 288 -28.06 19.08 -28.63
N LYS D 289 -29.36 19.17 -28.79
CA LYS D 289 -30.08 18.39 -29.80
C LYS D 289 -29.60 18.71 -31.22
N ILE D 290 -29.26 19.98 -31.45
CA ILE D 290 -28.75 20.45 -32.73
C ILE D 290 -27.39 19.81 -32.92
N LEU D 291 -26.60 19.86 -31.87
CA LEU D 291 -25.26 19.29 -31.86
C LEU D 291 -25.32 17.80 -32.16
N ALA D 292 -26.25 17.12 -31.49
CA ALA D 292 -26.43 15.70 -31.67
C ALA D 292 -26.74 15.40 -33.13
N GLU D 293 -27.24 16.42 -33.84
CA GLU D 293 -27.56 16.29 -35.27
C GLU D 293 -26.26 16.44 -36.05
N GLU D 294 -25.46 17.42 -35.65
CA GLU D 294 -24.19 17.71 -36.31
C GLU D 294 -23.07 16.71 -36.00
N GLY D 295 -23.44 15.55 -35.47
CA GLY D 295 -22.45 14.53 -35.18
C GLY D 295 -21.62 14.73 -33.93
N ILE D 296 -21.78 15.87 -33.27
CA ILE D 296 -21.04 16.15 -32.05
C ILE D 296 -21.57 15.19 -30.98
N MET D 297 -20.68 14.43 -30.36
CA MET D 297 -21.11 13.47 -29.37
C MET D 297 -20.72 13.82 -27.94
N SER D 298 -20.04 14.94 -27.76
CA SER D 298 -19.61 15.34 -26.42
C SER D 298 -19.36 16.83 -26.33
N VAL D 299 -19.76 17.41 -25.20
CA VAL D 299 -19.57 18.83 -24.97
C VAL D 299 -18.95 19.11 -23.61
N TYR D 300 -17.96 19.99 -23.62
CA TYR D 300 -17.25 20.40 -22.44
C TYR D 300 -17.58 21.87 -22.22
N VAL D 301 -18.53 22.14 -21.33
CA VAL D 301 -18.95 23.49 -21.03
C VAL D 301 -18.13 24.03 -19.88
N GLU D 302 -17.39 25.11 -20.10
CA GLU D 302 -16.58 25.66 -19.01
C GLU D 302 -16.86 27.11 -18.76
N GLY D 303 -17.67 27.72 -19.61
CA GLY D 303 -17.92 29.14 -19.45
C GLY D 303 -19.29 29.62 -19.02
N GLY D 304 -19.28 30.54 -18.05
CA GLY D 304 -20.50 31.14 -17.55
C GLY D 304 -21.22 30.46 -16.42
N SER D 305 -21.38 31.19 -15.32
CA SER D 305 -22.09 30.66 -14.17
C SER D 305 -23.53 30.48 -14.67
N ALA D 306 -23.98 31.46 -15.44
CA ALA D 306 -25.32 31.42 -16.01
C ALA D 306 -25.41 30.26 -16.99
N VAL D 307 -24.42 30.14 -17.88
CA VAL D 307 -24.41 29.04 -18.83
C VAL D 307 -24.41 27.70 -18.09
N HIS D 308 -23.66 27.61 -16.99
CA HIS D 308 -23.63 26.37 -16.21
C HIS D 308 -24.96 26.18 -15.47
N GLY D 309 -25.56 27.29 -15.06
CA GLY D 309 -26.83 27.22 -14.36
C GLY D 309 -27.87 26.55 -15.23
N SER D 310 -27.98 27.05 -16.45
CA SER D 310 -28.93 26.54 -17.43
C SER D 310 -28.77 25.03 -17.57
N PHE D 311 -27.59 24.56 -17.97
CA PHE D 311 -27.36 23.12 -18.10
C PHE D 311 -27.79 22.38 -16.82
N VAL D 312 -27.54 23.00 -15.65
CA VAL D 312 -27.91 22.37 -14.37
C VAL D 312 -29.43 22.34 -14.13
N LYS D 313 -30.12 23.46 -14.29
CA LYS D 313 -31.56 23.50 -14.08
C LYS D 313 -32.23 22.57 -15.10
N GLU D 314 -31.74 22.58 -16.33
CA GLU D 314 -32.29 21.72 -17.39
C GLU D 314 -31.91 20.26 -17.16
N GLY D 315 -30.96 20.02 -16.25
CA GLY D 315 -30.52 18.67 -15.95
C GLY D 315 -29.72 18.07 -17.10
N CYS D 316 -29.09 18.93 -17.90
CA CYS D 316 -28.32 18.50 -19.06
C CYS D 316 -26.84 18.25 -18.84
N PHE D 317 -26.48 17.29 -18.00
CA PHE D 317 -25.07 17.01 -17.77
C PHE D 317 -24.84 15.60 -17.22
N GLN D 318 -23.66 15.06 -17.54
CA GLN D 318 -23.28 13.72 -17.10
C GLN D 318 -22.07 13.77 -16.15
N GLU D 319 -21.40 14.92 -16.15
CA GLU D 319 -20.22 15.16 -15.31
C GLU D 319 -20.04 16.57 -14.80
N ILE D 320 -19.84 16.68 -13.49
CA ILE D 320 -19.60 17.97 -12.83
C ILE D 320 -18.17 17.84 -12.33
N ILE D 321 -17.34 18.81 -12.70
CA ILE D 321 -15.93 18.83 -12.30
C ILE D 321 -15.56 20.24 -11.82
N PHE D 322 -15.27 20.37 -10.52
CA PHE D 322 -14.90 21.67 -9.95
C PHE D 322 -13.50 21.71 -9.33
N TYR D 323 -12.83 22.84 -9.52
CA TYR D 323 -11.49 23.03 -8.96
C TYR D 323 -11.57 24.09 -7.85
N PHE D 324 -11.30 23.68 -6.62
CA PHE D 324 -11.32 24.65 -5.53
C PHE D 324 -9.88 24.99 -5.15
N ALA D 325 -9.62 26.27 -4.97
CA ALA D 325 -8.31 26.74 -4.57
C ALA D 325 -8.38 27.05 -3.07
N PRO D 326 -7.24 26.95 -2.37
CA PRO D 326 -7.25 27.23 -0.95
C PRO D 326 -7.32 28.73 -0.76
N LYS D 327 -8.42 29.31 -1.17
CA LYS D 327 -8.63 30.75 -1.07
C LYS D 327 -10.07 31.11 -0.69
N LEU D 328 -10.22 32.17 0.09
CA LEU D 328 -11.55 32.61 0.47
C LEU D 328 -11.69 33.99 -0.13
N ILE D 329 -12.77 34.23 -0.86
CA ILE D 329 -13.00 35.54 -1.46
C ILE D 329 -14.13 36.28 -0.77
N GLY D 330 -15.20 35.55 -0.46
CA GLY D 330 -16.34 36.14 0.20
C GLY D 330 -16.89 37.31 -0.58
N GLY D 331 -17.77 38.06 0.07
CA GLY D 331 -18.37 39.23 -0.54
C GLY D 331 -19.70 38.97 -1.20
N THR D 332 -20.78 39.54 -0.65
CA THR D 332 -22.08 39.39 -1.28
C THR D 332 -21.80 40.13 -2.58
N HIS D 333 -22.40 39.69 -3.68
CA HIS D 333 -22.13 40.37 -4.95
C HIS D 333 -20.83 39.87 -5.56
N ALA D 334 -20.36 38.76 -5.04
CA ALA D 334 -19.17 38.13 -5.59
C ALA D 334 -19.84 37.03 -6.38
N PRO D 335 -19.56 36.95 -7.70
CA PRO D 335 -20.14 35.93 -8.56
C PRO D 335 -19.87 34.53 -8.02
N SER D 336 -20.84 33.63 -8.17
CA SER D 336 -20.65 32.28 -7.69
C SER D 336 -20.70 31.25 -8.80
N LEU D 337 -20.14 30.09 -8.51
CA LEU D 337 -20.09 28.97 -9.47
C LEU D 337 -21.23 28.89 -10.48
N ILE D 338 -22.45 28.72 -9.97
CA ILE D 338 -23.66 28.56 -10.78
C ILE D 338 -24.71 29.63 -10.47
N SER D 339 -25.09 30.40 -11.49
CA SER D 339 -26.08 31.46 -11.31
C SER D 339 -27.28 31.24 -12.23
N GLY D 340 -28.19 32.21 -12.24
CA GLY D 340 -29.38 32.08 -13.06
C GLY D 340 -30.52 31.56 -12.22
N GLU D 341 -31.45 30.86 -12.88
CA GLU D 341 -32.63 30.28 -12.22
C GLU D 341 -32.34 29.48 -10.96
N GLY D 342 -31.95 28.23 -11.14
CA GLY D 342 -31.66 27.39 -9.99
C GLY D 342 -32.94 26.87 -9.36
N PHE D 343 -32.82 26.01 -8.35
CA PHE D 343 -33.97 25.44 -7.68
C PHE D 343 -34.35 26.19 -6.43
N GLN D 344 -35.64 26.46 -6.29
CA GLN D 344 -36.16 27.19 -5.12
C GLN D 344 -36.43 26.28 -3.93
N SER D 345 -36.77 25.02 -4.18
CA SER D 345 -37.04 24.08 -3.09
C SER D 345 -35.96 23.01 -2.95
N MET D 346 -35.53 22.76 -1.72
CA MET D 346 -34.50 21.78 -1.47
C MET D 346 -34.96 20.39 -1.97
N LYS D 347 -36.22 20.06 -1.72
CA LYS D 347 -36.73 18.75 -2.15
C LYS D 347 -36.58 18.56 -3.65
N ASP D 348 -36.37 19.66 -4.37
CA ASP D 348 -36.22 19.65 -5.82
C ASP D 348 -34.76 19.66 -6.30
N VAL D 349 -33.81 19.52 -5.37
CA VAL D 349 -32.42 19.51 -5.77
C VAL D 349 -32.03 18.06 -6.07
N PRO D 350 -31.53 17.80 -7.28
CA PRO D 350 -31.14 16.44 -7.67
C PRO D 350 -29.90 16.04 -6.90
N LEU D 351 -29.93 14.86 -6.28
CA LEU D 351 -28.76 14.37 -5.56
C LEU D 351 -27.81 13.77 -6.57
N LEU D 352 -26.53 14.00 -6.36
CA LEU D 352 -25.51 13.46 -7.25
C LEU D 352 -24.64 12.52 -6.46
N GLN D 353 -23.49 12.22 -7.04
CA GLN D 353 -22.54 11.31 -6.43
C GLN D 353 -21.14 11.75 -6.76
N PHE D 354 -20.32 11.86 -5.72
CA PHE D 354 -18.94 12.25 -5.95
C PHE D 354 -18.28 10.99 -6.44
N THR D 355 -17.62 11.08 -7.59
CA THR D 355 -16.95 9.91 -8.13
C THR D 355 -15.45 10.09 -8.01
N ASP D 356 -15.02 11.23 -7.48
CA ASP D 356 -13.58 11.44 -7.39
C ASP D 356 -13.10 12.65 -6.59
N ILE D 357 -11.97 12.46 -5.92
CA ILE D 357 -11.32 13.50 -5.15
C ILE D 357 -9.84 13.43 -5.49
N THR D 358 -9.32 14.46 -6.15
CA THR D 358 -7.92 14.47 -6.55
C THR D 358 -7.26 15.80 -6.25
N GLN D 359 -6.19 15.76 -5.48
CA GLN D 359 -5.45 16.98 -5.14
C GLN D 359 -4.59 17.27 -6.36
N ILE D 360 -4.56 18.52 -6.80
CA ILE D 360 -3.73 18.91 -7.93
C ILE D 360 -3.04 20.24 -7.62
N GLY D 361 -1.80 20.16 -7.19
CA GLY D 361 -1.10 21.38 -6.82
C GLY D 361 -1.72 21.78 -5.50
N ARG D 362 -1.81 23.08 -5.24
CA ARG D 362 -2.40 23.54 -4.00
C ARG D 362 -3.93 23.38 -4.01
N ASP D 363 -4.50 22.96 -5.14
CA ASP D 363 -5.95 22.85 -5.26
C ASP D 363 -6.57 21.46 -5.20
N ILE D 364 -7.88 21.42 -4.94
CA ILE D 364 -8.59 20.16 -4.89
C ILE D 364 -9.62 20.14 -5.99
N LYS D 365 -9.59 19.06 -6.76
CA LYS D 365 -10.51 18.89 -7.86
C LYS D 365 -11.54 17.87 -7.44
N LEU D 366 -12.81 18.26 -7.54
CA LEU D 366 -13.92 17.39 -7.19
C LEU D 366 -14.72 17.05 -8.42
N THR D 367 -15.04 15.78 -8.59
CA THR D 367 -15.85 15.36 -9.74
C THR D 367 -17.03 14.57 -9.22
N ALA D 368 -18.23 14.94 -9.66
CA ALA D 368 -19.45 14.27 -9.22
C ALA D 368 -20.31 13.90 -10.41
N LYS D 369 -21.19 12.92 -10.22
CA LYS D 369 -22.08 12.45 -11.28
C LYS D 369 -23.49 12.28 -10.76
N PRO D 370 -24.49 12.41 -11.64
CA PRO D 370 -25.92 12.28 -11.33
C PRO D 370 -26.36 10.88 -10.90
N THR D 371 -27.35 10.84 -9.99
CA THR D 371 -27.92 9.60 -9.45
C THR D 371 -27.13 8.33 -9.76
ZN ZN E . -1.96 -9.06 40.69
ZN ZN F . 2.66 20.37 36.99
ZN ZN G . 12.33 -10.51 -39.97
C4 AIF H . 9.87 -33.21 -4.26
C5 AIF H . 10.76 -34.07 -4.88
C6 AIF H . 11.19 -33.79 -6.17
N1 AIF H . 10.77 -32.65 -6.86
N3 AIF H . 9.41 -32.07 -4.93
N5 AIF H . 11.14 -35.18 -4.25
O2 AIF H . 9.41 -30.84 -6.85
O4 AIF H . 9.44 -33.45 -3.13
O1P AIF H . 7.10 -35.91 -12.78
P AIF H . 8.37 -36.78 -13.22
O3P AIF H . 8.50 -36.58 -14.81
O2P AIF H . 8.23 -38.21 -12.86
O5' AIF H . 9.65 -36.10 -12.48
C5' AIF H . 10.25 -36.71 -11.33
C4' AIF H . 11.37 -35.83 -10.75
O4' AIF H . 10.81 -34.58 -10.37
C3' AIF H . 12.11 -36.49 -9.57
O3' AIF H . 12.92 -37.58 -10.03
C2' AIF H . 13.05 -35.52 -8.86
O2' AIF H . 13.85 -36.20 -7.90
C1' AIF H . 12.27 -34.43 -8.09
N1' AIF H . 11.89 -34.70 -6.86
C2 AIF H . 9.86 -31.79 -6.23
ZN ZN I . -17.21 -4.48 -37.75
#